data_1T4F
# 
_entry.id   1T4F 
# 
_audit_conform.dict_name       mmcif_pdbx.dic 
_audit_conform.dict_version    5.376 
_audit_conform.dict_location   http://mmcif.pdb.org/dictionaries/ascii/mmcif_pdbx.dic 
# 
loop_
_database_2.database_id 
_database_2.database_code 
_database_2.pdbx_database_accession 
_database_2.pdbx_DOI 
PDB   1T4F         pdb_00001t4f 10.2210/pdb1t4f/pdb 
RCSB  RCSB022298   ?            ?                   
WWPDB D_1000022298 ?            ?                   
# 
loop_
_pdbx_database_related.db_name 
_pdbx_database_related.db_id 
_pdbx_database_related.details 
_pdbx_database_related.content_type 
PDB 1T4E 'Same protein, shorter clone, in complex with a small molecule inhibitor'   unspecified 
PDB 1YCR 'Same protein, different clone, in complex with a wt p53 peptide'           unspecified 
PDB 1RV1 'Same protein, different clone, in complex with a small molecule inhibitor' unspecified 
# 
_pdbx_database_status.status_code                     REL 
_pdbx_database_status.entry_id                        1T4F 
_pdbx_database_status.recvd_initial_deposition_date   2004-04-29 
_pdbx_database_status.deposit_site                    RCSB 
_pdbx_database_status.process_site                    RCSB 
_pdbx_database_status.status_code_sf                  REL 
_pdbx_database_status.status_code_mr                  ? 
_pdbx_database_status.SG_entry                        ? 
_pdbx_database_status.pdb_format_compatible           Y 
_pdbx_database_status.status_code_cs                  ? 
_pdbx_database_status.status_code_nmr_data            ? 
_pdbx_database_status.methods_development_category    ? 
# 
loop_
_audit_author.name 
_audit_author.pdbx_ordinal 
'Grasberger, B.L.' 1 
'Schubert, C.'     2 
'Koblish, H.K.'    3 
'Carver, T.E.'     4 
'Franks, C.F.'     5 
'Zhao, S.Y.'       6 
'Lu, T.'           7 
'LaFrance, L.V.'   8 
'Parks, D.J.'      9 
# 
_citation.id                        primary 
_citation.title                     
'Discovery and cocrystal structure of benzodiazepinedione HDM2 antagonists that activate p53 in cells' 
_citation.journal_abbrev            J.Med.Chem. 
_citation.journal_volume            48 
_citation.page_first                909 
_citation.page_last                 912 
_citation.year                      2005 
_citation.journal_id_ASTM           JMCMAR 
_citation.country                   US 
_citation.journal_id_ISSN           0022-2623 
_citation.journal_id_CSD            0151 
_citation.book_publisher            ? 
_citation.pdbx_database_id_PubMed   15715460 
_citation.pdbx_database_id_DOI      10.1021/jm049137g 
# 
loop_
_citation_author.citation_id 
_citation_author.name 
_citation_author.ordinal 
_citation_author.identifier_ORCID 
primary 'Grasberger, B.L.' 1 ? 
primary 'Lu, T.'           2 ? 
primary 'Schubert, C.'     3 ? 
primary 'Parks, D.J.'      4 ? 
primary 'Carver, T.E.'     5 ? 
primary 'Koblish, H.K.'    6 ? 
primary 'Cummings, M.D.'   7 ? 
primary 'LaFrance, L.V.'   8 ? 
primary 'Milkiewicz, K.L.' 9 ? 
# 
_cell.entry_id           1T4F 
_cell.length_a           41.030 
_cell.length_b           43.590 
_cell.length_c           54.570 
_cell.angle_alpha        90.00 
_cell.angle_beta         90.00 
_cell.angle_gamma        90.00 
_cell.Z_PDB              4 
_cell.pdbx_unique_axis   ? 
# 
_symmetry.entry_id                         1T4F 
_symmetry.space_group_name_H-M             'P 21 21 21' 
_symmetry.pdbx_full_space_group_name_H-M   ? 
_symmetry.cell_setting                     ? 
_symmetry.Int_Tables_number                19 
_symmetry.space_group_name_Hall            ? 
# 
loop_
_entity.id 
_entity.type 
_entity.src_method 
_entity.pdbx_description 
_entity.formula_weight 
_entity.pdbx_number_of_molecules 
_entity.pdbx_ec 
_entity.pdbx_mutation 
_entity.pdbx_fragment 
_entity.details 
1 polymer     man 'Ubiquitin-protein ligase E3 Mdm2' 12592.401 1  6.3.2.- '17-125, additional Gly at N-terminus' ? ? 
2 polymer     man 'optimized p53 peptide'            1217.373  1  ?       ?                                      ? ? 
3 non-polymer syn 'SULFATE ION'                      96.063    1  ?       ?                                      ? ? 
4 water       nat water                              18.015    59 ?       ?                                      ? ? 
# 
_entity_name_com.entity_id   1 
_entity_name_com.name        'p53-binding protein Mdm2, Oncoprotein Mdm2, Double minute 2 protein, Hdm2' 
# 
loop_
_entity_poly.entity_id 
_entity_poly.type 
_entity_poly.nstd_linkage 
_entity_poly.nstd_monomer 
_entity_poly.pdbx_seq_one_letter_code 
_entity_poly.pdbx_seq_one_letter_code_can 
_entity_poly.pdbx_strand_id 
_entity_poly.pdbx_target_identifier 
1 'polypeptide(L)' no no 
;GSQIPASEQETLVRPKPLLLKLLKSVGAQKDTYTMKEVLFYLGQYIMTKRLYDEKQQHIVYCSNDLLGDLFGVPSFSVKE
HRKIYTMIYRNLVVVNQQESSDSGTSVSEN
;
;GSQIPASEQETLVRPKPLLLKLLKSVGAQKDTYTMKEVLFYLGQYIMTKRLYDEKQQHIVYCSNDLLGDLFGVPSFSVKE
HRKIYTMIYRNLVVVNQQESSDSGTSVSEN
;
M ? 
2 'polypeptide(L)' no no RFMDYWEGL RFMDYWEGL P ? 
# 
loop_
_entity_poly_seq.entity_id 
_entity_poly_seq.num 
_entity_poly_seq.mon_id 
_entity_poly_seq.hetero 
1 1   GLY n 
1 2   SER n 
1 3   GLN n 
1 4   ILE n 
1 5   PRO n 
1 6   ALA n 
1 7   SER n 
1 8   GLU n 
1 9   GLN n 
1 10  GLU n 
1 11  THR n 
1 12  LEU n 
1 13  VAL n 
1 14  ARG n 
1 15  PRO n 
1 16  LYS n 
1 17  PRO n 
1 18  LEU n 
1 19  LEU n 
1 20  LEU n 
1 21  LYS n 
1 22  LEU n 
1 23  LEU n 
1 24  LYS n 
1 25  SER n 
1 26  VAL n 
1 27  GLY n 
1 28  ALA n 
1 29  GLN n 
1 30  LYS n 
1 31  ASP n 
1 32  THR n 
1 33  TYR n 
1 34  THR n 
1 35  MET n 
1 36  LYS n 
1 37  GLU n 
1 38  VAL n 
1 39  LEU n 
1 40  PHE n 
1 41  TYR n 
1 42  LEU n 
1 43  GLY n 
1 44  GLN n 
1 45  TYR n 
1 46  ILE n 
1 47  MET n 
1 48  THR n 
1 49  LYS n 
1 50  ARG n 
1 51  LEU n 
1 52  TYR n 
1 53  ASP n 
1 54  GLU n 
1 55  LYS n 
1 56  GLN n 
1 57  GLN n 
1 58  HIS n 
1 59  ILE n 
1 60  VAL n 
1 61  TYR n 
1 62  CYS n 
1 63  SER n 
1 64  ASN n 
1 65  ASP n 
1 66  LEU n 
1 67  LEU n 
1 68  GLY n 
1 69  ASP n 
1 70  LEU n 
1 71  PHE n 
1 72  GLY n 
1 73  VAL n 
1 74  PRO n 
1 75  SER n 
1 76  PHE n 
1 77  SER n 
1 78  VAL n 
1 79  LYS n 
1 80  GLU n 
1 81  HIS n 
1 82  ARG n 
1 83  LYS n 
1 84  ILE n 
1 85  TYR n 
1 86  THR n 
1 87  MET n 
1 88  ILE n 
1 89  TYR n 
1 90  ARG n 
1 91  ASN n 
1 92  LEU n 
1 93  VAL n 
1 94  VAL n 
1 95  VAL n 
1 96  ASN n 
1 97  GLN n 
1 98  GLN n 
1 99  GLU n 
1 100 SER n 
1 101 SER n 
1 102 ASP n 
1 103 SER n 
1 104 GLY n 
1 105 THR n 
1 106 SER n 
1 107 VAL n 
1 108 SER n 
1 109 GLU n 
1 110 ASN n 
2 1   ARG n 
2 2   PHE n 
2 3   MET n 
2 4   ASP n 
2 5   TYR n 
2 6   TRP n 
2 7   GLU n 
2 8   GLY n 
2 9   LEU n 
# 
_entity_src_gen.entity_id                          1 
_entity_src_gen.pdbx_src_id                        1 
_entity_src_gen.pdbx_alt_source_flag               sample 
_entity_src_gen.pdbx_seq_type                      ? 
_entity_src_gen.pdbx_beg_seq_num                   ? 
_entity_src_gen.pdbx_end_seq_num                   ? 
_entity_src_gen.gene_src_common_name               human 
_entity_src_gen.gene_src_genus                     Homo 
_entity_src_gen.pdbx_gene_src_gene                 MDM2 
_entity_src_gen.gene_src_species                   ? 
_entity_src_gen.gene_src_strain                    ? 
_entity_src_gen.gene_src_tissue                    ? 
_entity_src_gen.gene_src_tissue_fraction           ? 
_entity_src_gen.gene_src_details                   ? 
_entity_src_gen.pdbx_gene_src_fragment             ? 
_entity_src_gen.pdbx_gene_src_scientific_name      'Homo sapiens' 
_entity_src_gen.pdbx_gene_src_ncbi_taxonomy_id     9606 
_entity_src_gen.pdbx_gene_src_variant              ? 
_entity_src_gen.pdbx_gene_src_cell_line            ? 
_entity_src_gen.pdbx_gene_src_atcc                 ? 
_entity_src_gen.pdbx_gene_src_organ                ? 
_entity_src_gen.pdbx_gene_src_organelle            ? 
_entity_src_gen.pdbx_gene_src_cell                 ? 
_entity_src_gen.pdbx_gene_src_cellular_location    ? 
_entity_src_gen.host_org_common_name               ? 
_entity_src_gen.pdbx_host_org_scientific_name      'Escherichia coli BL21' 
_entity_src_gen.pdbx_host_org_ncbi_taxonomy_id     511693 
_entity_src_gen.host_org_genus                     Escherichia 
_entity_src_gen.pdbx_host_org_gene                 ? 
_entity_src_gen.pdbx_host_org_organ                ? 
_entity_src_gen.host_org_species                   'Escherichia coli' 
_entity_src_gen.pdbx_host_org_tissue               ? 
_entity_src_gen.pdbx_host_org_tissue_fraction      ? 
_entity_src_gen.pdbx_host_org_strain               BL21 
_entity_src_gen.pdbx_host_org_variant              ? 
_entity_src_gen.pdbx_host_org_cell_line            ? 
_entity_src_gen.pdbx_host_org_atcc                 ? 
_entity_src_gen.pdbx_host_org_culture_collection   ? 
_entity_src_gen.pdbx_host_org_cell                 ? 
_entity_src_gen.pdbx_host_org_organelle            ? 
_entity_src_gen.pdbx_host_org_cellular_location    ? 
_entity_src_gen.pdbx_host_org_vector_type          pGEX4t-3 
_entity_src_gen.pdbx_host_org_vector               ? 
_entity_src_gen.host_org_details                   ? 
_entity_src_gen.expression_system_id               ? 
_entity_src_gen.plasmid_name                       ? 
_entity_src_gen.plasmid_details                    ? 
_entity_src_gen.pdbx_description                   ? 
# 
loop_
_struct_ref.id 
_struct_ref.db_name 
_struct_ref.db_code 
_struct_ref.pdbx_db_accession 
_struct_ref.entity_id 
_struct_ref.pdbx_seq_one_letter_code 
_struct_ref.pdbx_align_begin 
_struct_ref.pdbx_db_isoform 
1 UNP MDM2_HUMAN Q00987 1 
;SQIPASEQETLVRPKPLLLKLLKSVGAQKDTYTMKEVLFYLGQYIMTKRLYDEKQQHIVYCSNDLLGDLFGVPSFSVKEH
RKIYTMIYRNLVVVNQQESSDSGTSVSEN
;
17 ? 
2 PDB 1T4F       1T4F   2 ? ?  ? 
# 
loop_
_struct_ref_seq.align_id 
_struct_ref_seq.ref_id 
_struct_ref_seq.pdbx_PDB_id_code 
_struct_ref_seq.pdbx_strand_id 
_struct_ref_seq.seq_align_beg 
_struct_ref_seq.pdbx_seq_align_beg_ins_code 
_struct_ref_seq.seq_align_end 
_struct_ref_seq.pdbx_seq_align_end_ins_code 
_struct_ref_seq.pdbx_db_accession 
_struct_ref_seq.db_align_beg 
_struct_ref_seq.pdbx_db_align_beg_ins_code 
_struct_ref_seq.db_align_end 
_struct_ref_seq.pdbx_db_align_end_ins_code 
_struct_ref_seq.pdbx_auth_seq_align_beg 
_struct_ref_seq.pdbx_auth_seq_align_end 
1 1 1T4F M 2 ? 110 ? Q00987 17 ? 125 ? 17 125 
2 2 1T4F P 1 ? 9   ? 1T4F   18 ? 26  ? 18 26  
# 
_struct_ref_seq_dif.align_id                     1 
_struct_ref_seq_dif.pdbx_pdb_id_code             1T4F 
_struct_ref_seq_dif.mon_id                       GLY 
_struct_ref_seq_dif.pdbx_pdb_strand_id           M 
_struct_ref_seq_dif.seq_num                      1 
_struct_ref_seq_dif.pdbx_pdb_ins_code            ? 
_struct_ref_seq_dif.pdbx_seq_db_name             UNP 
_struct_ref_seq_dif.pdbx_seq_db_accession_code   Q00987 
_struct_ref_seq_dif.db_mon_id                    ? 
_struct_ref_seq_dif.pdbx_seq_db_seq_num          ? 
_struct_ref_seq_dif.details                      'cloning artifact' 
_struct_ref_seq_dif.pdbx_auth_seq_num            16 
_struct_ref_seq_dif.pdbx_ordinal                 1 
# 
loop_
_chem_comp.id 
_chem_comp.type 
_chem_comp.mon_nstd_flag 
_chem_comp.name 
_chem_comp.pdbx_synonyms 
_chem_comp.formula 
_chem_comp.formula_weight 
ALA 'L-peptide linking' y ALANINE         ? 'C3 H7 N O2'     89.093  
ARG 'L-peptide linking' y ARGININE        ? 'C6 H15 N4 O2 1' 175.209 
ASN 'L-peptide linking' y ASPARAGINE      ? 'C4 H8 N2 O3'    132.118 
ASP 'L-peptide linking' y 'ASPARTIC ACID' ? 'C4 H7 N O4'     133.103 
CYS 'L-peptide linking' y CYSTEINE        ? 'C3 H7 N O2 S'   121.158 
GLN 'L-peptide linking' y GLUTAMINE       ? 'C5 H10 N2 O3'   146.144 
GLU 'L-peptide linking' y 'GLUTAMIC ACID' ? 'C5 H9 N O4'     147.129 
GLY 'peptide linking'   y GLYCINE         ? 'C2 H5 N O2'     75.067  
HIS 'L-peptide linking' y HISTIDINE       ? 'C6 H10 N3 O2 1' 156.162 
HOH non-polymer         . WATER           ? 'H2 O'           18.015  
ILE 'L-peptide linking' y ISOLEUCINE      ? 'C6 H13 N O2'    131.173 
LEU 'L-peptide linking' y LEUCINE         ? 'C6 H13 N O2'    131.173 
LYS 'L-peptide linking' y LYSINE          ? 'C6 H15 N2 O2 1' 147.195 
MET 'L-peptide linking' y METHIONINE      ? 'C5 H11 N O2 S'  149.211 
PHE 'L-peptide linking' y PHENYLALANINE   ? 'C9 H11 N O2'    165.189 
PRO 'L-peptide linking' y PROLINE         ? 'C5 H9 N O2'     115.130 
SER 'L-peptide linking' y SERINE          ? 'C3 H7 N O3'     105.093 
SO4 non-polymer         . 'SULFATE ION'   ? 'O4 S -2'        96.063  
THR 'L-peptide linking' y THREONINE       ? 'C4 H9 N O3'     119.119 
TRP 'L-peptide linking' y TRYPTOPHAN      ? 'C11 H12 N2 O2'  204.225 
TYR 'L-peptide linking' y TYROSINE        ? 'C9 H11 N O3'    181.189 
VAL 'L-peptide linking' y VALINE          ? 'C5 H11 N O2'    117.146 
# 
_exptl.entry_id          1T4F 
_exptl.method            'X-RAY DIFFRACTION' 
_exptl.crystals_number   1 
# 
_exptl_crystal.id                    1 
_exptl_crystal.density_meas          ? 
_exptl_crystal.density_percent_sol   41.5 
_exptl_crystal.description           ? 
_exptl_crystal.density_Matthews      2.12 
_exptl_crystal.F_000                 ? 
_exptl_crystal.preparation           ? 
# 
_exptl_crystal_grow.crystal_id      1 
_exptl_crystal_grow.method          'VAPOR DIFFUSION, HANGING DROP' 
_exptl_crystal_grow.temp            277 
_exptl_crystal_grow.temp_details    ? 
_exptl_crystal_grow.pH              9.0 
_exptl_crystal_grow.pdbx_details    '(NH4)2SO4, Bicine, pH 9.0, VAPOR DIFFUSION, HANGING DROP, temperature 277K' 
_exptl_crystal_grow.pdbx_pH_range   . 
# 
_diffrn.id                     1 
_diffrn.ambient_temp           100 
_diffrn.ambient_temp_details   ? 
_diffrn.crystal_id             1 
# 
_diffrn_detector.diffrn_id              1 
_diffrn_detector.detector               CCD 
_diffrn_detector.type                   'ADSC QUANTUM 4' 
_diffrn_detector.pdbx_collection_date   2000-11-01 
_diffrn_detector.details                ? 
# 
_diffrn_radiation.diffrn_id                        1 
_diffrn_radiation.wavelength_id                    1 
_diffrn_radiation.pdbx_monochromatic_or_laue_m_l   M 
_diffrn_radiation.monochromator                    ? 
_diffrn_radiation.pdbx_diffrn_protocol             'SINGLE WAVELENGTH' 
_diffrn_radiation.pdbx_scattering_type             x-ray 
# 
_diffrn_radiation_wavelength.id           1 
_diffrn_radiation_wavelength.wavelength   0.97950 
_diffrn_radiation_wavelength.wt           1.0 
# 
_diffrn_source.diffrn_id                   1 
_diffrn_source.source                      SYNCHROTRON 
_diffrn_source.type                        'NSLS BEAMLINE X12B' 
_diffrn_source.pdbx_synchrotron_site       NSLS 
_diffrn_source.pdbx_synchrotron_beamline   X12B 
_diffrn_source.pdbx_wavelength             ? 
_diffrn_source.pdbx_wavelength_list        0.97950 
# 
_reflns.entry_id                     1T4F 
_reflns.observed_criterion_sigma_I   -3.0 
_reflns.observed_criterion_sigma_F   0.0 
_reflns.d_resolution_low             25 
_reflns.d_resolution_high            1.9 
_reflns.number_obs                   7247 
_reflns.number_all                   7247 
_reflns.percent_possible_obs         88.9 
_reflns.pdbx_Rmerge_I_obs            0.025 
_reflns.pdbx_Rsym_value              ? 
_reflns.pdbx_netI_over_sigmaI        36.1 
_reflns.B_iso_Wilson_estimate        11.0 
_reflns.pdbx_redundancy              4.0 
_reflns.R_free_details               ? 
_reflns.limit_h_max                  ? 
_reflns.limit_h_min                  ? 
_reflns.limit_k_max                  ? 
_reflns.limit_k_min                  ? 
_reflns.limit_l_max                  ? 
_reflns.limit_l_min                  ? 
_reflns.observed_criterion_F_max     ? 
_reflns.observed_criterion_F_min     ? 
_reflns.pdbx_chi_squared             ? 
_reflns.pdbx_scaling_rejects         ? 
_reflns.pdbx_diffrn_id               1 
_reflns.pdbx_ordinal                 1 
# 
_reflns_shell.d_res_high             1.90 
_reflns_shell.d_res_low              1.97 
_reflns_shell.percent_possible_all   56.2 
_reflns_shell.Rmerge_I_obs           0.072 
_reflns_shell.pdbx_Rsym_value        ? 
_reflns_shell.meanI_over_sigI_obs    9.1 
_reflns_shell.pdbx_redundancy        2.8 
_reflns_shell.percent_possible_obs   ? 
_reflns_shell.number_unique_all      456 
_reflns_shell.number_measured_all    ? 
_reflns_shell.number_measured_obs    ? 
_reflns_shell.number_unique_obs      ? 
_reflns_shell.pdbx_chi_squared       ? 
_reflns_shell.pdbx_diffrn_id         ? 
_reflns_shell.pdbx_ordinal           1 
# 
_refine.entry_id                                 1T4F 
_refine.ls_number_reflns_obs                     7246 
_refine.ls_number_reflns_all                     7246 
_refine.pdbx_ls_sigma_I                          ? 
_refine.pdbx_ls_sigma_F                          0.0 
_refine.pdbx_data_cutoff_high_absF               849537.54 
_refine.pdbx_data_cutoff_low_absF                0.000000 
_refine.pdbx_data_cutoff_high_rms_absF           ? 
_refine.ls_d_res_low                             23.13 
_refine.ls_d_res_high                            1.90 
_refine.ls_percent_reflns_obs                    89.1 
_refine.ls_R_factor_obs                          ? 
_refine.ls_R_factor_all                          ? 
_refine.ls_R_factor_R_work                       0.197 
_refine.ls_R_factor_R_free                       0.231 
_refine.ls_R_factor_R_free_error                 0.008 
_refine.ls_R_factor_R_free_error_details         ? 
_refine.ls_percent_reflns_R_free                 10.8 
_refine.ls_number_reflns_R_free                  786 
_refine.ls_number_parameters                     ? 
_refine.ls_number_restraints                     ? 
_refine.occupancy_min                            ? 
_refine.occupancy_max                            ? 
_refine.correlation_coeff_Fo_to_Fc               ? 
_refine.correlation_coeff_Fo_to_Fc_free          ? 
_refine.B_iso_mean                               18.2 
_refine.aniso_B[1][1]                            2.61 
_refine.aniso_B[2][2]                            -3.31 
_refine.aniso_B[3][3]                            0.70 
_refine.aniso_B[1][2]                            0.00 
_refine.aniso_B[1][3]                            0.00 
_refine.aniso_B[2][3]                            0.00 
_refine.solvent_model_details                    'FLAT MODEL' 
_refine.solvent_model_param_ksol                 0.425854 
_refine.solvent_model_param_bsol                 47.501 
_refine.pdbx_solvent_vdw_probe_radii             ? 
_refine.pdbx_solvent_ion_probe_radii             ? 
_refine.pdbx_solvent_shrinkage_radii             ? 
_refine.pdbx_ls_cross_valid_method               THROUGHOUT 
_refine.details                                  ? 
_refine.pdbx_starting_model                      1YCR 
_refine.pdbx_method_to_determine_struct          'MOLECULAR REPLACEMENT' 
_refine.pdbx_isotropic_thermal_model             RESTRAINED 
_refine.pdbx_stereochemistry_target_values       'Engh & Huber' 
_refine.pdbx_stereochem_target_val_spec_case     ? 
_refine.pdbx_R_Free_selection_details            RANDOM 
_refine.pdbx_overall_ESU_R                       ? 
_refine.pdbx_overall_ESU_R_Free                  ? 
_refine.overall_SU_ML                            ? 
_refine.overall_SU_B                             ? 
_refine.ls_redundancy_reflns_obs                 ? 
_refine.B_iso_min                                ? 
_refine.B_iso_max                                ? 
_refine.overall_SU_R_Cruickshank_DPI             ? 
_refine.overall_SU_R_free                        ? 
_refine.ls_wR_factor_R_free                      ? 
_refine.ls_wR_factor_R_work                      ? 
_refine.overall_FOM_free_R_set                   ? 
_refine.overall_FOM_work_R_set                   ? 
_refine.pdbx_refine_id                           'X-RAY DIFFRACTION' 
_refine.pdbx_diffrn_id                           1 
_refine.pdbx_TLS_residual_ADP_flag               ? 
_refine.pdbx_overall_phase_error                 ? 
_refine.pdbx_overall_SU_R_free_Cruickshank_DPI   ? 
_refine.pdbx_overall_SU_R_Blow_DPI               ? 
_refine.pdbx_overall_SU_R_free_Blow_DPI          ? 
# 
_refine_analyze.entry_id                        1T4F 
_refine_analyze.Luzzati_coordinate_error_obs    0.20 
_refine_analyze.Luzzati_sigma_a_obs             0.07 
_refine_analyze.Luzzati_d_res_low_obs           5.00 
_refine_analyze.Luzzati_coordinate_error_free   0.25 
_refine_analyze.Luzzati_sigma_a_free            0.14 
_refine_analyze.Luzzati_d_res_low_free          ? 
_refine_analyze.number_disordered_residues      ? 
_refine_analyze.occupancy_sum_hydrogen          ? 
_refine_analyze.occupancy_sum_non_hydrogen      ? 
_refine_analyze.pdbx_Luzzati_d_res_high_obs     ? 
_refine_analyze.pdbx_refine_id                  'X-RAY DIFFRACTION' 
# 
_refine_hist.pdbx_refine_id                   'X-RAY DIFFRACTION' 
_refine_hist.cycle_id                         LAST 
_refine_hist.pdbx_number_atoms_protein        816 
_refine_hist.pdbx_number_atoms_nucleic_acid   0 
_refine_hist.pdbx_number_atoms_ligand         5 
_refine_hist.number_atoms_solvent             59 
_refine_hist.number_atoms_total               880 
_refine_hist.d_res_high                       1.90 
_refine_hist.d_res_low                        23.13 
# 
loop_
_refine_ls_restr.type 
_refine_ls_restr.dev_ideal 
_refine_ls_restr.dev_ideal_target 
_refine_ls_restr.weight 
_refine_ls_restr.number 
_refine_ls_restr.pdbx_refine_id 
_refine_ls_restr.pdbx_restraint_function 
c_bond_d           0.006 ?    ? ? 'X-RAY DIFFRACTION' ? 
c_angle_deg        1.1   ?    ? ? 'X-RAY DIFFRACTION' ? 
c_dihedral_angle_d 20.6  ?    ? ? 'X-RAY DIFFRACTION' ? 
c_improper_angle_d 0.64  ?    ? ? 'X-RAY DIFFRACTION' ? 
c_mcbond_it        1.28  1.50 ? ? 'X-RAY DIFFRACTION' ? 
c_mcangle_it       1.81  2.00 ? ? 'X-RAY DIFFRACTION' ? 
c_scbond_it        2.34  2.00 ? ? 'X-RAY DIFFRACTION' ? 
c_scangle_it       3.57  2.50 ? ? 'X-RAY DIFFRACTION' ? 
# 
_refine_ls_shell.pdbx_total_number_of_bins_used   6 
_refine_ls_shell.d_res_high                       1.90 
_refine_ls_shell.d_res_low                        2.02 
_refine_ls_shell.number_reflns_R_work             729 
_refine_ls_shell.R_factor_R_work                  0.187 
_refine_ls_shell.percent_reflns_obs               61.6 
_refine_ls_shell.R_factor_R_free                  0.229 
_refine_ls_shell.R_factor_R_free_error            0.024 
_refine_ls_shell.percent_reflns_R_free            11.3 
_refine_ls_shell.number_reflns_R_free             93 
_refine_ls_shell.number_reflns_obs                ? 
_refine_ls_shell.redundancy_reflns_obs            ? 
_refine_ls_shell.number_reflns_all                ? 
_refine_ls_shell.pdbx_refine_id                   'X-RAY DIFFRACTION' 
_refine_ls_shell.R_factor_all                     ? 
# 
loop_
_pdbx_xplor_file.serial_no 
_pdbx_xplor_file.param_file 
_pdbx_xplor_file.topol_file 
_pdbx_xplor_file.pdbx_refine_id 
1 PROTEIN_REP.PARAM PROTEIN.TOP 'X-RAY DIFFRACTION' 
2 WATER_REP.PARAM   ION.TOP     'X-RAY DIFFRACTION' 
3 ION.PARAM         WATER.TOP   'X-RAY DIFFRACTION' 
# 
_struct.entry_id                  1T4F 
_struct.title                     'Structure of human MDM2 in complex with an optimized p53 peptide' 
_struct.pdbx_model_details        ? 
_struct.pdbx_CASP_flag            ? 
_struct.pdbx_model_type_details   ? 
# 
_struct_keywords.entry_id        1T4F 
_struct_keywords.pdbx_keywords   LIGASE 
_struct_keywords.text            
'MDM2-p53 peptide complex, p53-binding protein Mdm2 Oncoprotein Mdm2 Double minute 2 protein Hdm2, LIGASE' 
# 
loop_
_struct_asym.id 
_struct_asym.pdbx_blank_PDB_chainid_flag 
_struct_asym.pdbx_modified 
_struct_asym.entity_id 
_struct_asym.details 
A N N 1 ? 
B N N 2 ? 
C N N 3 ? 
D N N 4 ? 
E N N 4 ? 
# 
loop_
_struct_conf.conf_type_id 
_struct_conf.id 
_struct_conf.pdbx_PDB_helix_id 
_struct_conf.beg_label_comp_id 
_struct_conf.beg_label_asym_id 
_struct_conf.beg_label_seq_id 
_struct_conf.pdbx_beg_PDB_ins_code 
_struct_conf.end_label_comp_id 
_struct_conf.end_label_asym_id 
_struct_conf.end_label_seq_id 
_struct_conf.pdbx_end_PDB_ins_code 
_struct_conf.beg_auth_comp_id 
_struct_conf.beg_auth_asym_id 
_struct_conf.beg_auth_seq_id 
_struct_conf.end_auth_comp_id 
_struct_conf.end_auth_asym_id 
_struct_conf.end_auth_seq_id 
_struct_conf.pdbx_PDB_helix_class 
_struct_conf.details 
_struct_conf.pdbx_PDB_helix_length 
HELX_P HELX_P1 1 LYS A 16 ? GLY A 27 ? LYS M 31 GLY M 42  1 ? 12 
HELX_P HELX_P2 2 MET A 35 ? LYS A 49 ? MET M 50 LYS M 64  1 ? 15 
HELX_P HELX_P3 3 ASP A 65 ? GLY A 72 ? ASP M 80 GLY M 87  1 ? 8  
HELX_P HELX_P4 4 GLU A 80 ? ARG A 90 ? GLU M 95 ARG M 105 1 ? 11 
HELX_P HELX_P5 5 ARG B 1  ? GLU B 7  ? ARG P 18 GLU P 24  1 ? 7  
# 
_struct_conf_type.id          HELX_P 
_struct_conf_type.criteria    ? 
_struct_conf_type.reference   ? 
# 
loop_
_struct_sheet.id 
_struct_sheet.type 
_struct_sheet.number_strands 
_struct_sheet.details 
A ? 3 ? 
B ? 3 ? 
# 
loop_
_struct_sheet_order.sheet_id 
_struct_sheet_order.range_id_1 
_struct_sheet_order.range_id_2 
_struct_sheet_order.offset 
_struct_sheet_order.sense 
A 1 2 ? anti-parallel 
A 2 3 ? anti-parallel 
B 1 2 ? anti-parallel 
B 2 3 ? anti-parallel 
# 
loop_
_struct_sheet_range.sheet_id 
_struct_sheet_range.id 
_struct_sheet_range.beg_label_comp_id 
_struct_sheet_range.beg_label_asym_id 
_struct_sheet_range.beg_label_seq_id 
_struct_sheet_range.pdbx_beg_PDB_ins_code 
_struct_sheet_range.end_label_comp_id 
_struct_sheet_range.end_label_asym_id 
_struct_sheet_range.end_label_seq_id 
_struct_sheet_range.pdbx_end_PDB_ins_code 
_struct_sheet_range.beg_auth_comp_id 
_struct_sheet_range.beg_auth_asym_id 
_struct_sheet_range.beg_auth_seq_id 
_struct_sheet_range.end_auth_comp_id 
_struct_sheet_range.end_auth_asym_id 
_struct_sheet_range.end_auth_seq_id 
A 1 TYR A 33 ? THR A 34 ? TYR M 48  THR M 49  
A 2 LEU A 12 ? PRO A 15 ? LEU M 27  PRO M 30  
A 3 LEU A 92 ? VAL A 95 ? LEU M 107 VAL M 110 
B 1 TYR A 52 ? ASP A 53 ? TYR M 67  ASP M 68  
B 2 GLN A 56 ? TYR A 61 ? GLN M 71  TYR M 76  
B 3 SER A 75 ? SER A 77 ? SER M 90  SER M 92  
# 
loop_
_pdbx_struct_sheet_hbond.sheet_id 
_pdbx_struct_sheet_hbond.range_id_1 
_pdbx_struct_sheet_hbond.range_id_2 
_pdbx_struct_sheet_hbond.range_1_label_atom_id 
_pdbx_struct_sheet_hbond.range_1_label_comp_id 
_pdbx_struct_sheet_hbond.range_1_label_asym_id 
_pdbx_struct_sheet_hbond.range_1_label_seq_id 
_pdbx_struct_sheet_hbond.range_1_PDB_ins_code 
_pdbx_struct_sheet_hbond.range_1_auth_atom_id 
_pdbx_struct_sheet_hbond.range_1_auth_comp_id 
_pdbx_struct_sheet_hbond.range_1_auth_asym_id 
_pdbx_struct_sheet_hbond.range_1_auth_seq_id 
_pdbx_struct_sheet_hbond.range_2_label_atom_id 
_pdbx_struct_sheet_hbond.range_2_label_comp_id 
_pdbx_struct_sheet_hbond.range_2_label_asym_id 
_pdbx_struct_sheet_hbond.range_2_label_seq_id 
_pdbx_struct_sheet_hbond.range_2_PDB_ins_code 
_pdbx_struct_sheet_hbond.range_2_auth_atom_id 
_pdbx_struct_sheet_hbond.range_2_auth_comp_id 
_pdbx_struct_sheet_hbond.range_2_auth_asym_id 
_pdbx_struct_sheet_hbond.range_2_auth_seq_id 
A 1 2 O TYR A 33 ? O TYR M 48 N VAL A 13 ? N VAL M 28  
A 2 3 N LEU A 12 ? N LEU M 27 O VAL A 95 ? O VAL M 110 
B 1 2 N ASP A 53 ? N ASP M 68 O ILE A 59 ? O ILE M 74  
B 2 3 N VAL A 60 ? N VAL M 75 O PHE A 76 ? O PHE M 91  
# 
_struct_site.id                   AC1 
_struct_site.pdbx_evidence_code   Software 
_struct_site.pdbx_auth_asym_id    M 
_struct_site.pdbx_auth_comp_id    SO4 
_struct_site.pdbx_auth_seq_id     126 
_struct_site.pdbx_auth_ins_code   ? 
_struct_site.pdbx_num_residues    4 
_struct_site.details              'BINDING SITE FOR RESIDUE SO4 M 126' 
# 
loop_
_struct_site_gen.id 
_struct_site_gen.site_id 
_struct_site_gen.pdbx_num_res 
_struct_site_gen.label_comp_id 
_struct_site_gen.label_asym_id 
_struct_site_gen.label_seq_id 
_struct_site_gen.pdbx_auth_ins_code 
_struct_site_gen.auth_comp_id 
_struct_site_gen.auth_asym_id 
_struct_site_gen.auth_seq_id 
_struct_site_gen.label_atom_id 
_struct_site_gen.label_alt_id 
_struct_site_gen.symmetry 
_struct_site_gen.details 
1 AC1 4 GLU A 8  ? GLU M 23  . ? 1_555 ? 
2 AC1 4 GLN A 9  ? GLN M 24  . ? 1_555 ? 
3 AC1 4 LYS A 55 ? LYS M 70  . ? 1_545 ? 
4 AC1 4 ARG A 90 ? ARG M 105 . ? 3_545 ? 
# 
_atom_sites.entry_id                    1T4F 
_atom_sites.fract_transf_matrix[1][1]   -0.00640341 
_atom_sites.fract_transf_matrix[1][2]   0.02346194 
_atom_sites.fract_transf_matrix[1][3]   -0.00159001 
_atom_sites.fract_transf_matrix[2][1]   -0.02143185 
_atom_sites.fract_transf_matrix[2][2]   -0.00621047 
_atom_sites.fract_transf_matrix[2][3]   -0.00532872 
_atom_sites.fract_transf_matrix[3][1]   -0.00442122 
_atom_sites.fract_transf_matrix[3][2]   -0.00000148 
_atom_sites.fract_transf_matrix[3][3]   0.01778366 
_atom_sites.fract_transf_vector[1]      0.093914 
_atom_sites.fract_transf_vector[2]      0.385551 
_atom_sites.fract_transf_vector[3]      0.108344 
# 
loop_
_atom_type.symbol 
C 
N 
O 
S 
# 
loop_
_atom_site.group_PDB 
_atom_site.id 
_atom_site.type_symbol 
_atom_site.label_atom_id 
_atom_site.label_alt_id 
_atom_site.label_comp_id 
_atom_site.label_asym_id 
_atom_site.label_entity_id 
_atom_site.label_seq_id 
_atom_site.pdbx_PDB_ins_code 
_atom_site.Cartn_x 
_atom_site.Cartn_y 
_atom_site.Cartn_z 
_atom_site.occupancy 
_atom_site.B_iso_or_equiv 
_atom_site.pdbx_formal_charge 
_atom_site.auth_seq_id 
_atom_site.auth_comp_id 
_atom_site.auth_asym_id 
_atom_site.auth_atom_id 
_atom_site.pdbx_PDB_model_num 
ATOM   1   N N   . GLU A 1 8  ? 19.784  8.494   8.027   1.00 29.36 ? 23  GLU M N   1 
ATOM   2   C CA  . GLU A 1 8  ? 18.724  9.084   8.898   1.00 25.85 ? 23  GLU M CA  1 
ATOM   3   C C   . GLU A 1 8  ? 17.565  8.115   9.107   1.00 23.63 ? 23  GLU M C   1 
ATOM   4   O O   . GLU A 1 8  ? 17.772  6.907   9.199   1.00 22.88 ? 23  GLU M O   1 
ATOM   5   C CB  . GLU A 1 8  ? 18.209  10.377  8.279   1.00 26.24 ? 23  GLU M CB  1 
ATOM   6   C CG  . GLU A 1 8  ? 17.882  10.249  6.811   1.00 28.42 ? 23  GLU M CG  1 
ATOM   7   C CD  . GLU A 1 8  ? 17.349  11.538  6.238   1.00 32.51 ? 23  GLU M CD  1 
ATOM   8   O OE1 . GLU A 1 8  ? 16.201  11.908  6.577   1.00 31.39 ? 23  GLU M OE1 1 
ATOM   9   O OE2 . GLU A 1 8  ? 18.086  12.184  5.459   1.00 34.24 ? 23  GLU M OE2 1 
ATOM   10  N N   . GLN A 1 9  ? 16.348  8.643   9.182   1.00 21.54 ? 24  GLN M N   1 
ATOM   11  C CA  . GLN A 1 9  ? 15.180  7.799   9.400   1.00 22.03 ? 24  GLN M CA  1 
ATOM   12  C C   . GLN A 1 9  ? 14.562  7.279   8.103   1.00 19.71 ? 24  GLN M C   1 
ATOM   13  O O   . GLN A 1 9  ? 13.789  6.320   8.119   1.00 19.04 ? 24  GLN M O   1 
ATOM   14  C CB  . GLN A 1 9  ? 14.128  8.561   10.212  1.00 23.78 ? 24  GLN M CB  1 
ATOM   15  C CG  . GLN A 1 9  ? 14.665  9.127   11.520  1.00 29.16 ? 24  GLN M CG  1 
ATOM   16  C CD  . GLN A 1 9  ? 13.594  9.779   12.366  1.00 30.43 ? 24  GLN M CD  1 
ATOM   17  O OE1 . GLN A 1 9  ? 12.771  10.543  11.865  1.00 31.99 ? 24  GLN M OE1 1 
ATOM   18  N NE2 . GLN A 1 9  ? 13.607  9.490   13.668  1.00 32.70 ? 24  GLN M NE2 1 
ATOM   19  N N   . GLU A 1 10 ? 14.901  7.910   6.984   1.00 18.34 ? 25  GLU M N   1 
ATOM   20  C CA  . GLU A 1 10 ? 14.375  7.498   5.682   1.00 17.00 ? 25  GLU M CA  1 
ATOM   21  C C   . GLU A 1 10 ? 14.699  6.026   5.415   1.00 14.91 ? 25  GLU M C   1 
ATOM   22  O O   . GLU A 1 10 ? 15.717  5.518   5.884   1.00 12.48 ? 25  GLU M O   1 
ATOM   23  C CB  . GLU A 1 10 ? 14.984  8.376   4.584   1.00 19.25 ? 25  GLU M CB  1 
ATOM   24  C CG  . GLU A 1 10 ? 14.686  7.937   3.157   1.00 24.99 ? 25  GLU M CG  1 
ATOM   25  C CD  . GLU A 1 10 ? 15.268  8.895   2.128   1.00 27.87 ? 25  GLU M CD  1 
ATOM   26  O OE1 . GLU A 1 10 ? 14.752  10.030  2.010   1.00 29.37 ? 25  GLU M OE1 1 
ATOM   27  O OE2 . GLU A 1 10 ? 16.248  8.518   1.449   1.00 28.58 ? 25  GLU M OE2 1 
ATOM   28  N N   . THR A 1 11 ? 13.827  5.346   4.668   1.00 13.19 ? 26  THR M N   1 
ATOM   29  C CA  . THR A 1 11 ? 14.039  3.936   4.327   1.00 11.73 ? 26  THR M CA  1 
ATOM   30  C C   . THR A 1 11 ? 14.010  3.776   2.810   1.00 11.57 ? 26  THR M C   1 
ATOM   31  O O   . THR A 1 11 ? 13.062  4.206   2.150   1.00 10.58 ? 26  THR M O   1 
ATOM   32  C CB  . THR A 1 11 ? 12.947  3.017   4.941   1.00 12.29 ? 26  THR M CB  1 
ATOM   33  O OG1 . THR A 1 11 ? 12.985  3.104   6.371   1.00 12.46 ? 26  THR M OG1 1 
ATOM   34  C CG2 . THR A 1 11 ? 13.171  1.565   4.518   1.00 9.65  ? 26  THR M CG2 1 
ATOM   35  N N   . LEU A 1 12 ? 15.055  3.163   2.263   1.00 11.87 ? 27  LEU M N   1 
ATOM   36  C CA  . LEU A 1 12 ? 15.159  2.945   0.822   1.00 13.06 ? 27  LEU M CA  1 
ATOM   37  C C   . LEU A 1 12 ? 14.765  1.495   0.550   1.00 13.68 ? 27  LEU M C   1 
ATOM   38  O O   . LEU A 1 12 ? 15.218  0.579   1.243   1.00 12.40 ? 27  LEU M O   1 
ATOM   39  C CB  . LEU A 1 12 ? 16.599  3.208   0.365   1.00 17.62 ? 27  LEU M CB  1 
ATOM   40  C CG  . LEU A 1 12 ? 16.834  4.004   -0.921  1.00 22.38 ? 27  LEU M CG  1 
ATOM   41  C CD1 . LEU A 1 12 ? 16.033  5.302   -0.887  1.00 23.37 ? 27  LEU M CD1 1 
ATOM   42  C CD2 . LEU A 1 12 ? 18.327  4.301   -1.065  1.00 24.42 ? 27  LEU M CD2 1 
ATOM   43  N N   . VAL A 1 13 ? 13.923  1.280   -0.453  1.00 11.90 ? 28  VAL M N   1 
ATOM   44  C CA  . VAL A 1 13 ? 13.465  -0.073  -0.747  1.00 11.05 ? 28  VAL M CA  1 
ATOM   45  C C   . VAL A 1 13 ? 13.375  -0.410  -2.228  1.00 11.00 ? 28  VAL M C   1 
ATOM   46  O O   . VAL A 1 13 ? 13.328  0.470   -3.088  1.00 11.51 ? 28  VAL M O   1 
ATOM   47  C CB  . VAL A 1 13 ? 12.058  -0.324  -0.136  1.00 9.22  ? 28  VAL M CB  1 
ATOM   48  C CG1 . VAL A 1 13 ? 12.070  -0.065  1.375   1.00 9.31  ? 28  VAL M CG1 1 
ATOM   49  C CG2 . VAL A 1 13 ? 11.041  0.583   -0.810  1.00 9.38  ? 28  VAL M CG2 1 
ATOM   50  N N   . ARG A 1 14 ? 13.353  -1.707  -2.508  1.00 10.68 ? 29  ARG M N   1 
ATOM   51  C CA  . ARG A 1 14 ? 13.211  -2.202  -3.864  1.00 12.09 ? 29  ARG M CA  1 
ATOM   52  C C   . ARG A 1 14 ? 12.034  -3.159  -3.810  1.00 11.17 ? 29  ARG M C   1 
ATOM   53  O O   . ARG A 1 14 ? 12.093  -4.192  -3.143  1.00 10.82 ? 29  ARG M O   1 
ATOM   54  C CB  . ARG A 1 14 ? 14.487  -2.907  -4.324  1.00 16.44 ? 29  ARG M CB  1 
ATOM   55  C CG  . ARG A 1 14 ? 15.646  -1.946  -4.421  1.00 21.45 ? 29  ARG M CG  1 
ATOM   56  C CD  . ARG A 1 14 ? 16.865  -2.562  -5.060  1.00 27.99 ? 29  ARG M CD  1 
ATOM   57  N NE  . ARG A 1 14 ? 17.942  -1.579  -5.124  1.00 34.10 ? 29  ARG M NE  1 
ATOM   58  C CZ  . ARG A 1 14 ? 19.169  -1.844  -5.552  1.00 36.71 ? 29  ARG M CZ  1 
ATOM   59  N NH1 . ARG A 1 14 ? 19.471  -3.068  -5.953  1.00 39.82 ? 29  ARG M NH1 1 
ATOM   60  N NH2 . ARG A 1 14 ? 20.088  -0.887  -5.577  1.00 39.03 ? 29  ARG M NH2 1 
ATOM   61  N N   . PRO A 1 15 ? 10.931  -2.801  -4.485  1.00 10.74 ? 30  PRO M N   1 
ATOM   62  C CA  . PRO A 1 15 ? 9.711   -3.613  -4.523  1.00 11.62 ? 30  PRO M CA  1 
ATOM   63  C C   . PRO A 1 15 ? 9.844   -4.876  -5.361  1.00 11.00 ? 30  PRO M C   1 
ATOM   64  O O   . PRO A 1 15 ? 10.525  -4.880  -6.383  1.00 10.66 ? 30  PRO M O   1 
ATOM   65  C CB  . PRO A 1 15 ? 8.683   -2.647  -5.111  1.00 10.22 ? 30  PRO M CB  1 
ATOM   66  C CG  . PRO A 1 15 ? 9.499   -1.883  -6.104  1.00 11.63 ? 30  PRO M CG  1 
ATOM   67  C CD  . PRO A 1 15 ? 10.775  -1.585  -5.308  1.00 10.92 ? 30  PRO M CD  1 
ATOM   68  N N   . LYS A 1 16 ? 9.182   -5.941  -4.919  1.00 11.85 ? 31  LYS M N   1 
ATOM   69  C CA  . LYS A 1 16 ? 9.187   -7.209  -5.635  1.00 13.01 ? 31  LYS M CA  1 
ATOM   70  C C   . LYS A 1 16 ? 8.355   -6.988  -6.898  1.00 13.35 ? 31  LYS M C   1 
ATOM   71  O O   . LYS A 1 16 ? 7.609   -6.012  -6.992  1.00 13.62 ? 31  LYS M O   1 
ATOM   72  C CB  . LYS A 1 16 ? 8.574   -8.312  -4.757  1.00 15.12 ? 31  LYS M CB  1 
ATOM   73  C CG  . LYS A 1 16 ? 9.399   -8.585  -3.498  1.00 19.22 ? 31  LYS M CG  1 
ATOM   74  C CD  . LYS A 1 16 ? 8.653   -9.392  -2.434  1.00 23.06 ? 31  LYS M CD  1 
ATOM   75  C CE  . LYS A 1 16 ? 8.398   -10.833 -2.848  1.00 23.18 ? 31  LYS M CE  1 
ATOM   76  N NZ  . LYS A 1 16 ? 7.792   -11.601 -1.708  1.00 23.47 ? 31  LYS M NZ  1 
ATOM   77  N N   . PRO A 1 17 ? 8.470   -7.889  -7.886  1.00 13.25 ? 32  PRO M N   1 
ATOM   78  C CA  . PRO A 1 17 ? 7.728   -7.775  -9.149  1.00 13.73 ? 32  PRO M CA  1 
ATOM   79  C C   . PRO A 1 17 ? 6.266   -7.322  -9.072  1.00 12.93 ? 32  PRO M C   1 
ATOM   80  O O   . PRO A 1 17 ? 5.888   -6.350  -9.718  1.00 14.55 ? 32  PRO M O   1 
ATOM   81  C CB  . PRO A 1 17 ? 7.886   -9.164  -9.757  1.00 12.62 ? 32  PRO M CB  1 
ATOM   82  C CG  . PRO A 1 17 ? 9.289   -9.519  -9.350  1.00 11.90 ? 32  PRO M CG  1 
ATOM   83  C CD  . PRO A 1 17 ? 9.301   -9.107  -7.879  1.00 13.77 ? 32  PRO M CD  1 
ATOM   84  N N   . LEU A 1 18 ? 5.448   -8.020  -8.290  1.00 13.33 ? 33  LEU M N   1 
ATOM   85  C CA  . LEU A 1 18 ? 4.035   -7.669  -8.174  1.00 14.85 ? 33  LEU M CA  1 
ATOM   86  C C   . LEU A 1 18 ? 3.779   -6.310  -7.525  1.00 13.30 ? 33  LEU M C   1 
ATOM   87  O O   . LEU A 1 18 ? 2.833   -5.607  -7.898  1.00 11.95 ? 33  LEU M O   1 
ATOM   88  C CB  . LEU A 1 18 ? 3.279   -8.756  -7.404  1.00 17.79 ? 33  LEU M CB  1 
ATOM   89  C CG  . LEU A 1 18 ? 2.400   -9.674  -8.259  1.00 22.77 ? 33  LEU M CG  1 
ATOM   90  C CD1 . LEU A 1 18 ? 3.267   -10.444 -9.243  1.00 24.55 ? 33  LEU M CD1 1 
ATOM   91  C CD2 . LEU A 1 18 ? 1.626   -10.631 -7.361  1.00 23.52 ? 33  LEU M CD2 1 
ATOM   92  N N   . LEU A 1 19 ? 4.598   -5.940  -6.547  1.00 11.89 ? 34  LEU M N   1 
ATOM   93  C CA  . LEU A 1 19 ? 4.421   -4.643  -5.905  1.00 11.98 ? 34  LEU M CA  1 
ATOM   94  C C   . LEU A 1 19 ? 4.818   -3.562  -6.902  1.00 11.10 ? 34  LEU M C   1 
ATOM   95  O O   . LEU A 1 19 ? 4.206   -2.491  -6.961  1.00 11.30 ? 34  LEU M O   1 
ATOM   96  C CB  . LEU A 1 19 ? 5.280   -4.530  -4.643  1.00 11.24 ? 34  LEU M CB  1 
ATOM   97  C CG  . LEU A 1 19 ? 5.234   -3.152  -3.976  1.00 13.42 ? 34  LEU M CG  1 
ATOM   98  C CD1 . LEU A 1 19 ? 3.786   -2.764  -3.693  1.00 12.22 ? 34  LEU M CD1 1 
ATOM   99  C CD2 . LEU A 1 19 ? 6.046   -3.166  -2.681  1.00 12.75 ? 34  LEU M CD2 1 
ATOM   100 N N   . LEU A 1 20 ? 5.852   -3.845  -7.685  1.00 12.42 ? 35  LEU M N   1 
ATOM   101 C CA  . LEU A 1 20 ? 6.311   -2.899  -8.693  1.00 14.34 ? 35  LEU M CA  1 
ATOM   102 C C   . LEU A 1 20 ? 5.152   -2.643  -9.661  1.00 14.96 ? 35  LEU M C   1 
ATOM   103 O O   . LEU A 1 20 ? 4.903   -1.502  -10.055 1.00 14.54 ? 35  LEU M O   1 
ATOM   104 C CB  . LEU A 1 20 ? 7.500   -3.476  -9.465  1.00 15.84 ? 35  LEU M CB  1 
ATOM   105 C CG  . LEU A 1 20 ? 8.570   -2.503  -9.966  1.00 19.64 ? 35  LEU M CG  1 
ATOM   106 C CD1 . LEU A 1 20 ? 9.431   -3.209  -11.007 1.00 19.98 ? 35  LEU M CD1 1 
ATOM   107 C CD2 . LEU A 1 20 ? 7.938   -1.267  -10.559 1.00 18.71 ? 35  LEU M CD2 1 
ATOM   108 N N   . LYS A 1 21 ? 4.448   -3.709  -10.043 1.00 15.33 ? 36  LYS M N   1 
ATOM   109 C CA  . LYS A 1 21 ? 3.317   -3.582  -10.966 1.00 17.01 ? 36  LYS M CA  1 
ATOM   110 C C   . LYS A 1 21 ? 2.270   -2.663  -10.351 1.00 18.04 ? 36  LYS M C   1 
ATOM   111 O O   . LYS A 1 21 ? 1.701   -1.804  -11.026 1.00 17.15 ? 36  LYS M O   1 
ATOM   112 C CB  . LYS A 1 21 ? 2.691   -4.950  -11.253 1.00 21.31 ? 36  LYS M CB  1 
ATOM   113 C CG  . LYS A 1 21 ? 1.529   -4.886  -12.237 1.00 23.77 ? 36  LYS M CG  1 
ATOM   114 C CD  . LYS A 1 21 ? 0.811   -6.221  -12.392 1.00 26.70 ? 36  LYS M CD  1 
ATOM   115 C CE  . LYS A 1 21 ? 1.704   -7.279  -13.027 1.00 31.09 ? 36  LYS M CE  1 
ATOM   116 N NZ  . LYS A 1 21 ? 0.944   -8.541  -13.301 1.00 33.29 ? 36  LYS M NZ  1 
ATOM   117 N N   . LEU A 1 22 ? 2.022   -2.862  -9.061  1.00 16.58 ? 37  LEU M N   1 
ATOM   118 C CA  . LEU A 1 22 ? 1.073   -2.060  -8.301  1.00 17.91 ? 37  LEU M CA  1 
ATOM   119 C C   . LEU A 1 22 ? 1.491   -0.596  -8.421  1.00 17.50 ? 37  LEU M C   1 
ATOM   120 O O   . LEU A 1 22 ? 0.735   0.251   -8.908  1.00 16.59 ? 37  LEU M O   1 
ATOM   121 C CB  . LEU A 1 22 ? 1.124   -2.482  -6.830  1.00 19.96 ? 37  LEU M CB  1 
ATOM   122 C CG  . LEU A 1 22 ? 0.215   -1.908  -5.734  1.00 23.73 ? 37  LEU M CG  1 
ATOM   123 C CD1 . LEU A 1 22 ? 0.192   -0.389  -5.775  1.00 20.47 ? 37  LEU M CD1 1 
ATOM   124 C CD2 . LEU A 1 22 ? -1.170  -2.481  -5.891  1.00 25.58 ? 37  LEU M CD2 1 
ATOM   125 N N   . LEU A 1 23 ? 2.712   -0.318  -7.975  1.00 15.11 ? 38  LEU M N   1 
ATOM   126 C CA  . LEU A 1 23 ? 3.274   1.027   -7.990  1.00 15.27 ? 38  LEU M CA  1 
ATOM   127 C C   . LEU A 1 23 ? 3.274   1.691   -9.370  1.00 16.23 ? 38  LEU M C   1 
ATOM   128 O O   . LEU A 1 23 ? 2.987   2.885   -9.495  1.00 17.22 ? 38  LEU M O   1 
ATOM   129 C CB  . LEU A 1 23 ? 4.702   0.988   -7.438  1.00 13.15 ? 38  LEU M CB  1 
ATOM   130 C CG  . LEU A 1 23 ? 4.844   0.513   -5.985  1.00 12.80 ? 38  LEU M CG  1 
ATOM   131 C CD1 . LEU A 1 23 ? 6.316   0.348   -5.643  1.00 13.26 ? 38  LEU M CD1 1 
ATOM   132 C CD2 . LEU A 1 23 ? 4.184   1.516   -5.045  1.00 12.44 ? 38  LEU M CD2 1 
ATOM   133 N N   . LYS A 1 24 ? 3.603   0.922   -10.401 1.00 16.13 ? 39  LYS M N   1 
ATOM   134 C CA  . LYS A 1 24 ? 3.652   1.456   -11.761 1.00 17.88 ? 39  LYS M CA  1 
ATOM   135 C C   . LYS A 1 24 ? 2.295   1.853   -12.324 1.00 17.18 ? 39  LYS M C   1 
ATOM   136 O O   . LYS A 1 24 ? 2.215   2.679   -13.236 1.00 17.84 ? 39  LYS M O   1 
ATOM   137 C CB  . LYS A 1 24 ? 4.311   0.446   -12.703 1.00 18.38 ? 39  LYS M CB  1 
ATOM   138 C CG  . LYS A 1 24 ? 5.819   0.377   -12.563 1.00 21.38 ? 39  LYS M CG  1 
ATOM   139 C CD  . LYS A 1 24 ? 6.417   -0.699  -13.461 1.00 23.88 ? 39  LYS M CD  1 
ATOM   140 C CE  . LYS A 1 24 ? 6.157   -0.425  -14.932 1.00 25.22 ? 39  LYS M CE  1 
ATOM   141 N NZ  . LYS A 1 24 ? 6.750   -1.488  -15.795 1.00 26.49 ? 39  LYS M NZ  1 
ATOM   142 N N   . SER A 1 25 ? 1.228   1.271   -11.789 1.00 16.18 ? 40  SER M N   1 
ATOM   143 C CA  . SER A 1 25 ? -0.103  1.589   -12.285 1.00 16.56 ? 40  SER M CA  1 
ATOM   144 C C   . SER A 1 25 ? -0.545  2.995   -11.887 1.00 14.66 ? 40  SER M C   1 
ATOM   145 O O   . SER A 1 25 ? -1.437  3.562   -12.518 1.00 14.68 ? 40  SER M O   1 
ATOM   146 C CB  . SER A 1 25 ? -1.126  0.559   -11.788 1.00 15.70 ? 40  SER M CB  1 
ATOM   147 O OG  . SER A 1 25 ? -1.434  0.742   -10.422 1.00 20.03 ? 40  SER M OG  1 
ATOM   148 N N   . VAL A 1 26 ? 0.070   3.559   -10.849 1.00 13.05 ? 41  VAL M N   1 
ATOM   149 C CA  . VAL A 1 26 ? -0.290  4.907   -10.409 1.00 12.51 ? 41  VAL M CA  1 
ATOM   150 C C   . VAL A 1 26 ? 0.881   5.882   -10.347 1.00 13.01 ? 41  VAL M C   1 
ATOM   151 O O   . VAL A 1 26 ? 0.682   7.092   -10.280 1.00 14.10 ? 41  VAL M O   1 
ATOM   152 C CB  . VAL A 1 26 ? -0.969  4.892   -9.021  1.00 13.72 ? 41  VAL M CB  1 
ATOM   153 C CG1 . VAL A 1 26 ? -2.247  4.063   -9.082  1.00 15.06 ? 41  VAL M CG1 1 
ATOM   154 C CG2 . VAL A 1 26 ? -0.003  4.351   -7.967  1.00 13.61 ? 41  VAL M CG2 1 
ATOM   155 N N   . GLY A 1 27 ? 2.102   5.360   -10.380 1.00 12.20 ? 42  GLY M N   1 
ATOM   156 C CA  . GLY A 1 27 ? 3.259   6.229   -10.306 1.00 15.56 ? 42  GLY M CA  1 
ATOM   157 C C   . GLY A 1 27 ? 4.362   5.884   -11.283 1.00 17.07 ? 42  GLY M C   1 
ATOM   158 O O   . GLY A 1 27 ? 4.177   5.089   -12.207 1.00 19.02 ? 42  GLY M O   1 
ATOM   159 N N   . ALA A 1 28 ? 5.523   6.489   -11.067 1.00 17.71 ? 43  ALA M N   1 
ATOM   160 C CA  . ALA A 1 28 ? 6.679   6.273   -11.922 1.00 17.36 ? 43  ALA M CA  1 
ATOM   161 C C   . ALA A 1 28 ? 7.469   5.036   -11.518 1.00 18.40 ? 43  ALA M C   1 
ATOM   162 O O   . ALA A 1 28 ? 7.446   4.610   -10.362 1.00 15.33 ? 43  ALA M O   1 
ATOM   163 C CB  . ALA A 1 28 ? 7.585   7.493   -11.873 1.00 15.38 ? 43  ALA M CB  1 
ATOM   164 N N   . GLN A 1 29 ? 8.169   4.464   -12.491 1.00 19.19 ? 44  GLN M N   1 
ATOM   165 C CA  . GLN A 1 29 ? 9.004   3.301   -12.254 1.00 21.05 ? 44  GLN M CA  1 
ATOM   166 C C   . GLN A 1 29 ? 10.366  3.817   -11.816 1.00 22.17 ? 44  GLN M C   1 
ATOM   167 O O   . GLN A 1 29 ? 10.933  4.715   -12.441 1.00 22.22 ? 44  GLN M O   1 
ATOM   168 C CB  . GLN A 1 29 ? 9.172   2.479   -13.530 1.00 24.05 ? 44  GLN M CB  1 
ATOM   169 C CG  . GLN A 1 29 ? 10.056  1.257   -13.349 1.00 28.74 ? 44  GLN M CG  1 
ATOM   170 C CD  . GLN A 1 29 ? 10.364  0.555   -14.656 1.00 32.27 ? 44  GLN M CD  1 
ATOM   171 O OE1 . GLN A 1 29 ? 11.049  1.102   -15.521 1.00 35.71 ? 44  GLN M OE1 1 
ATOM   172 N NE2 . GLN A 1 29 ? 9.859   -0.664  -14.805 1.00 35.52 ? 44  GLN M NE2 1 
ATOM   173 N N   . LYS A 1 30 ? 10.889  3.245   -10.741 1.00 22.07 ? 45  LYS M N   1 
ATOM   174 C CA  . LYS A 1 30 ? 12.185  3.648   -10.218 1.00 22.36 ? 45  LYS M CA  1 
ATOM   175 C C   . LYS A 1 30 ? 12.879  2.383   -9.733  1.00 21.94 ? 45  LYS M C   1 
ATOM   176 O O   . LYS A 1 30 ? 12.219  1.400   -9.397  1.00 20.85 ? 45  LYS M O   1 
ATOM   177 C CB  . LYS A 1 30 ? 11.985  4.637   -9.061  1.00 23.52 ? 45  LYS M CB  1 
ATOM   178 C CG  . LYS A 1 30 ? 11.170  5.869   -9.458  1.00 27.60 ? 45  LYS M CG  1 
ATOM   179 C CD  . LYS A 1 30 ? 10.587  6.626   -8.267  1.00 28.95 ? 45  LYS M CD  1 
ATOM   180 C CE  . LYS A 1 30 ? 11.628  7.423   -7.501  1.00 29.47 ? 45  LYS M CE  1 
ATOM   181 N NZ  . LYS A 1 30 ? 12.573  6.544   -6.772  1.00 33.88 ? 45  LYS M NZ  1 
ATOM   182 N N   . ASP A 1 31 ? 14.206  2.395   -9.711  1.00 21.70 ? 46  ASP M N   1 
ATOM   183 C CA  . ASP A 1 31 ? 14.935  1.227   -9.249  1.00 24.26 ? 46  ASP M CA  1 
ATOM   184 C C   . ASP A 1 31 ? 14.703  1.075   -7.753  1.00 21.79 ? 46  ASP M C   1 
ATOM   185 O O   . ASP A 1 31 ? 14.485  -0.027  -7.262  1.00 23.77 ? 46  ASP M O   1 
ATOM   186 C CB  . ASP A 1 31 ? 16.427  1.371   -9.556  1.00 27.60 ? 46  ASP M CB  1 
ATOM   187 C CG  . ASP A 1 31 ? 16.708  1.414   -11.049 1.00 32.08 ? 46  ASP M CG  1 
ATOM   188 O OD1 . ASP A 1 31 ? 16.221  0.515   -11.771 1.00 34.85 ? 46  ASP M OD1 1 
ATOM   189 O OD2 . ASP A 1 31 ? 17.417  2.340   -11.500 1.00 34.51 ? 46  ASP M OD2 1 
ATOM   190 N N   . THR A 1 32 ? 14.731  2.195   -7.038  1.00 20.93 ? 47  THR M N   1 
ATOM   191 C CA  . THR A 1 32 ? 14.506  2.185   -5.599  1.00 19.05 ? 47  THR M CA  1 
ATOM   192 C C   . THR A 1 32 ? 13.524  3.288   -5.204  1.00 18.36 ? 47  THR M C   1 
ATOM   193 O O   . THR A 1 32 ? 13.484  4.354   -5.828  1.00 17.23 ? 47  THR M O   1 
ATOM   194 C CB  . THR A 1 32 ? 15.829  2.402   -4.824  1.00 21.19 ? 47  THR M CB  1 
ATOM   195 O OG1 . THR A 1 32 ? 16.288  3.745   -5.022  1.00 22.04 ? 47  THR M OG1 1 
ATOM   196 C CG2 . THR A 1 32 ? 16.896  1.437   -5.321  1.00 19.32 ? 47  THR M CG2 1 
ATOM   197 N N   . TYR A 1 33 ? 12.727  3.022   -4.176  1.00 14.82 ? 48  TYR M N   1 
ATOM   198 C CA  . TYR A 1 33 ? 11.759  3.994   -3.673  1.00 13.95 ? 48  TYR M CA  1 
ATOM   199 C C   . TYR A 1 33 ? 12.000  4.146   -2.181  1.00 14.85 ? 48  TYR M C   1 
ATOM   200 O O   . TYR A 1 33 ? 12.737  3.365   -1.580  1.00 12.50 ? 48  TYR M O   1 
ATOM   201 C CB  . TYR A 1 33 ? 10.316  3.502   -3.842  1.00 12.83 ? 48  TYR M CB  1 
ATOM   202 C CG  . TYR A 1 33 ? 9.867   3.221   -5.255  1.00 13.09 ? 48  TYR M CG  1 
ATOM   203 C CD1 . TYR A 1 33 ? 10.314  2.093   -5.938  1.00 12.25 ? 48  TYR M CD1 1 
ATOM   204 C CD2 . TYR A 1 33 ? 8.962   4.069   -5.898  1.00 12.35 ? 48  TYR M CD2 1 
ATOM   205 C CE1 . TYR A 1 33 ? 9.868   1.811   -7.230  1.00 13.74 ? 48  TYR M CE1 1 
ATOM   206 C CE2 . TYR A 1 33 ? 8.513   3.798   -7.191  1.00 13.66 ? 48  TYR M CE2 1 
ATOM   207 C CZ  . TYR A 1 33 ? 8.969   2.667   -7.847  1.00 12.62 ? 48  TYR M CZ  1 
ATOM   208 O OH  . TYR A 1 33 ? 8.512   2.376   -9.111  1.00 14.93 ? 48  TYR M OH  1 
ATOM   209 N N   . THR A 1 34 ? 11.375  5.154   -1.585  1.00 14.42 ? 49  THR M N   1 
ATOM   210 C CA  . THR A 1 34 ? 11.480  5.349   -0.150  1.00 12.74 ? 49  THR M CA  1 
ATOM   211 C C   . THR A 1 34 ? 10.186  4.754   0.383   1.00 14.00 ? 49  THR M C   1 
ATOM   212 O O   . THR A 1 34 ? 9.199   4.658   -0.352  1.00 11.66 ? 49  THR M O   1 
ATOM   213 C CB  . THR A 1 34 ? 11.514  6.835   0.239   1.00 13.99 ? 49  THR M CB  1 
ATOM   214 O OG1 . THR A 1 34 ? 10.317  7.471   -0.226  1.00 14.36 ? 49  THR M OG1 1 
ATOM   215 C CG2 . THR A 1 34 ? 12.732  7.524   -0.366  1.00 13.00 ? 49  THR M CG2 1 
ATOM   216 N N   . MET A 1 35 ? 10.185  4.342   1.647   1.00 13.30 ? 50  MET M N   1 
ATOM   217 C CA  . MET A 1 35 ? 8.977   3.782   2.232   1.00 13.67 ? 50  MET M CA  1 
ATOM   218 C C   . MET A 1 35 ? 7.849   4.810   2.145   1.00 14.44 ? 50  MET M C   1 
ATOM   219 O O   . MET A 1 35 ? 6.699   4.452   1.902   1.00 14.03 ? 50  MET M O   1 
ATOM   220 C CB  . MET A 1 35 ? 9.212   3.393   3.692   1.00 14.58 ? 50  MET M CB  1 
ATOM   221 C CG  . MET A 1 35 ? 8.016   2.700   4.329   1.00 17.98 ? 50  MET M CG  1 
ATOM   222 S SD  . MET A 1 35 ? 7.599   1.165   3.469   1.00 21.53 ? 50  MET M SD  1 
ATOM   223 C CE  . MET A 1 35 ? 8.440   -0.039  4.473   1.00 20.62 ? 50  MET M CE  1 
ATOM   224 N N   . LYS A 1 36 ? 8.184   6.086   2.346   1.00 14.11 ? 51  LYS M N   1 
ATOM   225 C CA  . LYS A 1 36 ? 7.191   7.159   2.267   1.00 16.39 ? 51  LYS M CA  1 
ATOM   226 C C   . LYS A 1 36 ? 6.521   7.169   0.890   1.00 14.86 ? 51  LYS M C   1 
ATOM   227 O O   . LYS A 1 36 ? 5.302   7.323   0.793   1.00 14.62 ? 51  LYS M O   1 
ATOM   228 C CB  . LYS A 1 36 ? 7.843   8.522   2.525   1.00 19.19 ? 51  LYS M CB  1 
ATOM   229 C CG  . LYS A 1 36 ? 8.502   8.650   3.891   1.00 26.11 ? 51  LYS M CG  1 
ATOM   230 C CD  . LYS A 1 36 ? 8.986   10.072  4.156   1.00 29.01 ? 51  LYS M CD  1 
ATOM   231 C CE  . LYS A 1 36 ? 7.822   11.037  4.295   1.00 31.65 ? 51  LYS M CE  1 
ATOM   232 N NZ  . LYS A 1 36 ? 6.899   10.632  5.396   1.00 33.77 ? 51  LYS M NZ  1 
ATOM   233 N N   . GLU A 1 37 ? 7.317   7.008   -0.167  1.00 13.75 ? 52  GLU M N   1 
ATOM   234 C CA  . GLU A 1 37 ? 6.788   6.981   -1.538  1.00 13.96 ? 52  GLU M CA  1 
ATOM   235 C C   . GLU A 1 37 ? 5.849   5.796   -1.724  1.00 13.26 ? 52  GLU M C   1 
ATOM   236 O O   . GLU A 1 37 ? 4.763   5.925   -2.292  1.00 12.01 ? 52  GLU M O   1 
ATOM   237 C CB  . GLU A 1 37 ? 7.913   6.837   -2.567  1.00 16.72 ? 52  GLU M CB  1 
ATOM   238 C CG  . GLU A 1 37 ? 8.717   8.087   -2.857  1.00 19.42 ? 52  GLU M CG  1 
ATOM   239 C CD  . GLU A 1 37 ? 9.729   7.849   -3.960  1.00 22.43 ? 52  GLU M CD  1 
ATOM   240 O OE1 . GLU A 1 37 ? 10.574  6.944   -3.799  1.00 16.61 ? 52  GLU M OE1 1 
ATOM   241 O OE2 . GLU A 1 37 ? 9.677   8.557   -4.993  1.00 26.48 ? 52  GLU M OE2 1 
ATOM   242 N N   . VAL A 1 38 ? 6.294   4.634   -1.257  1.00 11.61 ? 53  VAL M N   1 
ATOM   243 C CA  . VAL A 1 38 ? 5.504   3.411   -1.366  1.00 11.20 ? 53  VAL M CA  1 
ATOM   244 C C   . VAL A 1 38 ? 4.156   3.566   -0.667  1.00 11.79 ? 53  VAL M C   1 
ATOM   245 O O   . VAL A 1 38 ? 3.122   3.219   -1.234  1.00 10.52 ? 53  VAL M O   1 
ATOM   246 C CB  . VAL A 1 38 ? 6.275   2.207   -0.770  1.00 12.00 ? 53  VAL M CB  1 
ATOM   247 C CG1 . VAL A 1 38 ? 5.392   0.961   -0.758  1.00 11.48 ? 53  VAL M CG1 1 
ATOM   248 C CG2 . VAL A 1 38 ? 7.542   1.953   -1.597  1.00 11.01 ? 53  VAL M CG2 1 
ATOM   249 N N   . LEU A 1 39 ? 4.170   4.087   0.561   1.00 10.92 ? 54  LEU M N   1 
ATOM   250 C CA  . LEU A 1 39 ? 2.936   4.294   1.318   1.00 10.87 ? 54  LEU M CA  1 
ATOM   251 C C   . LEU A 1 39 ? 2.010   5.241   0.571   1.00 11.48 ? 54  LEU M C   1 
ATOM   252 O O   . LEU A 1 39 ? 0.809   4.996   0.468   1.00 8.51  ? 54  LEU M O   1 
ATOM   253 C CB  . LEU A 1 39 ? 3.239   4.874   2.706   1.00 11.48 ? 54  LEU M CB  1 
ATOM   254 C CG  . LEU A 1 39 ? 3.778   3.879   3.742   1.00 14.32 ? 54  LEU M CG  1 
ATOM   255 C CD1 . LEU A 1 39 ? 4.307   4.625   4.963   1.00 12.67 ? 54  LEU M CD1 1 
ATOM   256 C CD2 . LEU A 1 39 ? 2.673   2.906   4.137   1.00 13.54 ? 54  LEU M CD2 1 
ATOM   257 N N   . PHE A 1 40 ? 2.574   6.326   0.054   1.00 9.18  ? 55  PHE M N   1 
ATOM   258 C CA  . PHE A 1 40 ? 1.783   7.293   -0.686  1.00 10.94 ? 55  PHE M CA  1 
ATOM   259 C C   . PHE A 1 40 ? 1.125   6.657   -1.911  1.00 9.14  ? 55  PHE M C   1 
ATOM   260 O O   . PHE A 1 40 ? -0.083  6.785   -2.110  1.00 10.59 ? 55  PHE M O   1 
ATOM   261 C CB  . PHE A 1 40 ? 2.657   8.463   -1.133  1.00 11.18 ? 55  PHE M CB  1 
ATOM   262 C CG  . PHE A 1 40 ? 1.963   9.396   -2.078  1.00 11.39 ? 55  PHE M CG  1 
ATOM   263 C CD1 . PHE A 1 40 ? 0.965   10.250  -1.621  1.00 10.38 ? 55  PHE M CD1 1 
ATOM   264 C CD2 . PHE A 1 40 ? 2.273   9.387   -3.436  1.00 14.14 ? 55  PHE M CD2 1 
ATOM   265 C CE1 . PHE A 1 40 ? 0.280   11.091  -2.508  1.00 11.66 ? 55  PHE M CE1 1 
ATOM   266 C CE2 . PHE A 1 40 ? 1.596   10.221  -4.329  1.00 12.71 ? 55  PHE M CE2 1 
ATOM   267 C CZ  . PHE A 1 40 ? 0.596   11.074  -3.858  1.00 10.49 ? 55  PHE M CZ  1 
ATOM   268 N N   . TYR A 1 41 ? 1.913   5.959   -2.723  1.00 9.73  ? 56  TYR M N   1 
ATOM   269 C CA  . TYR A 1 41 ? 1.369   5.331   -3.928  1.00 11.52 ? 56  TYR M CA  1 
ATOM   270 C C   . TYR A 1 41 ? 0.301   4.289   -3.626  1.00 10.65 ? 56  TYR M C   1 
ATOM   271 O O   . TYR A 1 41 ? -0.694  4.192   -4.344  1.00 7.82  ? 56  TYR M O   1 
ATOM   272 C CB  . TYR A 1 41 ? 2.478   4.687   -4.757  1.00 10.97 ? 56  TYR M CB  1 
ATOM   273 C CG  . TYR A 1 41 ? 3.291   5.664   -5.573  1.00 12.65 ? 56  TYR M CG  1 
ATOM   274 C CD1 . TYR A 1 41 ? 2.670   6.661   -6.327  1.00 12.47 ? 56  TYR M CD1 1 
ATOM   275 C CD2 . TYR A 1 41 ? 4.678   5.553   -5.641  1.00 15.09 ? 56  TYR M CD2 1 
ATOM   276 C CE1 . TYR A 1 41 ? 3.413   7.523   -7.137  1.00 14.77 ? 56  TYR M CE1 1 
ATOM   277 C CE2 . TYR A 1 41 ? 5.432   6.404   -6.450  1.00 16.36 ? 56  TYR M CE2 1 
ATOM   278 C CZ  . TYR A 1 41 ? 4.795   7.383   -7.195  1.00 17.30 ? 56  TYR M CZ  1 
ATOM   279 O OH  . TYR A 1 41 ? 5.540   8.194   -8.023  1.00 18.91 ? 56  TYR M OH  1 
ATOM   280 N N   . LEU A 1 42 ? 0.515   3.497   -2.581  1.00 10.85 ? 57  LEU M N   1 
ATOM   281 C CA  . LEU A 1 42 ? -0.462  2.475   -2.207  1.00 12.17 ? 57  LEU M CA  1 
ATOM   282 C C   . LEU A 1 42 ? -1.790  3.140   -1.852  1.00 11.30 ? 57  LEU M C   1 
ATOM   283 O O   . LEU A 1 42 ? -2.864  2.639   -2.197  1.00 12.51 ? 57  LEU M O   1 
ATOM   284 C CB  . LEU A 1 42 ? 0.045   1.663   -1.011  1.00 12.94 ? 57  LEU M CB  1 
ATOM   285 C CG  . LEU A 1 42 ? -0.955  0.676   -0.393  1.00 15.65 ? 57  LEU M CG  1 
ATOM   286 C CD1 . LEU A 1 42 ? -1.407  -0.344  -1.438  1.00 15.86 ? 57  LEU M CD1 1 
ATOM   287 C CD2 . LEU A 1 42 ? -0.296  -0.030  0.788   1.00 15.50 ? 57  LEU M CD2 1 
ATOM   288 N N   . GLY A 1 43 ? -1.717  4.268   -1.158  1.00 11.63 ? 58  GLY M N   1 
ATOM   289 C CA  . GLY A 1 43 ? -2.934  4.974   -0.789  1.00 11.96 ? 58  GLY M CA  1 
ATOM   290 C C   . GLY A 1 43 ? -3.671  5.403   -2.043  1.00 13.24 ? 58  GLY M C   1 
ATOM   291 O O   . GLY A 1 43 ? -4.886  5.235   -2.166  1.00 11.45 ? 58  GLY M O   1 
ATOM   292 N N   . GLN A 1 44 ? -2.927  5.952   -2.994  1.00 12.79 ? 59  GLN M N   1 
ATOM   293 C CA  . GLN A 1 44 ? -3.527  6.404   -4.240  1.00 13.22 ? 59  GLN M CA  1 
ATOM   294 C C   . GLN A 1 44 ? -4.096  5.253   -5.058  1.00 12.78 ? 59  GLN M C   1 
ATOM   295 O O   . GLN A 1 44 ? -5.112  5.412   -5.738  1.00 11.31 ? 59  GLN M O   1 
ATOM   296 C CB  . GLN A 1 44 ? -2.498  7.186   -5.056  1.00 14.66 ? 59  GLN M CB  1 
ATOM   297 C CG  . GLN A 1 44 ? -2.089  8.487   -4.375  1.00 14.65 ? 59  GLN M CG  1 
ATOM   298 C CD  . GLN A 1 44 ? -3.294  9.317   -3.973  1.00 17.07 ? 59  GLN M CD  1 
ATOM   299 O OE1 . GLN A 1 44 ? -4.094  9.717   -4.820  1.00 17.77 ? 59  GLN M OE1 1 
ATOM   300 N NE2 . GLN A 1 44 ? -3.435  9.573   -2.675  1.00 16.61 ? 59  GLN M NE2 1 
ATOM   301 N N   . TYR A 1 45 ? -3.442  4.096   -4.991  1.00 11.08 ? 60  TYR M N   1 
ATOM   302 C CA  . TYR A 1 45 ? -3.898  2.911   -5.716  1.00 11.43 ? 60  TYR M CA  1 
ATOM   303 C C   . TYR A 1 45 ? -5.239  2.470   -5.132  1.00 12.85 ? 60  TYR M C   1 
ATOM   304 O O   . TYR A 1 45 ? -6.193  2.196   -5.865  1.00 10.54 ? 60  TYR M O   1 
ATOM   305 C CB  . TYR A 1 45 ? -2.878  1.775   -5.565  1.00 11.50 ? 60  TYR M CB  1 
ATOM   306 C CG  . TYR A 1 45 ? -3.312  0.456   -6.173  1.00 14.93 ? 60  TYR M CG  1 
ATOM   307 C CD1 . TYR A 1 45 ? -3.118  0.189   -7.529  1.00 13.78 ? 60  TYR M CD1 1 
ATOM   308 C CD2 . TYR A 1 45 ? -3.923  -0.526  -5.390  1.00 14.58 ? 60  TYR M CD2 1 
ATOM   309 C CE1 . TYR A 1 45 ? -3.520  -1.025  -8.089  1.00 15.13 ? 60  TYR M CE1 1 
ATOM   310 C CE2 . TYR A 1 45 ? -4.330  -1.739  -5.942  1.00 13.88 ? 60  TYR M CE2 1 
ATOM   311 C CZ  . TYR A 1 45 ? -4.122  -1.983  -7.288  1.00 13.29 ? 60  TYR M CZ  1 
ATOM   312 O OH  . TYR A 1 45 ? -4.494  -3.195  -7.828  1.00 13.63 ? 60  TYR M OH  1 
ATOM   313 N N   . ILE A 1 46 ? -5.296  2.386   -3.804  1.00 11.67 ? 61  ILE M N   1 
ATOM   314 C CA  . ILE A 1 46 ? -6.514  1.981   -3.114  1.00 13.16 ? 61  ILE M CA  1 
ATOM   315 C C   . ILE A 1 46 ? -7.636  2.943   -3.479  1.00 14.46 ? 61  ILE M C   1 
ATOM   316 O O   . ILE A 1 46 ? -8.750  2.534   -3.796  1.00 15.16 ? 61  ILE M O   1 
ATOM   317 C CB  . ILE A 1 46 ? -6.304  1.984   -1.577  1.00 11.85 ? 61  ILE M CB  1 
ATOM   318 C CG1 . ILE A 1 46 ? -5.380  0.825   -1.189  1.00 10.10 ? 61  ILE M CG1 1 
ATOM   319 C CG2 . ILE A 1 46 ? -7.649  1.879   -0.860  1.00 9.96  ? 61  ILE M CG2 1 
ATOM   320 C CD1 . ILE A 1 46 ? -4.925  0.826   0.252   1.00 11.12 ? 61  ILE M CD1 1 
ATOM   321 N N   . MET A 1 47 ? -7.331  4.233   -3.445  1.00 16.01 ? 62  MET M N   1 
ATOM   322 C CA  . MET A 1 47 ? -8.325  5.238   -3.780  1.00 19.74 ? 62  MET M CA  1 
ATOM   323 C C   . MET A 1 47 ? -8.809  5.130   -5.215  1.00 20.06 ? 62  MET M C   1 
ATOM   324 O O   . MET A 1 47 ? -10.012 5.065   -5.471  1.00 21.32 ? 62  MET M O   1 
ATOM   325 C CB  . MET A 1 47 ? -7.762  6.633   -3.568  1.00 21.60 ? 62  MET M CB  1 
ATOM   326 C CG  . MET A 1 47 ? -7.496  6.968   -2.136  1.00 25.23 ? 62  MET M CG  1 
ATOM   327 S SD  . MET A 1 47 ? -7.243  8.720   -1.996  1.00 30.70 ? 62  MET M SD  1 
ATOM   328 C CE  . MET A 1 47 ? -8.929  9.299   -2.101  1.00 28.40 ? 62  MET M CE  1 
ATOM   329 N N   . THR A 1 48 ? -7.869  5.109   -6.153  1.00 21.65 ? 63  THR M N   1 
ATOM   330 C CA  . THR A 1 48 ? -8.235  5.035   -7.559  1.00 22.12 ? 63  THR M CA  1 
ATOM   331 C C   . THR A 1 48 ? -9.066  3.790   -7.862  1.00 22.29 ? 63  THR M C   1 
ATOM   332 O O   . THR A 1 48 ? -9.946  3.828   -8.717  1.00 23.86 ? 63  THR M O   1 
ATOM   333 C CB  . THR A 1 48 ? -6.983  5.084   -8.477  1.00 22.62 ? 63  THR M CB  1 
ATOM   334 O OG1 . THR A 1 48 ? -7.397  5.374   -9.818  1.00 26.60 ? 63  THR M OG1 1 
ATOM   335 C CG2 . THR A 1 48 ? -6.243  3.757   -8.465  1.00 24.40 ? 63  THR M CG2 1 
ATOM   336 N N   . LYS A 1 49 ? -8.807  2.694   -7.153  1.00 21.41 ? 64  LYS M N   1 
ATOM   337 C CA  . LYS A 1 49 ? -9.576  1.473   -7.378  1.00 22.16 ? 64  LYS M CA  1 
ATOM   338 C C   . LYS A 1 49 ? -10.793 1.342   -6.461  1.00 21.44 ? 64  LYS M C   1 
ATOM   339 O O   . LYS A 1 49 ? -11.509 0.338   -6.507  1.00 20.44 ? 64  LYS M O   1 
ATOM   340 C CB  . LYS A 1 49 ? -8.688  0.241   -7.221  1.00 24.36 ? 64  LYS M CB  1 
ATOM   341 C CG  . LYS A 1 49 ? -7.840  -0.060  -8.443  1.00 24.97 ? 64  LYS M CG  1 
ATOM   342 C CD  . LYS A 1 49 ? -7.530  -1.538  -8.488  1.00 27.21 ? 64  LYS M CD  1 
ATOM   343 C CE  . LYS A 1 49 ? -7.015  -1.967  -9.843  1.00 26.22 ? 64  LYS M CE  1 
ATOM   344 N NZ  . LYS A 1 49 ? -6.872  -3.448  -9.898  1.00 27.46 ? 64  LYS M NZ  1 
ATOM   345 N N   . ARG A 1 50 ? -11.019 2.358   -5.632  1.00 19.83 ? 65  ARG M N   1 
ATOM   346 C CA  . ARG A 1 50 ? -12.153 2.378   -4.717  1.00 18.22 ? 65  ARG M CA  1 
ATOM   347 C C   . ARG A 1 50 ? -12.275 1.067   -3.941  1.00 16.33 ? 65  ARG M C   1 
ATOM   348 O O   . ARG A 1 50 ? -13.362 0.494   -3.858  1.00 11.31 ? 65  ARG M O   1 
ATOM   349 C CB  . ARG A 1 50 ? -13.450 2.617   -5.503  1.00 21.90 ? 65  ARG M CB  1 
ATOM   350 C CG  . ARG A 1 50 ? -13.458 3.864   -6.390  1.00 25.72 ? 65  ARG M CG  1 
ATOM   351 C CD  . ARG A 1 50 ? -13.510 5.143   -5.568  1.00 31.89 ? 65  ARG M CD  1 
ATOM   352 N NE  . ARG A 1 50 ? -13.785 6.326   -6.386  1.00 36.66 ? 65  ARG M NE  1 
ATOM   353 C CZ  . ARG A 1 50 ? -12.935 6.863   -7.259  1.00 39.09 ? 65  ARG M CZ  1 
ATOM   354 N NH1 . ARG A 1 50 ? -11.733 6.331   -7.441  1.00 39.30 ? 65  ARG M NH1 1 
ATOM   355 N NH2 . ARG A 1 50 ? -13.288 7.939   -7.954  1.00 40.30 ? 65  ARG M NH2 1 
ATOM   356 N N   . LEU A 1 51 ? -11.168 0.600   -3.367  1.00 14.05 ? 66  LEU M N   1 
ATOM   357 C CA  . LEU A 1 51 ? -11.186 -0.652  -2.613  1.00 14.19 ? 66  LEU M CA  1 
ATOM   358 C C   . LEU A 1 51 ? -11.784 -0.503  -1.218  1.00 15.05 ? 66  LEU M C   1 
ATOM   359 O O   . LEU A 1 51 ? -12.119 -1.495  -0.567  1.00 14.78 ? 66  LEU M O   1 
ATOM   360 C CB  . LEU A 1 51 ? -9.769  -1.229  -2.501  1.00 13.31 ? 66  LEU M CB  1 
ATOM   361 C CG  . LEU A 1 51 ? -9.078  -1.633  -3.812  1.00 13.73 ? 66  LEU M CG  1 
ATOM   362 C CD1 . LEU A 1 51 ? -7.744  -2.308  -3.493  1.00 12.38 ? 66  LEU M CD1 1 
ATOM   363 C CD2 . LEU A 1 51 ? -9.966  -2.584  -4.601  1.00 14.12 ? 66  LEU M CD2 1 
ATOM   364 N N   . TYR A 1 52 ? -11.911 0.734   -0.758  1.00 14.25 ? 67  TYR M N   1 
ATOM   365 C CA  . TYR A 1 52 ? -12.471 0.990   0.565   1.00 15.42 ? 67  TYR M CA  1 
ATOM   366 C C   . TYR A 1 52 ? -13.994 0.984   0.536   1.00 15.32 ? 67  TYR M C   1 
ATOM   367 O O   . TYR A 1 52 ? -14.614 1.078   -0.529  1.00 13.99 ? 67  TYR M O   1 
ATOM   368 C CB  . TYR A 1 52 ? -11.982 2.341   1.094   1.00 16.63 ? 67  TYR M CB  1 
ATOM   369 C CG  . TYR A 1 52 ? -12.316 3.515   0.193   1.00 20.58 ? 67  TYR M CG  1 
ATOM   370 C CD1 . TYR A 1 52 ? -13.619 4.018   0.113   1.00 21.53 ? 67  TYR M CD1 1 
ATOM   371 C CD2 . TYR A 1 52 ? -11.331 4.108   -0.598  1.00 21.56 ? 67  TYR M CD2 1 
ATOM   372 C CE1 . TYR A 1 52 ? -13.928 5.087   -0.739  1.00 23.04 ? 67  TYR M CE1 1 
ATOM   373 C CE2 . TYR A 1 52 ? -11.630 5.172   -1.449  1.00 23.93 ? 67  TYR M CE2 1 
ATOM   374 C CZ  . TYR A 1 52 ? -12.926 5.655   -1.516  1.00 24.79 ? 67  TYR M CZ  1 
ATOM   375 O OH  . TYR A 1 52 ? -13.213 6.695   -2.373  1.00 25.69 ? 67  TYR M OH  1 
ATOM   376 N N   . ASP A 1 53 ? -14.590 0.867   1.717   1.00 13.67 ? 68  ASP M N   1 
ATOM   377 C CA  . ASP A 1 53 ? -16.036 0.885   1.846   1.00 13.75 ? 68  ASP M CA  1 
ATOM   378 C C   . ASP A 1 53 ? -16.436 2.355   1.811   1.00 13.46 ? 68  ASP M C   1 
ATOM   379 O O   . ASP A 1 53 ? -15.959 3.160   2.614   1.00 11.40 ? 68  ASP M O   1 
ATOM   380 C CB  . ASP A 1 53 ? -16.460 0.255   3.175   1.00 11.76 ? 68  ASP M CB  1 
ATOM   381 C CG  . ASP A 1 53 ? -17.966 0.290   3.389   1.00 14.53 ? 68  ASP M CG  1 
ATOM   382 O OD1 . ASP A 1 53 ? -18.433 -0.270  4.401   1.00 13.58 ? 68  ASP M OD1 1 
ATOM   383 O OD2 . ASP A 1 53 ? -18.683 0.879   2.552   1.00 13.91 ? 68  ASP M OD2 1 
ATOM   384 N N   . GLU A 1 54 ? -17.307 2.703   0.874   1.00 14.89 ? 69  GLU M N   1 
ATOM   385 C CA  . GLU A 1 54 ? -17.764 4.078   0.734   1.00 15.80 ? 69  GLU M CA  1 
ATOM   386 C C   . GLU A 1 54 ? -18.341 4.612   2.051   1.00 14.87 ? 69  GLU M C   1 
ATOM   387 O O   . GLU A 1 54 ? -18.156 5.783   2.385   1.00 13.22 ? 69  GLU M O   1 
ATOM   388 C CB  . GLU A 1 54 ? -18.817 4.145   -0.378  1.00 20.09 ? 69  GLU M CB  1 
ATOM   389 C CG  . GLU A 1 54 ? -19.340 5.535   -0.709  1.00 24.95 ? 69  GLU M CG  1 
ATOM   390 C CD  . GLU A 1 54 ? -18.248 6.492   -1.141  1.00 27.56 ? 69  GLU M CD  1 
ATOM   391 O OE1 . GLU A 1 54 ? -17.290 6.051   -1.814  1.00 29.40 ? 69  GLU M OE1 1 
ATOM   392 O OE2 . GLU A 1 54 ? -18.356 7.695   -0.823  1.00 30.98 ? 69  GLU M OE2 1 
ATOM   393 N N   . LYS A 1 55 ? -19.022 3.744   2.798   1.00 13.76 ? 70  LYS M N   1 
ATOM   394 C CA  . LYS A 1 55 ? -19.645 4.128   4.076   1.00 14.78 ? 70  LYS M CA  1 
ATOM   395 C C   . LYS A 1 55 ? -18.767 3.946   5.319   1.00 13.83 ? 70  LYS M C   1 
ATOM   396 O O   . LYS A 1 55 ? -19.193 4.236   6.439   1.00 13.97 ? 70  LYS M O   1 
ATOM   397 C CB  . LYS A 1 55 ? -20.942 3.343   4.269   1.00 16.30 ? 70  LYS M CB  1 
ATOM   398 C CG  . LYS A 1 55 ? -21.951 3.542   3.160   1.00 20.41 ? 70  LYS M CG  1 
ATOM   399 C CD  . LYS A 1 55 ? -22.324 5.002   3.017   1.00 25.05 ? 70  LYS M CD  1 
ATOM   400 C CE  . LYS A 1 55 ? -23.433 5.186   1.991   1.00 27.41 ? 70  LYS M CE  1 
ATOM   401 N NZ  . LYS A 1 55 ? -24.654 4.416   2.365   1.00 29.26 ? 70  LYS M NZ  1 
ATOM   402 N N   . GLN A 1 56 ? -17.553 3.446   5.129   1.00 12.73 ? 71  GLN M N   1 
ATOM   403 C CA  . GLN A 1 56 ? -16.615 3.250   6.236   1.00 12.03 ? 71  GLN M CA  1 
ATOM   404 C C   . GLN A 1 56 ? -15.257 3.177   5.557   1.00 11.71 ? 71  GLN M C   1 
ATOM   405 O O   . GLN A 1 56 ? -14.631 2.120   5.457   1.00 10.96 ? 71  GLN M O   1 
ATOM   406 C CB  . GLN A 1 56 ? -16.931 1.956   6.996   1.00 11.77 ? 71  GLN M CB  1 
ATOM   407 C CG  . GLN A 1 56 ? -16.062 1.762   8.227   1.00 12.65 ? 71  GLN M CG  1 
ATOM   408 C CD  . GLN A 1 56 ? -16.565 0.671   9.153   1.00 14.77 ? 71  GLN M CD  1 
ATOM   409 O OE1 . GLN A 1 56 ? -17.011 -0.391  8.709   1.00 14.63 ? 71  GLN M OE1 1 
ATOM   410 N NE2 . GLN A 1 56 ? -16.479 0.923   10.457  1.00 12.14 ? 71  GLN M NE2 1 
ATOM   411 N N   . GLN A 1 57 ? -14.822 4.338   5.087   1.00 11.93 ? 72  GLN M N   1 
ATOM   412 C CA  . GLN A 1 57 ? -13.591 4.465   4.327   1.00 13.37 ? 72  GLN M CA  1 
ATOM   413 C C   . GLN A 1 57 ? -12.266 4.096   4.981   1.00 14.24 ? 72  GLN M C   1 
ATOM   414 O O   . GLN A 1 57 ? -11.223 4.169   4.331   1.00 14.91 ? 72  GLN M O   1 
ATOM   415 C CB  . GLN A 1 57 ? -13.541 5.867   3.716   1.00 11.33 ? 72  GLN M CB  1 
ATOM   416 C CG  . GLN A 1 57 ? -14.819 6.146   2.919   1.00 11.74 ? 72  GLN M CG  1 
ATOM   417 C CD  . GLN A 1 57 ? -14.751 7.379   2.037   1.00 14.37 ? 72  GLN M CD  1 
ATOM   418 O OE1 . GLN A 1 57 ? -15.751 7.769   1.429   1.00 17.20 ? 72  GLN M OE1 1 
ATOM   419 N NE2 . GLN A 1 57 ? -13.578 7.994   1.957   1.00 13.79 ? 72  GLN M NE2 1 
ATOM   420 N N   . HIS A 1 58 ? -12.291 3.701   6.250   1.00 13.96 ? 73  HIS M N   1 
ATOM   421 C CA  . HIS A 1 58 ? -11.056 3.267   6.888   1.00 13.88 ? 73  HIS M CA  1 
ATOM   422 C C   . HIS A 1 58 ? -10.955 1.747   6.776   1.00 14.16 ? 73  HIS M C   1 
ATOM   423 O O   . HIS A 1 58 ? -10.029 1.133   7.302   1.00 14.68 ? 73  HIS M O   1 
ATOM   424 C CB  . HIS A 1 58 ? -10.975 3.733   8.355   1.00 16.47 ? 73  HIS M CB  1 
ATOM   425 C CG  . HIS A 1 58 ? -12.216 3.488   9.155   1.00 19.40 ? 73  HIS M CG  1 
ATOM   426 N ND1 . HIS A 1 58 ? -12.511 2.266   9.720   1.00 22.29 ? 73  HIS M ND1 1 
ATOM   427 C CD2 . HIS A 1 58 ? -13.223 4.320   9.511   1.00 19.02 ? 73  HIS M CD2 1 
ATOM   428 C CE1 . HIS A 1 58 ? -13.644 2.357   10.395  1.00 21.34 ? 73  HIS M CE1 1 
ATOM   429 N NE2 . HIS A 1 58 ? -14.097 3.594   10.284  1.00 22.79 ? 73  HIS M NE2 1 
ATOM   430 N N   . ILE A 1 59 ? -11.919 1.143   6.076   1.00 11.96 ? 74  ILE M N   1 
ATOM   431 C CA  . ILE A 1 59 ? -11.930 -0.306  5.857   1.00 12.54 ? 74  ILE M CA  1 
ATOM   432 C C   . ILE A 1 59 ? -11.668 -0.600  4.376   1.00 12.07 ? 74  ILE M C   1 
ATOM   433 O O   . ILE A 1 59 ? -12.370 -0.084  3.502   1.00 12.24 ? 74  ILE M O   1 
ATOM   434 C CB  . ILE A 1 59 ? -13.296 -0.941  6.246   1.00 14.32 ? 74  ILE M CB  1 
ATOM   435 C CG1 . ILE A 1 59 ? -13.580 -0.714  7.738   1.00 14.68 ? 74  ILE M CG1 1 
ATOM   436 C CG2 . ILE A 1 59 ? -13.288 -2.430  5.916   1.00 16.05 ? 74  ILE M CG2 1 
ATOM   437 C CD1 . ILE A 1 59 ? -12.494 -1.233  8.678   1.00 16.55 ? 74  ILE M CD1 1 
ATOM   438 N N   . VAL A 1 60 ? -10.665 -1.434  4.103   1.00 11.53 ? 75  VAL M N   1 
ATOM   439 C CA  . VAL A 1 60 ? -10.302 -1.792  2.732   1.00 12.14 ? 75  VAL M CA  1 
ATOM   440 C C   . VAL A 1 60 ? -10.519 -3.279  2.437   1.00 13.63 ? 75  VAL M C   1 
ATOM   441 O O   . VAL A 1 60 ? -10.020 -4.133  3.168   1.00 12.88 ? 75  VAL M O   1 
ATOM   442 C CB  . VAL A 1 60 ? -8.801  -1.480  2.452   1.00 12.93 ? 75  VAL M CB  1 
ATOM   443 C CG1 . VAL A 1 60 ? -8.437  -1.905  1.033   1.00 10.13 ? 75  VAL M CG1 1 
ATOM   444 C CG2 . VAL A 1 60 ? -8.515  0.010   2.664   1.00 10.72 ? 75  VAL M CG2 1 
ATOM   445 N N   . TYR A 1 61 ? -11.270 -3.588  1.379   1.00 14.59 ? 76  TYR M N   1 
ATOM   446 C CA  . TYR A 1 61 ? -11.489 -4.981  0.993   1.00 14.77 ? 76  TYR M CA  1 
ATOM   447 C C   . TYR A 1 61 ? -10.641 -5.199  -0.255  1.00 14.77 ? 76  TYR M C   1 
ATOM   448 O O   . TYR A 1 61 ? -10.899 -4.605  -1.307  1.00 15.78 ? 76  TYR M O   1 
ATOM   449 C CB  . TYR A 1 61 ? -12.958 -5.280  0.669   1.00 15.44 ? 76  TYR M CB  1 
ATOM   450 C CG  . TYR A 1 61 ? -13.207 -6.775  0.528   1.00 16.36 ? 76  TYR M CG  1 
ATOM   451 C CD1 . TYR A 1 61 ? -13.427 -7.571  1.652   1.00 17.79 ? 76  TYR M CD1 1 
ATOM   452 C CD2 . TYR A 1 61 ? -13.134 -7.404  -0.718  1.00 17.92 ? 76  TYR M CD2 1 
ATOM   453 C CE1 . TYR A 1 61 ? -13.561 -8.956  1.545   1.00 17.14 ? 76  TYR M CE1 1 
ATOM   454 C CE2 . TYR A 1 61 ? -13.265 -8.791  -0.836  1.00 17.71 ? 76  TYR M CE2 1 
ATOM   455 C CZ  . TYR A 1 61 ? -13.476 -9.560  0.299   1.00 18.60 ? 76  TYR M CZ  1 
ATOM   456 O OH  . TYR A 1 61 ? -13.570 -10.935 0.200   1.00 18.33 ? 76  TYR M OH  1 
ATOM   457 N N   . CYS A 1 62 ? -9.636  -6.057  -0.134  1.00 14.74 ? 77  CYS M N   1 
ATOM   458 C CA  . CYS A 1 62 ? -8.705  -6.304  -1.229  1.00 14.11 ? 77  CYS M CA  1 
ATOM   459 C C   . CYS A 1 62 ? -8.651  -7.729  -1.761  1.00 15.39 ? 77  CYS M C   1 
ATOM   460 O O   . CYS A 1 62 ? -7.843  -8.029  -2.637  1.00 15.35 ? 77  CYS M O   1 
ATOM   461 C CB  . CYS A 1 62 ? -7.306  -5.887  -0.777  1.00 14.29 ? 77  CYS M CB  1 
ATOM   462 S SG  . CYS A 1 62 ? -6.861  -6.530  0.864   1.00 15.20 ? 77  CYS M SG  1 
ATOM   463 N N   . SER A 1 63 ? -9.513  -8.601  -1.257  1.00 16.28 ? 78  SER M N   1 
ATOM   464 C CA  . SER A 1 63 ? -9.494  -9.993  -1.685  1.00 18.01 ? 78  SER M CA  1 
ATOM   465 C C   . SER A 1 63 ? -9.595  -10.218 -3.193  1.00 19.00 ? 78  SER M C   1 
ATOM   466 O O   . SER A 1 63 ? -8.960  -11.130 -3.726  1.00 18.57 ? 78  SER M O   1 
ATOM   467 C CB  . SER A 1 63 ? -10.599 -10.774 -0.978  1.00 19.13 ? 78  SER M CB  1 
ATOM   468 O OG  . SER A 1 63 ? -10.369 -12.166 -1.095  1.00 22.43 ? 78  SER M OG  1 
ATOM   469 N N   . ASN A 1 64 ? -10.382 -9.392  -3.877  1.00 18.29 ? 79  ASN M N   1 
ATOM   470 C CA  . ASN A 1 64 ? -10.572 -9.521  -5.324  1.00 19.67 ? 79  ASN M CA  1 
ATOM   471 C C   . ASN A 1 64 ? -9.642  -8.599  -6.105  1.00 19.79 ? 79  ASN M C   1 
ATOM   472 O O   . ASN A 1 64 ? -9.966  -8.191  -7.221  1.00 20.50 ? 79  ASN M O   1 
ATOM   473 C CB  . ASN A 1 64 ? -12.011 -9.162  -5.698  1.00 21.98 ? 79  ASN M CB  1 
ATOM   474 C CG  . ASN A 1 64 ? -13.035 -9.961  -4.925  1.00 23.86 ? 79  ASN M CG  1 
ATOM   475 O OD1 . ASN A 1 64 ? -14.156 -9.504  -4.714  1.00 26.81 ? 79  ASN M OD1 1 
ATOM   476 N ND2 . ASN A 1 64 ? -12.661 -11.164 -4.510  1.00 24.81 ? 79  ASN M ND2 1 
ATOM   477 N N   . ASP A 1 65 ? -8.486  -8.285  -5.534  1.00 18.72 ? 80  ASP M N   1 
ATOM   478 C CA  . ASP A 1 65 ? -7.562  -7.373  -6.186  1.00 17.33 ? 80  ASP M CA  1 
ATOM   479 C C   . ASP A 1 65 ? -6.109  -7.805  -6.019  1.00 16.56 ? 80  ASP M C   1 
ATOM   480 O O   . ASP A 1 65 ? -5.785  -8.632  -5.164  1.00 15.27 ? 80  ASP M O   1 
ATOM   481 C CB  . ASP A 1 65 ? -7.758  -5.970  -5.591  1.00 18.47 ? 80  ASP M CB  1 
ATOM   482 C CG  . ASP A 1 65 ? -6.994  -4.900  -6.337  1.00 17.45 ? 80  ASP M CG  1 
ATOM   483 O OD1 . ASP A 1 65 ? -7.562  -4.302  -7.277  1.00 15.42 ? 80  ASP M OD1 1 
ATOM   484 O OD2 . ASP A 1 65 ? -5.824  -4.663  -5.986  1.00 16.63 ? 80  ASP M OD2 1 
ATOM   485 N N   . LEU A 1 66 ? -5.241  -7.240  -6.851  1.00 15.21 ? 81  LEU M N   1 
ATOM   486 C CA  . LEU A 1 66 ? -3.813  -7.518  -6.794  1.00 16.18 ? 81  LEU M CA  1 
ATOM   487 C C   . LEU A 1 66 ? -3.301  -7.292  -5.370  1.00 14.90 ? 81  LEU M C   1 
ATOM   488 O O   . LEU A 1 66 ? -2.490  -8.067  -4.857  1.00 16.33 ? 81  LEU M O   1 
ATOM   489 C CB  . LEU A 1 66 ? -3.069  -6.590  -7.760  1.00 17.73 ? 81  LEU M CB  1 
ATOM   490 C CG  . LEU A 1 66 ? -1.538  -6.615  -7.736  1.00 22.98 ? 81  LEU M CG  1 
ATOM   491 C CD1 . LEU A 1 66 ? -1.037  -8.032  -8.001  1.00 22.38 ? 81  LEU M CD1 1 
ATOM   492 C CD2 . LEU A 1 66 ? -1.002  -5.648  -8.781  1.00 23.90 ? 81  LEU M CD2 1 
ATOM   493 N N   . LEU A 1 67 ? -3.784  -6.233  -4.732  1.00 13.58 ? 82  LEU M N   1 
ATOM   494 C CA  . LEU A 1 67 ? -3.361  -5.919  -3.370  1.00 13.69 ? 82  LEU M CA  1 
ATOM   495 C C   . LEU A 1 67 ? -3.620  -7.106  -2.435  1.00 14.19 ? 82  LEU M C   1 
ATOM   496 O O   . LEU A 1 67 ? -2.808  -7.405  -1.558  1.00 12.59 ? 82  LEU M O   1 
ATOM   497 C CB  . LEU A 1 67 ? -4.089  -4.668  -2.868  1.00 12.31 ? 82  LEU M CB  1 
ATOM   498 C CG  . LEU A 1 67 ? -3.755  -4.183  -1.456  1.00 10.73 ? 82  LEU M CG  1 
ATOM   499 C CD1 . LEU A 1 67 ? -2.250  -3.981  -1.315  1.00 11.64 ? 82  LEU M CD1 1 
ATOM   500 C CD2 . LEU A 1 67 ? -4.497  -2.884  -1.173  1.00 12.41 ? 82  LEU M CD2 1 
ATOM   501 N N   . GLY A 1 68 ? -4.749  -7.780  -2.633  1.00 13.70 ? 83  GLY M N   1 
ATOM   502 C CA  . GLY A 1 68 ? -5.077  -8.931  -1.809  1.00 13.86 ? 83  GLY M CA  1 
ATOM   503 C C   . GLY A 1 68 ? -4.065  -10.048 -1.995  1.00 15.30 ? 83  GLY M C   1 
ATOM   504 O O   . GLY A 1 68 ? -3.722  -10.758 -1.045  1.00 14.92 ? 83  GLY M O   1 
ATOM   505 N N   . ASP A 1 69 ? -3.580  -10.209 -3.222  1.00 16.55 ? 84  ASP M N   1 
ATOM   506 C CA  . ASP A 1 69 ? -2.590  -11.241 -3.502  1.00 19.01 ? 84  ASP M CA  1 
ATOM   507 C C   . ASP A 1 69 ? -1.260  -10.876 -2.853  1.00 18.75 ? 84  ASP M C   1 
ATOM   508 O O   . ASP A 1 69 ? -0.541  -11.744 -2.363  1.00 19.56 ? 84  ASP M O   1 
ATOM   509 C CB  . ASP A 1 69 ? -2.398  -11.413 -5.010  1.00 22.24 ? 84  ASP M CB  1 
ATOM   510 C CG  . ASP A 1 69 ? -3.651  -11.903 -5.700  1.00 27.26 ? 84  ASP M CG  1 
ATOM   511 O OD1 . ASP A 1 69 ? -4.360  -12.749 -5.110  1.00 28.91 ? 84  ASP M OD1 1 
ATOM   512 O OD2 . ASP A 1 69 ? -3.921  -11.453 -6.834  1.00 30.99 ? 84  ASP M OD2 1 
ATOM   513 N N   . LEU A 1 70 ? -0.937  -9.587  -2.847  1.00 17.43 ? 85  LEU M N   1 
ATOM   514 C CA  . LEU A 1 70 ? 0.311   -9.125  -2.244  1.00 17.85 ? 85  LEU M CA  1 
ATOM   515 C C   . LEU A 1 70 ? 0.323   -9.245  -0.718  1.00 16.44 ? 85  LEU M C   1 
ATOM   516 O O   . LEU A 1 70 ? 1.256   -9.801  -0.146  1.00 15.07 ? 85  LEU M O   1 
ATOM   517 C CB  . LEU A 1 70 ? 0.578   -7.668  -2.625  1.00 19.33 ? 85  LEU M CB  1 
ATOM   518 C CG  . LEU A 1 70 ? 1.017   -7.399  -4.064  1.00 22.69 ? 85  LEU M CG  1 
ATOM   519 C CD1 . LEU A 1 70 ? 1.104   -5.902  -4.298  1.00 23.83 ? 85  LEU M CD1 1 
ATOM   520 C CD2 . LEU A 1 70 ? 2.363   -8.060  -4.308  1.00 22.09 ? 85  LEU M CD2 1 
ATOM   521 N N   . PHE A 1 71 ? -0.711  -8.711  -0.072  1.00 15.27 ? 86  PHE M N   1 
ATOM   522 C CA  . PHE A 1 71 ? -0.822  -8.729  1.387   1.00 16.00 ? 86  PHE M CA  1 
ATOM   523 C C   . PHE A 1 71 ? -1.170  -10.086 1.993   1.00 16.99 ? 86  PHE M C   1 
ATOM   524 O O   . PHE A 1 71 ? -0.810  -10.371 3.137   1.00 17.64 ? 86  PHE M O   1 
ATOM   525 C CB  . PHE A 1 71 ? -1.854  -7.690  1.838   1.00 14.98 ? 86  PHE M CB  1 
ATOM   526 C CG  . PHE A 1 71 ? -1.311  -6.288  1.928   1.00 15.85 ? 86  PHE M CG  1 
ATOM   527 C CD1 . PHE A 1 71 ? -0.132  -5.935  1.270   1.00 14.08 ? 86  PHE M CD1 1 
ATOM   528 C CD2 . PHE A 1 71 ? -1.987  -5.312  2.659   1.00 16.21 ? 86  PHE M CD2 1 
ATOM   529 C CE1 . PHE A 1 71 ? 0.365   -4.634  1.337   1.00 14.49 ? 86  PHE M CE1 1 
ATOM   530 C CE2 . PHE A 1 71 ? -1.500  -4.004  2.733   1.00 15.80 ? 86  PHE M CE2 1 
ATOM   531 C CZ  . PHE A 1 71 ? -0.322  -3.666  2.070   1.00 16.28 ? 86  PHE M CZ  1 
ATOM   532 N N   . GLY A 1 72 ? -1.869  -10.920 1.232   1.00 16.52 ? 87  GLY M N   1 
ATOM   533 C CA  . GLY A 1 72 ? -2.234  -12.230 1.736   1.00 17.13 ? 87  GLY M CA  1 
ATOM   534 C C   . GLY A 1 72 ? -3.430  -12.210 2.669   1.00 16.20 ? 87  GLY M C   1 
ATOM   535 O O   . GLY A 1 72 ? -3.615  -13.125 3.475   1.00 17.30 ? 87  GLY M O   1 
ATOM   536 N N   . VAL A 1 73 ? -4.244  -11.167 2.571   1.00 15.51 ? 88  VAL M N   1 
ATOM   537 C CA  . VAL A 1 73 ? -5.432  -11.053 3.406   1.00 14.83 ? 88  VAL M CA  1 
ATOM   538 C C   . VAL A 1 73 ? -6.593  -10.545 2.565   1.00 14.15 ? 88  VAL M C   1 
ATOM   539 O O   . VAL A 1 73 ? -6.395  -9.886  1.547   1.00 12.04 ? 88  VAL M O   1 
ATOM   540 C CB  . VAL A 1 73 ? -5.211  -10.093 4.600   1.00 15.12 ? 88  VAL M CB  1 
ATOM   541 C CG1 . VAL A 1 73 ? -4.095  -10.625 5.493   1.00 16.75 ? 88  VAL M CG1 1 
ATOM   542 C CG2 . VAL A 1 73 ? -4.888  -8.692  4.100   1.00 14.80 ? 88  VAL M CG2 1 
ATOM   543 N N   . PRO A 1 74 ? -7.827  -10.859 2.975   1.00 14.60 ? 89  PRO M N   1 
ATOM   544 C CA  . PRO A 1 74 ? -8.983  -10.399 2.203   1.00 13.70 ? 89  PRO M CA  1 
ATOM   545 C C   . PRO A 1 74 ? -9.330  -8.938  2.463   1.00 12.70 ? 89  PRO M C   1 
ATOM   546 O O   . PRO A 1 74 ? -9.897  -8.266  1.607   1.00 11.82 ? 89  PRO M O   1 
ATOM   547 C CB  . PRO A 1 74 ? -10.090 -11.347 2.650   1.00 15.64 ? 89  PRO M CB  1 
ATOM   548 C CG  . PRO A 1 74 ? -9.748  -11.588 4.094   1.00 15.63 ? 89  PRO M CG  1 
ATOM   549 C CD  . PRO A 1 74 ? -8.235  -11.756 4.072   1.00 14.04 ? 89  PRO M CD  1 
ATOM   550 N N   . SER A 1 75 ? -8.972  -8.446  3.645   1.00 13.54 ? 90  SER M N   1 
ATOM   551 C CA  . SER A 1 75 ? -9.281  -7.068  4.009   1.00 12.70 ? 90  SER M CA  1 
ATOM   552 C C   . SER A 1 75 ? -8.433  -6.589  5.181   1.00 11.25 ? 90  SER M C   1 
ATOM   553 O O   . SER A 1 75 ? -7.718  -7.371  5.806   1.00 11.54 ? 90  SER M O   1 
ATOM   554 C CB  . SER A 1 75 ? -10.765 -6.956  4.383   1.00 12.49 ? 90  SER M CB  1 
ATOM   555 O OG  . SER A 1 75 ? -11.080 -7.801  5.483   1.00 12.45 ? 90  SER M OG  1 
ATOM   556 N N   . PHE A 1 76 ? -8.513  -5.294  5.465   1.00 11.49 ? 91  PHE M N   1 
ATOM   557 C CA  . PHE A 1 76 ? -7.784  -4.714  6.582   1.00 9.65  ? 91  PHE M CA  1 
ATOM   558 C C   . PHE A 1 76 ? -8.275  -3.304  6.861   1.00 11.23 ? 91  PHE M C   1 
ATOM   559 O O   . PHE A 1 76 ? -8.922  -2.680  6.013   1.00 9.63  ? 91  PHE M O   1 
ATOM   560 C CB  . PHE A 1 76 ? -6.274  -4.707  6.294   1.00 12.12 ? 91  PHE M CB  1 
ATOM   561 C CG  . PHE A 1 76 ? -5.870  -3.842  5.131   1.00 11.29 ? 91  PHE M CG  1 
ATOM   562 C CD1 . PHE A 1 76 ? -5.574  -2.495  5.320   1.00 11.88 ? 91  PHE M CD1 1 
ATOM   563 C CD2 . PHE A 1 76 ? -5.785  -4.376  3.847   1.00 11.20 ? 91  PHE M CD2 1 
ATOM   564 C CE1 . PHE A 1 76 ? -5.194  -1.688  4.243   1.00 12.02 ? 91  PHE M CE1 1 
ATOM   565 C CE2 . PHE A 1 76 ? -5.409  -3.582  2.763   1.00 10.69 ? 91  PHE M CE2 1 
ATOM   566 C CZ  . PHE A 1 76 ? -5.111  -2.237  2.960   1.00 11.35 ? 91  PHE M CZ  1 
ATOM   567 N N   . SER A 1 77 ? -7.988  -2.814  8.060   1.00 9.88  ? 92  SER M N   1 
ATOM   568 C CA  . SER A 1 77 ? -8.380  -1.468  8.446   1.00 10.68 ? 92  SER M CA  1 
ATOM   569 C C   . SER A 1 77 ? -7.152  -0.581  8.318   1.00 12.04 ? 92  SER M C   1 
ATOM   570 O O   . SER A 1 77 ? -6.044  -1.009  8.626   1.00 10.53 ? 92  SER M O   1 
ATOM   571 C CB  . SER A 1 77 ? -8.875  -1.450  9.894   1.00 10.58 ? 92  SER M CB  1 
ATOM   572 O OG  . SER A 1 77 ? -8.857  -0.132  10.411  1.00 9.65  ? 92  SER M OG  1 
ATOM   573 N N   . VAL A 1 78 ? -7.352  0.650   7.857   1.00 10.80 ? 93  VAL M N   1 
ATOM   574 C CA  . VAL A 1 78 ? -6.252  1.591   7.698   1.00 12.30 ? 93  VAL M CA  1 
ATOM   575 C C   . VAL A 1 78 ? -5.600  1.885   9.046   1.00 14.32 ? 93  VAL M C   1 
ATOM   576 O O   . VAL A 1 78 ? -4.456  2.333   9.101   1.00 13.18 ? 93  VAL M O   1 
ATOM   577 C CB  . VAL A 1 78 ? -6.748  2.916   7.052   1.00 11.76 ? 93  VAL M CB  1 
ATOM   578 C CG1 . VAL A 1 78 ? -5.655  3.978   7.092   1.00 16.36 ? 93  VAL M CG1 1 
ATOM   579 C CG2 . VAL A 1 78 ? -7.158  2.650   5.604   1.00 12.07 ? 93  VAL M CG2 1 
ATOM   580 N N   . LYS A 1 79 ? -6.324  1.617   10.131  1.00 14.12 ? 94  LYS M N   1 
ATOM   581 C CA  . LYS A 1 79 ? -5.803  1.862   11.473  1.00 14.64 ? 94  LYS M CA  1 
ATOM   582 C C   . LYS A 1 79 ? -4.873  0.762   11.971  1.00 13.10 ? 94  LYS M C   1 
ATOM   583 O O   . LYS A 1 79 ? -4.283  0.890   13.046  1.00 12.41 ? 94  LYS M O   1 
ATOM   584 C CB  . LYS A 1 79 ? -6.954  2.039   12.469  1.00 17.95 ? 94  LYS M CB  1 
ATOM   585 C CG  . LYS A 1 79 ? -7.837  3.243   12.183  1.00 25.32 ? 94  LYS M CG  1 
ATOM   586 C CD  . LYS A 1 79 ? -7.023  4.531   12.152  1.00 28.99 ? 94  LYS M CD  1 
ATOM   587 C CE  . LYS A 1 79 ? -7.894  5.728   11.801  1.00 32.21 ? 94  LYS M CE  1 
ATOM   588 N NZ  . LYS A 1 79 ? -7.089  6.977   11.671  1.00 32.82 ? 94  LYS M NZ  1 
ATOM   589 N N   . GLU A 1 80 ? -4.750  -0.315  11.197  1.00 11.07 ? 95  GLU M N   1 
ATOM   590 C CA  . GLU A 1 80 ? -3.878  -1.424  11.568  1.00 10.00 ? 95  GLU M CA  1 
ATOM   591 C C   . GLU A 1 80 ? -2.479  -1.160  11.013  1.00 10.57 ? 95  GLU M C   1 
ATOM   592 O O   . GLU A 1 80 ? -2.024  -1.809  10.070  1.00 8.62  ? 95  GLU M O   1 
ATOM   593 C CB  . GLU A 1 80 ? -4.446  -2.737  11.029  1.00 9.55  ? 95  GLU M CB  1 
ATOM   594 C CG  . GLU A 1 80 ? -5.778  -3.119  11.678  1.00 10.72 ? 95  GLU M CG  1 
ATOM   595 C CD  . GLU A 1 80 ? -6.316  -4.452  11.206  1.00 10.69 ? 95  GLU M CD  1 
ATOM   596 O OE1 . GLU A 1 80 ? -6.954  -4.498  10.134  1.00 9.63  ? 95  GLU M OE1 1 
ATOM   597 O OE2 . GLU A 1 80 ? -6.095  -5.461  11.909  1.00 12.66 ? 95  GLU M OE2 1 
ATOM   598 N N   . HIS A 1 81 ? -1.808  -0.185  11.616  1.00 8.84  ? 96  HIS M N   1 
ATOM   599 C CA  . HIS A 1 81 ? -0.478  0.222   11.188  1.00 10.13 ? 96  HIS M CA  1 
ATOM   600 C C   . HIS A 1 81 ? 0.572   -0.880  11.164  1.00 11.35 ? 96  HIS M C   1 
ATOM   601 O O   . HIS A 1 81 ? 1.278   -1.033  10.164  1.00 12.70 ? 96  HIS M O   1 
ATOM   602 C CB  . HIS A 1 81 ? 0.000   1.384   12.056  1.00 12.38 ? 96  HIS M CB  1 
ATOM   603 C CG  . HIS A 1 81 ? -0.810  2.632   11.881  1.00 15.69 ? 96  HIS M CG  1 
ATOM   604 N ND1 . HIS A 1 81 ? -1.935  2.682   11.086  1.00 16.99 ? 96  HIS M ND1 1 
ATOM   605 C CD2 . HIS A 1 81 ? -0.668  3.870   12.410  1.00 16.06 ? 96  HIS M CD2 1 
ATOM   606 C CE1 . HIS A 1 81 ? -2.451  3.898   11.132  1.00 18.90 ? 96  HIS M CE1 1 
ATOM   607 N NE2 . HIS A 1 81 ? -1.702  4.637   11.930  1.00 18.78 ? 96  HIS M NE2 1 
ATOM   608 N N   . ARG A 1 82 ? 0.692   -1.646  12.247  1.00 10.69 ? 97  ARG M N   1 
ATOM   609 C CA  . ARG A 1 82 ? 1.696   -2.710  12.274  1.00 11.99 ? 97  ARG M CA  1 
ATOM   610 C C   . ARG A 1 82 ? 1.451   -3.702  11.151  1.00 11.77 ? 97  ARG M C   1 
ATOM   611 O O   . ARG A 1 82 ? 2.385   -4.141  10.483  1.00 11.11 ? 97  ARG M O   1 
ATOM   612 C CB  . ARG A 1 82 ? 1.687   -3.474  13.603  1.00 15.42 ? 97  ARG M CB  1 
ATOM   613 C CG  . ARG A 1 82 ? 2.608   -4.707  13.571  1.00 20.29 ? 97  ARG M CG  1 
ATOM   614 C CD  . ARG A 1 82 ? 2.418   -5.612  14.781  1.00 26.21 ? 97  ARG M CD  1 
ATOM   615 N NE  . ARG A 1 82 ? 3.457   -5.433  15.791  1.00 30.79 ? 97  ARG M NE  1 
ATOM   616 C CZ  . ARG A 1 82 ? 4.638   -6.046  15.777  1.00 31.30 ? 97  ARG M CZ  1 
ATOM   617 N NH1 . ARG A 1 82 ? 4.947   -6.893  14.805  1.00 30.87 ? 97  ARG M NH1 1 
ATOM   618 N NH2 . ARG A 1 82 ? 5.511   -5.818  16.749  1.00 32.01 ? 97  ARG M NH2 1 
ATOM   619 N N   . LYS A 1 83 ? 0.187   -4.062  10.956  1.00 10.22 ? 98  LYS M N   1 
ATOM   620 C CA  . LYS A 1 83 ? -0.181  -5.015  9.921   1.00 10.55 ? 98  LYS M CA  1 
ATOM   621 C C   . LYS A 1 83 ? 0.173   -4.492  8.536   1.00 10.17 ? 98  LYS M C   1 
ATOM   622 O O   . LYS A 1 83 ? 0.773   -5.204  7.731   1.00 8.90  ? 98  LYS M O   1 
ATOM   623 C CB  . LYS A 1 83 ? -1.682  -5.320  9.983   1.00 11.42 ? 98  LYS M CB  1 
ATOM   624 C CG  . LYS A 1 83 ? -2.157  -6.294  8.911   1.00 10.35 ? 98  LYS M CG  1 
ATOM   625 C CD  . LYS A 1 83 ? -3.659  -6.557  8.982   1.00 11.17 ? 98  LYS M CD  1 
ATOM   626 C CE  . LYS A 1 83 ? -4.035  -7.313  10.253  1.00 11.34 ? 98  LYS M CE  1 
ATOM   627 N NZ  . LYS A 1 83 ? -5.498  -7.631  10.296  1.00 11.92 ? 98  LYS M NZ  1 
ATOM   628 N N   . ILE A 1 84 ? -0.192  -3.243  8.263   1.00 9.78  ? 99  ILE M N   1 
ATOM   629 C CA  . ILE A 1 84 ? 0.084   -2.658  6.963   1.00 7.90  ? 99  ILE M CA  1 
ATOM   630 C C   . ILE A 1 84 ? 1.581   -2.557  6.692   1.00 8.93  ? 99  ILE M C   1 
ATOM   631 O O   . ILE A 1 84 ? 2.041   -2.920  5.608   1.00 7.59  ? 99  ILE M O   1 
ATOM   632 C CB  . ILE A 1 84 ? -0.600  -1.280  6.834   1.00 9.95  ? 99  ILE M CB  1 
ATOM   633 C CG1 . ILE A 1 84 ? -2.127  -1.480  6.836   1.00 6.44  ? 99  ILE M CG1 1 
ATOM   634 C CG2 . ILE A 1 84 ? -0.162  -0.583  5.544   1.00 8.41  ? 99  ILE M CG2 1 
ATOM   635 C CD1 . ILE A 1 84 ? -2.926  -0.194  6.973   1.00 11.20 ? 99  ILE M CD1 1 
ATOM   636 N N   . TYR A 1 85 ? 2.347   -2.083  7.669   1.00 8.68  ? 100 TYR M N   1 
ATOM   637 C CA  . TYR A 1 85 ? 3.790   -1.983  7.485   1.00 10.27 ? 100 TYR M CA  1 
ATOM   638 C C   . TYR A 1 85 ? 4.418   -3.357  7.259   1.00 9.47  ? 100 TYR M C   1 
ATOM   639 O O   . TYR A 1 85 ? 5.196   -3.537  6.327   1.00 10.29 ? 100 TYR M O   1 
ATOM   640 C CB  . TYR A 1 85 ? 4.456   -1.311  8.693   1.00 10.49 ? 100 TYR M CB  1 
ATOM   641 C CG  . TYR A 1 85 ? 4.556   0.197   8.593   1.00 13.89 ? 100 TYR M CG  1 
ATOM   642 C CD1 . TYR A 1 85 ? 3.441   1.008   8.787   1.00 16.46 ? 100 TYR M CD1 1 
ATOM   643 C CD2 . TYR A 1 85 ? 5.776   0.814   8.311   1.00 17.15 ? 100 TYR M CD2 1 
ATOM   644 C CE1 . TYR A 1 85 ? 3.539   2.400   8.711   1.00 17.02 ? 100 TYR M CE1 1 
ATOM   645 C CE2 . TYR A 1 85 ? 5.884   2.201   8.230   1.00 16.85 ? 100 TYR M CE2 1 
ATOM   646 C CZ  . TYR A 1 85 ? 4.765   2.988   8.433   1.00 18.45 ? 100 TYR M CZ  1 
ATOM   647 O OH  . TYR A 1 85 ? 4.874   4.361   8.374   1.00 17.79 ? 100 TYR M OH  1 
ATOM   648 N N   . THR A 1 86 ? 4.080   -4.331  8.101   1.00 9.40  ? 101 THR M N   1 
ATOM   649 C CA  . THR A 1 86 ? 4.659   -5.664  7.947   1.00 10.07 ? 101 THR M CA  1 
ATOM   650 C C   . THR A 1 86 ? 4.300   -6.292  6.605   1.00 9.67  ? 101 THR M C   1 
ATOM   651 O O   . THR A 1 86 ? 5.140   -6.938  5.976   1.00 9.06  ? 101 THR M O   1 
ATOM   652 C CB  . THR A 1 86 ? 4.228   -6.629  9.093   1.00 11.53 ? 101 THR M CB  1 
ATOM   653 O OG1 . THR A 1 86 ? 2.817   -6.857  9.037   1.00 19.28 ? 101 THR M OG1 1 
ATOM   654 C CG2 . THR A 1 86 ? 4.589   -6.037  10.451  1.00 12.11 ? 101 THR M CG2 1 
ATOM   655 N N   . MET A 1 87 ? 3.060   -6.102  6.158   1.00 7.31  ? 102 MET M N   1 
ATOM   656 C CA  . MET A 1 87 ? 2.646   -6.664  4.877   1.00 8.93  ? 102 MET M CA  1 
ATOM   657 C C   . MET A 1 87 ? 3.408   -5.990  3.733   1.00 8.75  ? 102 MET M C   1 
ATOM   658 O O   . MET A 1 87 ? 3.784   -6.643  2.762   1.00 8.27  ? 102 MET M O   1 
ATOM   659 C CB  . MET A 1 87 ? 1.133   -6.507  4.680   1.00 10.22 ? 102 MET M CB  1 
ATOM   660 C CG  . MET A 1 87 ? 0.301   -7.353  5.637   1.00 14.90 ? 102 MET M CG  1 
ATOM   661 S SD  . MET A 1 87 ? 0.872   -9.077  5.709   1.00 23.17 ? 102 MET M SD  1 
ATOM   662 C CE  . MET A 1 87 ? 1.739   -9.086  7.276   1.00 23.15 ? 102 MET M CE  1 
ATOM   663 N N   . ILE A 1 88 ? 3.644   -4.688  3.853   1.00 7.43  ? 103 ILE M N   1 
ATOM   664 C CA  . ILE A 1 88 ? 4.387   -3.959  2.822   1.00 8.14  ? 103 ILE M CA  1 
ATOM   665 C C   . ILE A 1 88 ? 5.840   -4.447  2.786   1.00 9.70  ? 103 ILE M C   1 
ATOM   666 O O   . ILE A 1 88 ? 6.394   -4.694  1.708   1.00 8.20  ? 103 ILE M O   1 
ATOM   667 C CB  . ILE A 1 88 ? 4.351   -2.439  3.083   1.00 8.68  ? 103 ILE M CB  1 
ATOM   668 C CG1 . ILE A 1 88 ? 2.930   -1.915  2.843   1.00 8.42  ? 103 ILE M CG1 1 
ATOM   669 C CG2 . ILE A 1 88 ? 5.339   -1.722  2.173   1.00 10.25 ? 103 ILE M CG2 1 
ATOM   670 C CD1 . ILE A 1 88 ? 2.721   -0.466  3.268   1.00 8.38  ? 103 ILE M CD1 1 
ATOM   671 N N   . TYR A 1 89 ? 6.453   -4.601  3.958   1.00 8.82  ? 104 TYR M N   1 
ATOM   672 C CA  . TYR A 1 89 ? 7.833   -5.081  4.028   1.00 10.18 ? 104 TYR M CA  1 
ATOM   673 C C   . TYR A 1 89 ? 7.976   -6.478  3.409   1.00 10.07 ? 104 TYR M C   1 
ATOM   674 O O   . TYR A 1 89 ? 9.008   -6.788  2.816   1.00 10.85 ? 104 TYR M O   1 
ATOM   675 C CB  . TYR A 1 89 ? 8.333   -5.123  5.481   1.00 8.55  ? 104 TYR M CB  1 
ATOM   676 C CG  . TYR A 1 89 ? 8.912   -3.822  6.017   1.00 11.41 ? 104 TYR M CG  1 
ATOM   677 C CD1 . TYR A 1 89 ? 8.217   -3.063  6.962   1.00 12.50 ? 104 TYR M CD1 1 
ATOM   678 C CD2 . TYR A 1 89 ? 10.182  -3.382  5.628   1.00 12.19 ? 104 TYR M CD2 1 
ATOM   679 C CE1 . TYR A 1 89 ? 8.770   -1.903  7.512   1.00 13.21 ? 104 TYR M CE1 1 
ATOM   680 C CE2 . TYR A 1 89 ? 10.748  -2.222  6.173   1.00 12.79 ? 104 TYR M CE2 1 
ATOM   681 C CZ  . TYR A 1 89 ? 10.034  -1.490  7.116   1.00 14.80 ? 104 TYR M CZ  1 
ATOM   682 O OH  . TYR A 1 89 ? 10.577  -0.346  7.664   1.00 15.83 ? 104 TYR M OH  1 
ATOM   683 N N   . ARG A 1 90 ? 6.946   -7.316  3.546   1.00 9.87  ? 105 ARG M N   1 
ATOM   684 C CA  . ARG A 1 90 ? 6.984   -8.672  2.982   1.00 11.08 ? 105 ARG M CA  1 
ATOM   685 C C   . ARG A 1 90 ? 6.950   -8.652  1.454   1.00 12.20 ? 105 ARG M C   1 
ATOM   686 O O   . ARG A 1 90 ? 7.105   -9.694  0.803   1.00 11.36 ? 105 ARG M O   1 
ATOM   687 C CB  . ARG A 1 90 ? 5.810   -9.514  3.495   1.00 11.24 ? 105 ARG M CB  1 
ATOM   688 C CG  . ARG A 1 90 ? 5.862   -9.840  4.993   1.00 9.31  ? 105 ARG M CG  1 
ATOM   689 C CD  . ARG A 1 90 ? 4.698   -10.750 5.409   1.00 12.68 ? 105 ARG M CD  1 
ATOM   690 N NE  . ARG A 1 90 ? 4.759   -11.111 6.831   1.00 11.16 ? 105 ARG M NE  1 
ATOM   691 C CZ  . ARG A 1 90 ? 3.860   -11.876 7.446   1.00 13.54 ? 105 ARG M CZ  1 
ATOM   692 N NH1 . ARG A 1 90 ? 3.993   -12.153 8.738   1.00 9.88  ? 105 ARG M NH1 1 
ATOM   693 N NH2 . ARG A 1 90 ? 2.819   -12.360 6.770   1.00 11.68 ? 105 ARG M NH2 1 
ATOM   694 N N   . ASN A 1 91 ? 6.743   -7.470  0.878   1.00 11.47 ? 106 ASN M N   1 
ATOM   695 C CA  . ASN A 1 91 ? 6.696   -7.346  -0.574  1.00 12.90 ? 106 ASN M CA  1 
ATOM   696 C C   . ASN A 1 91 ? 7.818   -6.503  -1.169  1.00 13.62 ? 106 ASN M C   1 
ATOM   697 O O   . ASN A 1 91 ? 7.717   -6.026  -2.302  1.00 14.53 ? 106 ASN M O   1 
ATOM   698 C CB  . ASN A 1 91 ? 5.346   -6.787  -1.015  1.00 14.27 ? 106 ASN M CB  1 
ATOM   699 C CG  . ASN A 1 91 ? 4.228   -7.793  -0.851  1.00 15.01 ? 106 ASN M CG  1 
ATOM   700 O OD1 . ASN A 1 91 ? 3.498   -7.779  0.142   1.00 17.45 ? 106 ASN M OD1 1 
ATOM   701 N ND2 . ASN A 1 91 ? 4.104   -8.692  -1.820  1.00 16.68 ? 106 ASN M ND2 1 
ATOM   702 N N   . LEU A 1 92 ? 8.893   -6.336  -0.411  1.00 10.93 ? 107 LEU M N   1 
ATOM   703 C CA  . LEU A 1 92 ? 10.027  -5.558  -0.883  1.00 10.89 ? 107 LEU M CA  1 
ATOM   704 C C   . LEU A 1 92 ? 11.288  -5.942  -0.129  1.00 10.39 ? 107 LEU M C   1 
ATOM   705 O O   . LEU A 1 92 ? 11.252  -6.766  0.787   1.00 11.67 ? 107 LEU M O   1 
ATOM   706 C CB  . LEU A 1 92 ? 9.741   -4.062  -0.698  1.00 9.89  ? 107 LEU M CB  1 
ATOM   707 C CG  . LEU A 1 92 ? 9.377   -3.606  0.723   1.00 10.62 ? 107 LEU M CG  1 
ATOM   708 C CD1 . LEU A 1 92 ? 10.632  -3.531  1.603   1.00 10.79 ? 107 LEU M CD1 1 
ATOM   709 C CD2 . LEU A 1 92 ? 8.705   -2.248  0.640   1.00 7.24  ? 107 LEU M CD2 1 
ATOM   710 N N   . VAL A 1 93 ? 12.404  -5.343  -0.530  1.00 9.53  ? 108 VAL M N   1 
ATOM   711 C CA  . VAL A 1 93 ? 13.690  -5.575  0.111   1.00 9.70  ? 108 VAL M CA  1 
ATOM   712 C C   . VAL A 1 93 ? 14.234  -4.213  0.524   1.00 12.24 ? 108 VAL M C   1 
ATOM   713 O O   . VAL A 1 93 ? 14.165  -3.248  -0.242  1.00 12.26 ? 108 VAL M O   1 
ATOM   714 C CB  . VAL A 1 93 ? 14.684  -6.262  -0.862  1.00 11.22 ? 108 VAL M CB  1 
ATOM   715 C CG1 . VAL A 1 93 ? 16.088  -6.250  -0.284  1.00 13.61 ? 108 VAL M CG1 1 
ATOM   716 C CG2 . VAL A 1 93 ? 14.237  -7.699  -1.113  1.00 10.45 ? 108 VAL M CG2 1 
ATOM   717 N N   . VAL A 1 94 ? 14.752  -4.124  1.743   1.00 13.00 ? 109 VAL M N   1 
ATOM   718 C CA  . VAL A 1 94 ? 15.295  -2.864  2.223   1.00 14.62 ? 109 VAL M CA  1 
ATOM   719 C C   . VAL A 1 94 ? 16.720  -2.728  1.713   1.00 16.24 ? 109 VAL M C   1 
ATOM   720 O O   . VAL A 1 94 ? 17.485  -3.692  1.726   1.00 15.62 ? 109 VAL M O   1 
ATOM   721 C CB  . VAL A 1 94 ? 15.283  -2.796  3.770   1.00 14.73 ? 109 VAL M CB  1 
ATOM   722 C CG1 . VAL A 1 94 ? 15.949  -1.505  4.248   1.00 14.23 ? 109 VAL M CG1 1 
ATOM   723 C CG2 . VAL A 1 94 ? 13.847  -2.863  4.272   1.00 14.46 ? 109 VAL M CG2 1 
ATOM   724 N N   . VAL A 1 95 ? 17.060  -1.535  1.236   1.00 18.05 ? 110 VAL M N   1 
ATOM   725 C CA  . VAL A 1 95 ? 18.397  -1.274  0.726   1.00 20.86 ? 110 VAL M CA  1 
ATOM   726 C C   . VAL A 1 95 ? 19.163  -0.396  1.703   1.00 22.29 ? 110 VAL M C   1 
ATOM   727 O O   . VAL A 1 95 ? 18.573  0.577   2.213   1.00 22.68 ? 110 VAL M O   1 
ATOM   728 C CB  . VAL A 1 95 ? 18.345  -0.561  -0.643  1.00 21.97 ? 110 VAL M CB  1 
ATOM   729 C CG1 . VAL A 1 95 ? 19.747  -0.122  -1.055  1.00 25.07 ? 110 VAL M CG1 1 
ATOM   730 C CG2 . VAL A 1 95 ? 17.761  -1.493  -1.689  1.00 24.41 ? 110 VAL M CG2 1 
ATOM   731 N N   . ARG B 2 1  ? -13.147 10.437  2.604   1.00 31.64 ? 18  ARG P N   1 
ATOM   732 C CA  . ARG B 2 1  ? -12.273 10.748  3.767   1.00 31.04 ? 18  ARG P CA  1 
ATOM   733 C C   . ARG B 2 1  ? -11.203 9.682   3.989   1.00 27.52 ? 18  ARG P C   1 
ATOM   734 O O   . ARG B 2 1  ? -10.501 9.702   4.998   1.00 27.24 ? 18  ARG P O   1 
ATOM   735 C CB  . ARG B 2 1  ? -13.125 10.919  5.024   1.00 32.31 ? 18  ARG P CB  1 
ATOM   736 C CG  . ARG B 2 1  ? -14.202 11.979  4.853   1.00 38.74 ? 18  ARG P CG  1 
ATOM   737 C CD  . ARG B 2 1  ? -14.968 12.232  6.137   1.00 41.80 ? 18  ARG P CD  1 
ATOM   738 N NE  . ARG B 2 1  ? -16.006 13.245  5.956   1.00 45.15 ? 18  ARG P NE  1 
ATOM   739 C CZ  . ARG B 2 1  ? -15.775 14.496  5.568   1.00 46.46 ? 18  ARG P CZ  1 
ATOM   740 N NH1 . ARG B 2 1  ? -14.537 14.901  5.313   1.00 47.82 ? 18  ARG P NH1 1 
ATOM   741 N NH2 . ARG B 2 1  ? -16.786 15.346  5.438   1.00 46.79 ? 18  ARG P NH2 1 
ATOM   742 N N   . PHE B 2 2  ? -11.083 8.758   3.040   1.00 25.52 ? 19  PHE P N   1 
ATOM   743 C CA  . PHE B 2 2  ? -10.076 7.701   3.114   1.00 23.26 ? 19  PHE P CA  1 
ATOM   744 C C   . PHE B 2 2  ? -8.700  8.312   3.382   1.00 22.65 ? 19  PHE P C   1 
ATOM   745 O O   . PHE B 2 2  ? -7.943  7.818   4.217   1.00 21.72 ? 19  PHE P O   1 
ATOM   746 C CB  . PHE B 2 2  ? -10.025 6.918   1.797   1.00 21.31 ? 19  PHE P CB  1 
ATOM   747 C CG  . PHE B 2 2  ? -8.857  5.972   1.700   1.00 19.44 ? 19  PHE P CG  1 
ATOM   748 C CD1 . PHE B 2 2  ? -8.896  4.726   2.318   1.00 17.42 ? 19  PHE P CD1 1 
ATOM   749 C CD2 . PHE B 2 2  ? -7.698  6.348   1.028   1.00 18.44 ? 19  PHE P CD2 1 
ATOM   750 C CE1 . PHE B 2 2  ? -7.797  3.867   2.272   1.00 16.65 ? 19  PHE P CE1 1 
ATOM   751 C CE2 . PHE B 2 2  ? -6.591  5.495   0.976   1.00 18.03 ? 19  PHE P CE2 1 
ATOM   752 C CZ  . PHE B 2 2  ? -6.644  4.253   1.599   1.00 15.75 ? 19  PHE P CZ  1 
ATOM   753 N N   . MET B 2 3  ? -8.384  9.390   2.668   1.00 23.41 ? 20  MET P N   1 
ATOM   754 C CA  . MET B 2 3  ? -7.096  10.064  2.825   1.00 25.51 ? 20  MET P CA  1 
ATOM   755 C C   . MET B 2 3  ? -6.844  10.568  4.235   1.00 25.23 ? 20  MET P C   1 
ATOM   756 O O   . MET B 2 3  ? -5.703  10.592  4.689   1.00 26.68 ? 20  MET P O   1 
ATOM   757 C CB  . MET B 2 3  ? -6.977  11.236  1.849   1.00 27.11 ? 20  MET P CB  1 
ATOM   758 C CG  . MET B 2 3  ? -6.537  10.838  0.454   1.00 30.63 ? 20  MET P CG  1 
ATOM   759 S SD  . MET B 2 3  ? -4.991  9.899   0.470   1.00 32.83 ? 20  MET P SD  1 
ATOM   760 C CE  . MET B 2 3  ? -3.806  11.187  0.874   1.00 34.19 ? 20  MET P CE  1 
ATOM   761 N N   . ASP B 2 4  ? -7.899  10.979  4.927   1.00 26.06 ? 21  ASP P N   1 
ATOM   762 C CA  . ASP B 2 4  ? -7.742  11.471  6.289   1.00 26.74 ? 21  ASP P CA  1 
ATOM   763 C C   . ASP B 2 4  ? -7.218  10.358  7.192   1.00 26.13 ? 21  ASP P C   1 
ATOM   764 O O   . ASP B 2 4  ? -6.405  10.597  8.086   1.00 26.54 ? 21  ASP P O   1 
ATOM   765 C CB  . ASP B 2 4  ? -9.078  11.993  6.828   1.00 28.44 ? 21  ASP P CB  1 
ATOM   766 C CG  . ASP B 2 4  ? -9.594  13.185  6.046   1.00 32.12 ? 21  ASP P CG  1 
ATOM   767 O OD1 . ASP B 2 4  ? -8.867  14.198  5.950   1.00 34.59 ? 21  ASP P OD1 1 
ATOM   768 O OD2 . ASP B 2 4  ? -10.723 13.110  5.524   1.00 35.45 ? 21  ASP P OD2 1 
ATOM   769 N N   . TYR B 2 5  ? -7.684  9.140   6.947   1.00 23.70 ? 22  TYR P N   1 
ATOM   770 C CA  . TYR B 2 5  ? -7.266  7.993   7.741   1.00 23.71 ? 22  TYR P CA  1 
ATOM   771 C C   . TYR B 2 5  ? -5.916  7.467   7.270   1.00 22.54 ? 22  TYR P C   1 
ATOM   772 O O   . TYR B 2 5  ? -5.071  7.089   8.080   1.00 22.56 ? 22  TYR P O   1 
ATOM   773 C CB  . TYR B 2 5  ? -8.325  6.894   7.647   1.00 22.62 ? 22  TYR P CB  1 
ATOM   774 C CG  . TYR B 2 5  ? -9.724  7.409   7.898   1.00 24.57 ? 22  TYR P CG  1 
ATOM   775 C CD1 . TYR B 2 5  ? -10.773 7.070   7.048   1.00 22.96 ? 22  TYR P CD1 1 
ATOM   776 C CD2 . TYR B 2 5  ? -9.997  8.252   8.978   1.00 26.42 ? 22  TYR P CD2 1 
ATOM   777 C CE1 . TYR B 2 5  ? -12.059 7.561   7.262   1.00 24.65 ? 22  TYR P CE1 1 
ATOM   778 C CE2 . TYR B 2 5  ? -11.283 8.748   9.201   1.00 25.87 ? 22  TYR P CE2 1 
ATOM   779 C CZ  . TYR B 2 5  ? -12.308 8.399   8.338   1.00 24.81 ? 22  TYR P CZ  1 
ATOM   780 O OH  . TYR B 2 5  ? -13.581 8.889   8.546   1.00 26.22 ? 22  TYR P OH  1 
ATOM   781 N N   . TRP B 2 6  ? -5.708  7.464   5.956   1.00 22.32 ? 23  TRP P N   1 
ATOM   782 C CA  . TRP B 2 6  ? -4.462  6.969   5.389   1.00 22.57 ? 23  TRP P CA  1 
ATOM   783 C C   . TRP B 2 6  ? -3.268  7.847   5.760   1.00 24.73 ? 23  TRP P C   1 
ATOM   784 O O   . TRP B 2 6  ? -2.138  7.366   5.843   1.00 23.64 ? 23  TRP P O   1 
ATOM   785 C CB  . TRP B 2 6  ? -4.580  6.862   3.863   1.00 20.21 ? 23  TRP P CB  1 
ATOM   786 C CG  . TRP B 2 6  ? -3.440  6.116   3.247   1.00 17.88 ? 23  TRP P CG  1 
ATOM   787 C CD1 . TRP B 2 6  ? -2.327  6.649   2.664   1.00 18.41 ? 23  TRP P CD1 1 
ATOM   788 C CD2 . TRP B 2 6  ? -3.277  4.695   3.202   1.00 17.97 ? 23  TRP P CD2 1 
ATOM   789 N NE1 . TRP B 2 6  ? -1.478  5.647   2.256   1.00 17.43 ? 23  TRP P NE1 1 
ATOM   790 C CE2 . TRP B 2 6  ? -2.037  4.436   2.575   1.00 17.14 ? 23  TRP P CE2 1 
ATOM   791 C CE3 . TRP B 2 6  ? -4.058  3.611   3.632   1.00 15.37 ? 23  TRP P CE3 1 
ATOM   792 C CZ2 . TRP B 2 6  ? -1.556  3.137   2.366   1.00 15.89 ? 23  TRP P CZ2 1 
ATOM   793 C CZ3 . TRP B 2 6  ? -3.582  2.320   3.425   1.00 15.02 ? 23  TRP P CZ3 1 
ATOM   794 C CH2 . TRP B 2 6  ? -2.342  2.095   2.797   1.00 15.88 ? 23  TRP P CH2 1 
ATOM   795 N N   . GLU B 2 7  ? -3.525  9.132   5.983   1.00 26.42 ? 24  GLU P N   1 
ATOM   796 C CA  . GLU B 2 7  ? -2.477  10.076  6.354   1.00 28.75 ? 24  GLU P CA  1 
ATOM   797 C C   . GLU B 2 7  ? -1.814  9.685   7.673   1.00 29.08 ? 24  GLU P C   1 
ATOM   798 O O   . GLU B 2 7  ? -0.706  10.129  7.979   1.00 29.27 ? 24  GLU P O   1 
ATOM   799 C CB  . GLU B 2 7  ? -3.066  11.485  6.476   1.00 31.57 ? 24  GLU P CB  1 
ATOM   800 C CG  . GLU B 2 7  ? -3.337  12.174  5.150   1.00 36.23 ? 24  GLU P CG  1 
ATOM   801 C CD  . GLU B 2 7  ? -4.226  13.398  5.305   1.00 39.01 ? 24  GLU P CD  1 
ATOM   802 O OE1 . GLU B 2 7  ? -4.092  14.102  6.331   1.00 39.81 ? 24  GLU P OE1 1 
ATOM   803 O OE2 . GLU B 2 7  ? -5.049  13.657  4.400   1.00 40.12 ? 24  GLU P OE2 1 
ATOM   804 N N   . GLY B 2 8  ? -2.498  8.847   8.446   1.00 29.45 ? 25  GLY P N   1 
ATOM   805 C CA  . GLY B 2 8  ? -1.980  8.423   9.735   1.00 29.36 ? 25  GLY P CA  1 
ATOM   806 C C   . GLY B 2 8  ? -0.827  7.435   9.727   1.00 30.11 ? 25  GLY P C   1 
ATOM   807 O O   . GLY B 2 8  ? -0.110  7.322   10.722  1.00 29.45 ? 25  GLY P O   1 
ATOM   808 N N   . LEU B 2 9  ? -0.642  6.714   8.624   1.00 29.54 ? 26  LEU P N   1 
ATOM   809 C CA  . LEU B 2 9  ? 0.442   5.739   8.536   1.00 29.92 ? 26  LEU P CA  1 
ATOM   810 C C   . LEU B 2 9  ? 1.807   6.417   8.546   1.00 31.11 ? 26  LEU P C   1 
ATOM   811 O O   . LEU B 2 9  ? 1.877   7.602   8.159   1.00 32.82 ? 26  LEU P O   1 
ATOM   812 C CB  . LEU B 2 9  ? 0.300   4.904   7.261   1.00 27.71 ? 26  LEU P CB  1 
ATOM   813 C CG  . LEU B 2 9  ? -0.908  3.965   7.192   1.00 28.05 ? 26  LEU P CG  1 
ATOM   814 C CD1 . LEU B 2 9  ? -1.034  3.401   5.785   1.00 27.77 ? 26  LEU P CD1 1 
ATOM   815 C CD2 . LEU B 2 9  ? -0.750  2.846   8.213   1.00 25.14 ? 26  LEU P CD2 1 
ATOM   816 O OXT . LEU B 2 9  ? 2.792   5.746   8.922   1.00 31.18 ? 26  LEU P OXT 1 
HETATM 817 S S   . SO4 C 3 .  ? 16.193  12.619  10.811  1.00 35.26 ? 126 SO4 M S   1 
HETATM 818 O O1  . SO4 C 3 .  ? 15.744  12.345  12.189  1.00 33.59 ? 126 SO4 M O1  1 
HETATM 819 O O2  . SO4 C 3 .  ? 17.648  12.391  10.713  1.00 34.70 ? 126 SO4 M O2  1 
HETATM 820 O O3  . SO4 C 3 .  ? 15.492  11.721  9.870   1.00 34.29 ? 126 SO4 M O3  1 
HETATM 821 O O4  . SO4 C 3 .  ? 15.880  14.022  10.470  1.00 34.31 ? 126 SO4 M O4  1 
HETATM 822 O O   . HOH D 4 .  ? 4.405   9.472   -9.896  1.00 8.58  ? 127 HOH M O   1 
HETATM 823 O O   . HOH D 4 .  ? 7.592   -7.873  7.318   1.00 12.10 ? 128 HOH M O   1 
HETATM 824 O O   . HOH D 4 .  ? -0.970  -1.310  15.012  1.00 10.17 ? 129 HOH M O   1 
HETATM 825 O O   . HOH D 4 .  ? 13.010  0.590   7.481   1.00 13.84 ? 130 HOH M O   1 
HETATM 826 O O   . HOH D 4 .  ? -1.840  -3.581  13.226  1.00 15.26 ? 131 HOH M O   1 
HETATM 827 O O   . HOH D 4 .  ? -5.222  8.427   -6.703  1.00 24.56 ? 132 HOH M O   1 
HETATM 828 O O   . HOH D 4 .  ? 14.866  -6.312  3.220   1.00 21.61 ? 133 HOH M O   1 
HETATM 829 O O   . HOH D 4 .  ? 3.591   8.719   2.764   1.00 13.94 ? 134 HOH M O   1 
HETATM 830 O O   . HOH D 4 .  ? 17.147  2.156   3.992   1.00 16.84 ? 135 HOH M O   1 
HETATM 831 O O   . HOH D 4 .  ? -1.849  8.289   -0.511  1.00 14.99 ? 136 HOH M O   1 
HETATM 832 O O   . HOH D 4 .  ? -16.204 6.681   6.102   1.00 14.64 ? 137 HOH M O   1 
HETATM 833 O O   . HOH D 4 .  ? 4.431   3.636   -14.273 1.00 21.82 ? 138 HOH M O   1 
HETATM 834 O O   . HOH D 4 .  ? -10.973 1.109   11.458  1.00 13.96 ? 139 HOH M O   1 
HETATM 835 O O   . HOH D 4 .  ? -10.918 -6.376  -3.540  1.00 17.01 ? 140 HOH M O   1 
HETATM 836 O O   . HOH D 4 .  ? -14.857 -0.973  11.694  1.00 14.86 ? 141 HOH M O   1 
HETATM 837 O O   . HOH D 4 .  ? -18.381 0.815   -1.258  1.00 16.00 ? 142 HOH M O   1 
HETATM 838 O O   . HOH D 4 .  ? -6.299  -6.308  -9.542  1.00 19.99 ? 143 HOH M O   1 
HETATM 839 O O   . HOH D 4 .  ? 3.100   -4.098  18.033  1.00 22.60 ? 144 HOH M O   1 
HETATM 840 O O   . HOH D 4 .  ? -12.474 9.450   -0.364  1.00 24.03 ? 145 HOH M O   1 
HETATM 841 O O   . HOH D 4 .  ? 5.096   -13.049 -7.719  1.00 36.29 ? 146 HOH M O   1 
HETATM 842 O O   . HOH D 4 .  ? -18.132 7.511   4.540   1.00 20.27 ? 147 HOH M O   1 
HETATM 843 O O   . HOH D 4 .  ? 21.022  -3.069  0.619   1.00 32.31 ? 148 HOH M O   1 
HETATM 844 O O   . HOH D 4 .  ? -13.775 -11.785 -2.407  1.00 27.56 ? 149 HOH M O   1 
HETATM 845 O O   . HOH D 4 .  ? -3.552  3.267   14.406  1.00 28.23 ? 150 HOH M O   1 
HETATM 846 O O   . HOH D 4 .  ? 11.267  4.819   7.163   1.00 27.48 ? 151 HOH M O   1 
HETATM 847 O O   . HOH D 4 .  ? 18.196  6.304   5.994   1.00 34.81 ? 152 HOH M O   1 
HETATM 848 O O   . HOH D 4 .  ? -3.975  -5.547  13.601  1.00 31.08 ? 153 HOH M O   1 
HETATM 849 O O   . HOH D 4 .  ? -12.689 -14.386 -1.408  1.00 35.00 ? 154 HOH M O   1 
HETATM 850 O O   . HOH D 4 .  ? 10.990  6.737   4.101   1.00 3.84  ? 155 HOH M O   1 
HETATM 851 O O   . HOH D 4 .  ? 6.515   -10.871 -7.281  1.00 13.25 ? 156 HOH M O   1 
HETATM 852 O O   . HOH D 4 .  ? -6.403  -8.490  7.739   1.00 14.74 ? 157 HOH M O   1 
HETATM 853 O O   . HOH D 4 .  ? 22.038  9.214   9.311   1.00 30.28 ? 158 HOH M O   1 
HETATM 854 O O   . HOH D 4 .  ? 20.360  6.221   8.992   1.00 25.85 ? 159 HOH M O   1 
HETATM 855 O O   . HOH D 4 .  ? 20.275  -4.395  2.767   1.00 32.74 ? 160 HOH M O   1 
HETATM 856 O O   . HOH D 4 .  ? 11.535  5.774   9.458   1.00 25.12 ? 161 HOH M O   1 
HETATM 857 O O   . HOH D 4 .  ? -10.128 -4.706  -7.851  1.00 24.42 ? 162 HOH M O   1 
HETATM 858 O O   . HOH D 4 .  ? 12.555  -1.025  -11.805 1.00 26.81 ? 163 HOH M O   1 
HETATM 859 O O   . HOH D 4 .  ? 12.418  -3.574  -7.832  1.00 27.05 ? 164 HOH M O   1 
HETATM 860 O O   . HOH D 4 .  ? 4.893   -10.883 -3.370  1.00 26.68 ? 165 HOH M O   1 
HETATM 861 O O   . HOH D 4 .  ? -1.183  -6.484  14.141  1.00 35.62 ? 166 HOH M O   1 
HETATM 862 O O   . HOH D 4 .  ? -4.539  -2.651  -11.407 1.00 44.34 ? 167 HOH M O   1 
HETATM 863 O O   . HOH D 4 .  ? -20.792 1.453   -2.291  1.00 31.71 ? 168 HOH M O   1 
HETATM 864 O O   . HOH D 4 .  ? 5.869   -11.990 0.710   1.00 35.81 ? 169 HOH M O   1 
HETATM 865 O O   . HOH D 4 .  ? -18.564 10.204  -1.824  1.00 42.66 ? 170 HOH M O   1 
HETATM 866 O O   . HOH D 4 .  ? 23.574  -2.961  0.382   1.00 51.40 ? 171 HOH M O   1 
HETATM 867 O O   . HOH D 4 .  ? 25.258  0.685   2.918   1.00 32.22 ? 172 HOH M O   1 
HETATM 868 O O   . HOH D 4 .  ? 15.520  6.865   -5.963  1.00 38.15 ? 173 HOH M O   1 
HETATM 869 O O   . HOH D 4 .  ? -16.564 4.365   -3.564  1.00 38.88 ? 174 HOH M O   1 
HETATM 870 O O   . HOH D 4 .  ? -8.033  -13.895 0.534   1.00 36.65 ? 175 HOH M O   1 
HETATM 871 O O   . HOH D 4 .  ? -15.585 8.038   -2.175  1.00 35.76 ? 176 HOH M O   1 
HETATM 872 O O   . HOH D 4 .  ? 11.457  7.395   -12.516 1.00 29.27 ? 177 HOH M O   1 
HETATM 873 O O   . HOH D 4 .  ? -17.022 7.914   -7.893  1.00 41.66 ? 178 HOH M O   1 
HETATM 874 O O   . HOH D 4 .  ? 13.028  7.576   -4.303  1.00 33.22 ? 179 HOH M O   1 
HETATM 875 O O   . HOH E 4 .  ? -10.144 10.510  0.820   1.00 21.63 ? 27  HOH P O   1 
HETATM 876 O O   . HOH E 4 .  ? -4.530  5.630   10.196  1.00 29.38 ? 28  HOH P O   1 
HETATM 877 O O   . HOH E 4 .  ? -14.062 11.255  10.464  1.00 20.99 ? 29  HOH P O   1 
HETATM 878 O O   . HOH E 4 .  ? 0.654   7.894   5.214   1.00 42.04 ? 30  HOH P O   1 
HETATM 879 O O   . HOH E 4 .  ? -0.833  10.043  1.621   1.00 21.93 ? 31  HOH P O   1 
HETATM 880 O O   . HOH E 4 .  ? 0.978   8.056   2.631   1.00 22.08 ? 32  HOH P O   1 
# 
loop_
_pdbx_poly_seq_scheme.asym_id 
_pdbx_poly_seq_scheme.entity_id 
_pdbx_poly_seq_scheme.seq_id 
_pdbx_poly_seq_scheme.mon_id 
_pdbx_poly_seq_scheme.ndb_seq_num 
_pdbx_poly_seq_scheme.pdb_seq_num 
_pdbx_poly_seq_scheme.auth_seq_num 
_pdbx_poly_seq_scheme.pdb_mon_id 
_pdbx_poly_seq_scheme.auth_mon_id 
_pdbx_poly_seq_scheme.pdb_strand_id 
_pdbx_poly_seq_scheme.pdb_ins_code 
_pdbx_poly_seq_scheme.hetero 
A 1 1   GLY 1   16  ?   ?   ?   M . n 
A 1 2   SER 2   17  ?   ?   ?   M . n 
A 1 3   GLN 3   18  ?   ?   ?   M . n 
A 1 4   ILE 4   19  ?   ?   ?   M . n 
A 1 5   PRO 5   20  ?   ?   ?   M . n 
A 1 6   ALA 6   21  ?   ?   ?   M . n 
A 1 7   SER 7   22  ?   ?   ?   M . n 
A 1 8   GLU 8   23  23  GLU GLU M . n 
A 1 9   GLN 9   24  24  GLN GLN M . n 
A 1 10  GLU 10  25  25  GLU GLU M . n 
A 1 11  THR 11  26  26  THR THR M . n 
A 1 12  LEU 12  27  27  LEU LEU M . n 
A 1 13  VAL 13  28  28  VAL VAL M . n 
A 1 14  ARG 14  29  29  ARG ARG M . n 
A 1 15  PRO 15  30  30  PRO PRO M . n 
A 1 16  LYS 16  31  31  LYS LYS M . n 
A 1 17  PRO 17  32  32  PRO PRO M . n 
A 1 18  LEU 18  33  33  LEU LEU M . n 
A 1 19  LEU 19  34  34  LEU LEU M . n 
A 1 20  LEU 20  35  35  LEU LEU M . n 
A 1 21  LYS 21  36  36  LYS LYS M . n 
A 1 22  LEU 22  37  37  LEU LEU M . n 
A 1 23  LEU 23  38  38  LEU LEU M . n 
A 1 24  LYS 24  39  39  LYS LYS M . n 
A 1 25  SER 25  40  40  SER SER M . n 
A 1 26  VAL 26  41  41  VAL VAL M . n 
A 1 27  GLY 27  42  42  GLY GLY M . n 
A 1 28  ALA 28  43  43  ALA ALA M . n 
A 1 29  GLN 29  44  44  GLN GLN M . n 
A 1 30  LYS 30  45  45  LYS LYS M . n 
A 1 31  ASP 31  46  46  ASP ASP M . n 
A 1 32  THR 32  47  47  THR THR M . n 
A 1 33  TYR 33  48  48  TYR TYR M . n 
A 1 34  THR 34  49  49  THR THR M . n 
A 1 35  MET 35  50  50  MET MET M . n 
A 1 36  LYS 36  51  51  LYS LYS M . n 
A 1 37  GLU 37  52  52  GLU GLU M . n 
A 1 38  VAL 38  53  53  VAL VAL M . n 
A 1 39  LEU 39  54  54  LEU LEU M . n 
A 1 40  PHE 40  55  55  PHE PHE M . n 
A 1 41  TYR 41  56  56  TYR TYR M . n 
A 1 42  LEU 42  57  57  LEU LEU M . n 
A 1 43  GLY 43  58  58  GLY GLY M . n 
A 1 44  GLN 44  59  59  GLN GLN M . n 
A 1 45  TYR 45  60  60  TYR TYR M . n 
A 1 46  ILE 46  61  61  ILE ILE M . n 
A 1 47  MET 47  62  62  MET MET M . n 
A 1 48  THR 48  63  63  THR THR M . n 
A 1 49  LYS 49  64  64  LYS LYS M . n 
A 1 50  ARG 50  65  65  ARG ARG M . n 
A 1 51  LEU 51  66  66  LEU LEU M . n 
A 1 52  TYR 52  67  67  TYR TYR M . n 
A 1 53  ASP 53  68  68  ASP ASP M . n 
A 1 54  GLU 54  69  69  GLU GLU M . n 
A 1 55  LYS 55  70  70  LYS LYS M . n 
A 1 56  GLN 56  71  71  GLN GLN M . n 
A 1 57  GLN 57  72  72  GLN GLN M . n 
A 1 58  HIS 58  73  73  HIS HIS M . n 
A 1 59  ILE 59  74  74  ILE ILE M . n 
A 1 60  VAL 60  75  75  VAL VAL M . n 
A 1 61  TYR 61  76  76  TYR TYR M . n 
A 1 62  CYS 62  77  77  CYS CYS M . n 
A 1 63  SER 63  78  78  SER SER M . n 
A 1 64  ASN 64  79  79  ASN ASN M . n 
A 1 65  ASP 65  80  80  ASP ASP M . n 
A 1 66  LEU 66  81  81  LEU LEU M . n 
A 1 67  LEU 67  82  82  LEU LEU M . n 
A 1 68  GLY 68  83  83  GLY GLY M . n 
A 1 69  ASP 69  84  84  ASP ASP M . n 
A 1 70  LEU 70  85  85  LEU LEU M . n 
A 1 71  PHE 71  86  86  PHE PHE M . n 
A 1 72  GLY 72  87  87  GLY GLY M . n 
A 1 73  VAL 73  88  88  VAL VAL M . n 
A 1 74  PRO 74  89  89  PRO PRO M . n 
A 1 75  SER 75  90  90  SER SER M . n 
A 1 76  PHE 76  91  91  PHE PHE M . n 
A 1 77  SER 77  92  92  SER SER M . n 
A 1 78  VAL 78  93  93  VAL VAL M . n 
A 1 79  LYS 79  94  94  LYS LYS M . n 
A 1 80  GLU 80  95  95  GLU GLU M . n 
A 1 81  HIS 81  96  96  HIS HIS M . n 
A 1 82  ARG 82  97  97  ARG ARG M . n 
A 1 83  LYS 83  98  98  LYS LYS M . n 
A 1 84  ILE 84  99  99  ILE ILE M . n 
A 1 85  TYR 85  100 100 TYR TYR M . n 
A 1 86  THR 86  101 101 THR THR M . n 
A 1 87  MET 87  102 102 MET MET M . n 
A 1 88  ILE 88  103 103 ILE ILE M . n 
A 1 89  TYR 89  104 104 TYR TYR M . n 
A 1 90  ARG 90  105 105 ARG ARG M . n 
A 1 91  ASN 91  106 106 ASN ASN M . n 
A 1 92  LEU 92  107 107 LEU LEU M . n 
A 1 93  VAL 93  108 108 VAL VAL M . n 
A 1 94  VAL 94  109 109 VAL VAL M . n 
A 1 95  VAL 95  110 110 VAL VAL M . n 
A 1 96  ASN 96  111 ?   ?   ?   M . n 
A 1 97  GLN 97  112 ?   ?   ?   M . n 
A 1 98  GLN 98  113 ?   ?   ?   M . n 
A 1 99  GLU 99  114 ?   ?   ?   M . n 
A 1 100 SER 100 115 ?   ?   ?   M . n 
A 1 101 SER 101 116 ?   ?   ?   M . n 
A 1 102 ASP 102 117 ?   ?   ?   M . n 
A 1 103 SER 103 118 ?   ?   ?   M . n 
A 1 104 GLY 104 119 ?   ?   ?   M . n 
A 1 105 THR 105 120 ?   ?   ?   M . n 
A 1 106 SER 106 121 ?   ?   ?   M . n 
A 1 107 VAL 107 122 ?   ?   ?   M . n 
A 1 108 SER 108 123 ?   ?   ?   M . n 
A 1 109 GLU 109 124 ?   ?   ?   M . n 
A 1 110 ASN 110 125 ?   ?   ?   M . n 
B 2 1   ARG 1   18  18  ARG ARG P . n 
B 2 2   PHE 2   19  19  PHE PHE P . n 
B 2 3   MET 3   20  20  MET MET P . n 
B 2 4   ASP 4   21  21  ASP ASP P . n 
B 2 5   TYR 5   22  22  TYR TYR P . n 
B 2 6   TRP 6   23  23  TRP TRP P . n 
B 2 7   GLU 7   24  24  GLU GLU P . n 
B 2 8   GLY 8   25  25  GLY GLY P . n 
B 2 9   LEU 9   26  26  LEU LEU P . n 
# 
loop_
_pdbx_nonpoly_scheme.asym_id 
_pdbx_nonpoly_scheme.entity_id 
_pdbx_nonpoly_scheme.mon_id 
_pdbx_nonpoly_scheme.ndb_seq_num 
_pdbx_nonpoly_scheme.pdb_seq_num 
_pdbx_nonpoly_scheme.auth_seq_num 
_pdbx_nonpoly_scheme.pdb_mon_id 
_pdbx_nonpoly_scheme.auth_mon_id 
_pdbx_nonpoly_scheme.pdb_strand_id 
_pdbx_nonpoly_scheme.pdb_ins_code 
C 3 SO4 1  126 1  SO4 SO4 M . 
D 4 HOH 1  127 1  HOH HOH M . 
D 4 HOH 2  128 2  HOH HOH M . 
D 4 HOH 3  129 3  HOH HOH M . 
D 4 HOH 4  130 4  HOH HOH M . 
D 4 HOH 5  131 5  HOH HOH M . 
D 4 HOH 6  132 6  HOH HOH M . 
D 4 HOH 7  133 7  HOH HOH M . 
D 4 HOH 8  134 8  HOH HOH M . 
D 4 HOH 9  135 9  HOH HOH M . 
D 4 HOH 10 136 10 HOH HOH M . 
D 4 HOH 11 137 11 HOH HOH M . 
D 4 HOH 12 138 12 HOH HOH M . 
D 4 HOH 13 139 13 HOH HOH M . 
D 4 HOH 14 140 14 HOH HOH M . 
D 4 HOH 15 141 15 HOH HOH M . 
D 4 HOH 16 142 16 HOH HOH M . 
D 4 HOH 17 143 20 HOH HOH M . 
D 4 HOH 18 144 23 HOH HOH M . 
D 4 HOH 19 145 25 HOH HOH M . 
D 4 HOH 20 146 26 HOH HOH M . 
D 4 HOH 21 147 27 HOH HOH M . 
D 4 HOH 22 148 28 HOH HOH M . 
D 4 HOH 23 149 29 HOH HOH M . 
D 4 HOH 24 150 30 HOH HOH M . 
D 4 HOH 25 151 32 HOH HOH M . 
D 4 HOH 26 152 33 HOH HOH M . 
D 4 HOH 27 153 34 HOH HOH M . 
D 4 HOH 28 154 36 HOH HOH M . 
D 4 HOH 29 155 37 HOH HOH M . 
D 4 HOH 30 156 39 HOH HOH M . 
D 4 HOH 31 157 40 HOH HOH M . 
D 4 HOH 32 158 43 HOH HOH M . 
D 4 HOH 33 159 45 HOH HOH M . 
D 4 HOH 34 160 46 HOH HOH M . 
D 4 HOH 35 161 47 HOH HOH M . 
D 4 HOH 36 162 48 HOH HOH M . 
D 4 HOH 37 163 49 HOH HOH M . 
D 4 HOH 38 164 50 HOH HOH M . 
D 4 HOH 39 165 51 HOH HOH M . 
D 4 HOH 40 166 52 HOH HOH M . 
D 4 HOH 41 167 54 HOH HOH M . 
D 4 HOH 42 168 55 HOH HOH M . 
D 4 HOH 43 169 56 HOH HOH M . 
D 4 HOH 44 170 57 HOH HOH M . 
D 4 HOH 45 171 59 HOH HOH M . 
D 4 HOH 46 172 60 HOH HOH M . 
D 4 HOH 47 173 61 HOH HOH M . 
D 4 HOH 48 174 62 HOH HOH M . 
D 4 HOH 49 175 63 HOH HOH M . 
D 4 HOH 50 176 64 HOH HOH M . 
D 4 HOH 51 177 65 HOH HOH M . 
D 4 HOH 52 178 66 HOH HOH M . 
D 4 HOH 53 179 68 HOH HOH M . 
E 4 HOH 1  27  17 HOH HOH P . 
E 4 HOH 2  28  18 HOH HOH P . 
E 4 HOH 3  29  24 HOH HOH P . 
E 4 HOH 4  30  35 HOH HOH P . 
E 4 HOH 5  31  42 HOH HOH P . 
E 4 HOH 6  32  44 HOH HOH P . 
# 
_pdbx_struct_assembly.id                   1 
_pdbx_struct_assembly.details              author_and_software_defined_assembly 
_pdbx_struct_assembly.method_details       PISA 
_pdbx_struct_assembly.oligomeric_details   dimeric 
_pdbx_struct_assembly.oligomeric_count     2 
# 
_pdbx_struct_assembly_gen.assembly_id       1 
_pdbx_struct_assembly_gen.oper_expression   1 
_pdbx_struct_assembly_gen.asym_id_list      A,B,C,D,E 
# 
loop_
_pdbx_struct_assembly_prop.biol_id 
_pdbx_struct_assembly_prop.type 
_pdbx_struct_assembly_prop.value 
_pdbx_struct_assembly_prop.details 
1 'ABSA (A^2)' 1200 ? 
1 MORE         -20  ? 
1 'SSA (A^2)'  5990 ? 
# 
_pdbx_struct_oper_list.id                   1 
_pdbx_struct_oper_list.type                 'identity operation' 
_pdbx_struct_oper_list.name                 1_555 
_pdbx_struct_oper_list.symmetry_operation   x,y,z 
_pdbx_struct_oper_list.matrix[1][1]         1.0000000000 
_pdbx_struct_oper_list.matrix[1][2]         0.0000000000 
_pdbx_struct_oper_list.matrix[1][3]         0.0000000000 
_pdbx_struct_oper_list.vector[1]            0.0000000000 
_pdbx_struct_oper_list.matrix[2][1]         0.0000000000 
_pdbx_struct_oper_list.matrix[2][2]         1.0000000000 
_pdbx_struct_oper_list.matrix[2][3]         0.0000000000 
_pdbx_struct_oper_list.vector[2]            0.0000000000 
_pdbx_struct_oper_list.matrix[3][1]         0.0000000000 
_pdbx_struct_oper_list.matrix[3][2]         0.0000000000 
_pdbx_struct_oper_list.matrix[3][3]         1.0000000000 
_pdbx_struct_oper_list.vector[3]            0.0000000000 
# 
loop_
_pdbx_audit_revision_history.ordinal 
_pdbx_audit_revision_history.data_content_type 
_pdbx_audit_revision_history.major_revision 
_pdbx_audit_revision_history.minor_revision 
_pdbx_audit_revision_history.revision_date 
1 'Structure model' 1 0 2005-02-08 
2 'Structure model' 1 1 2008-04-30 
3 'Structure model' 1 2 2011-07-13 
4 'Structure model' 1 3 2023-08-23 
# 
_pdbx_audit_revision_details.ordinal             1 
_pdbx_audit_revision_details.revision_ordinal    1 
_pdbx_audit_revision_details.data_content_type   'Structure model' 
_pdbx_audit_revision_details.provider            repository 
_pdbx_audit_revision_details.type                'Initial release' 
_pdbx_audit_revision_details.description         ? 
_pdbx_audit_revision_details.details             ? 
# 
loop_
_pdbx_audit_revision_group.ordinal 
_pdbx_audit_revision_group.revision_ordinal 
_pdbx_audit_revision_group.data_content_type 
_pdbx_audit_revision_group.group 
1 2 'Structure model' 'Version format compliance' 
2 3 'Structure model' 'Version format compliance' 
3 4 'Structure model' 'Data collection'           
4 4 'Structure model' 'Database references'       
5 4 'Structure model' 'Derived calculations'      
6 4 'Structure model' 'Refinement description'    
# 
loop_
_pdbx_audit_revision_category.ordinal 
_pdbx_audit_revision_category.revision_ordinal 
_pdbx_audit_revision_category.data_content_type 
_pdbx_audit_revision_category.category 
1 4 'Structure model' chem_comp_atom                
2 4 'Structure model' chem_comp_bond                
3 4 'Structure model' database_2                    
4 4 'Structure model' pdbx_initial_refinement_model 
5 4 'Structure model' struct_ref_seq_dif            
6 4 'Structure model' struct_site                   
# 
loop_
_pdbx_audit_revision_item.ordinal 
_pdbx_audit_revision_item.revision_ordinal 
_pdbx_audit_revision_item.data_content_type 
_pdbx_audit_revision_item.item 
1 4 'Structure model' '_database_2.pdbx_DOI'                
2 4 'Structure model' '_database_2.pdbx_database_accession' 
3 4 'Structure model' '_struct_ref_seq_dif.details'         
4 4 'Structure model' '_struct_site.pdbx_auth_asym_id'      
5 4 'Structure model' '_struct_site.pdbx_auth_comp_id'      
6 4 'Structure model' '_struct_site.pdbx_auth_seq_id'       
# 
loop_
_software.name 
_software.classification 
_software.version 
_software.citation_id 
_software.pdbx_ordinal 
CNX       refinement       2000.1 ? 1 
DENZO     'data reduction' .      ? 2 
SCALEPACK 'data scaling'   .      ? 3 
CNX       phasing          2000.1 ? 4 
# 
_pdbx_database_remark.id     999 
_pdbx_database_remark.text   
;SEQUENCE
THE AUTHOR INDICATED THAT CHAIN P WAS DERIVED
FROM A PHAGE DISPLAY EXPERIMENT,THEREFORE
THERE ARE NO MATCHES IN THE SEQUENCE DATABASE
;
# 
_pdbx_validate_torsion.id              1 
_pdbx_validate_torsion.PDB_model_num   1 
_pdbx_validate_torsion.auth_comp_id    GLN 
_pdbx_validate_torsion.auth_asym_id    M 
_pdbx_validate_torsion.auth_seq_id     71 
_pdbx_validate_torsion.PDB_ins_code    ? 
_pdbx_validate_torsion.label_alt_id    ? 
_pdbx_validate_torsion.phi             -159.63 
_pdbx_validate_torsion.psi             72.03 
# 
loop_
_pdbx_unobs_or_zero_occ_residues.id 
_pdbx_unobs_or_zero_occ_residues.PDB_model_num 
_pdbx_unobs_or_zero_occ_residues.polymer_flag 
_pdbx_unobs_or_zero_occ_residues.occupancy_flag 
_pdbx_unobs_or_zero_occ_residues.auth_asym_id 
_pdbx_unobs_or_zero_occ_residues.auth_comp_id 
_pdbx_unobs_or_zero_occ_residues.auth_seq_id 
_pdbx_unobs_or_zero_occ_residues.PDB_ins_code 
_pdbx_unobs_or_zero_occ_residues.label_asym_id 
_pdbx_unobs_or_zero_occ_residues.label_comp_id 
_pdbx_unobs_or_zero_occ_residues.label_seq_id 
1  1 Y 1 M GLY 16  ? A GLY 1   
2  1 Y 1 M SER 17  ? A SER 2   
3  1 Y 1 M GLN 18  ? A GLN 3   
4  1 Y 1 M ILE 19  ? A ILE 4   
5  1 Y 1 M PRO 20  ? A PRO 5   
6  1 Y 1 M ALA 21  ? A ALA 6   
7  1 Y 1 M SER 22  ? A SER 7   
8  1 Y 1 M ASN 111 ? A ASN 96  
9  1 Y 1 M GLN 112 ? A GLN 97  
10 1 Y 1 M GLN 113 ? A GLN 98  
11 1 Y 1 M GLU 114 ? A GLU 99  
12 1 Y 1 M SER 115 ? A SER 100 
13 1 Y 1 M SER 116 ? A SER 101 
14 1 Y 1 M ASP 117 ? A ASP 102 
15 1 Y 1 M SER 118 ? A SER 103 
16 1 Y 1 M GLY 119 ? A GLY 104 
17 1 Y 1 M THR 120 ? A THR 105 
18 1 Y 1 M SER 121 ? A SER 106 
19 1 Y 1 M VAL 122 ? A VAL 107 
20 1 Y 1 M SER 123 ? A SER 108 
21 1 Y 1 M GLU 124 ? A GLU 109 
22 1 Y 1 M ASN 125 ? A ASN 110 
# 
loop_
_chem_comp_atom.comp_id 
_chem_comp_atom.atom_id 
_chem_comp_atom.type_symbol 
_chem_comp_atom.pdbx_aromatic_flag 
_chem_comp_atom.pdbx_stereo_config 
_chem_comp_atom.pdbx_ordinal 
ALA N    N N N 1   
ALA CA   C N S 2   
ALA C    C N N 3   
ALA O    O N N 4   
ALA CB   C N N 5   
ALA OXT  O N N 6   
ALA H    H N N 7   
ALA H2   H N N 8   
ALA HA   H N N 9   
ALA HB1  H N N 10  
ALA HB2  H N N 11  
ALA HB3  H N N 12  
ALA HXT  H N N 13  
ARG N    N N N 14  
ARG CA   C N S 15  
ARG C    C N N 16  
ARG O    O N N 17  
ARG CB   C N N 18  
ARG CG   C N N 19  
ARG CD   C N N 20  
ARG NE   N N N 21  
ARG CZ   C N N 22  
ARG NH1  N N N 23  
ARG NH2  N N N 24  
ARG OXT  O N N 25  
ARG H    H N N 26  
ARG H2   H N N 27  
ARG HA   H N N 28  
ARG HB2  H N N 29  
ARG HB3  H N N 30  
ARG HG2  H N N 31  
ARG HG3  H N N 32  
ARG HD2  H N N 33  
ARG HD3  H N N 34  
ARG HE   H N N 35  
ARG HH11 H N N 36  
ARG HH12 H N N 37  
ARG HH21 H N N 38  
ARG HH22 H N N 39  
ARG HXT  H N N 40  
ASN N    N N N 41  
ASN CA   C N S 42  
ASN C    C N N 43  
ASN O    O N N 44  
ASN CB   C N N 45  
ASN CG   C N N 46  
ASN OD1  O N N 47  
ASN ND2  N N N 48  
ASN OXT  O N N 49  
ASN H    H N N 50  
ASN H2   H N N 51  
ASN HA   H N N 52  
ASN HB2  H N N 53  
ASN HB3  H N N 54  
ASN HD21 H N N 55  
ASN HD22 H N N 56  
ASN HXT  H N N 57  
ASP N    N N N 58  
ASP CA   C N S 59  
ASP C    C N N 60  
ASP O    O N N 61  
ASP CB   C N N 62  
ASP CG   C N N 63  
ASP OD1  O N N 64  
ASP OD2  O N N 65  
ASP OXT  O N N 66  
ASP H    H N N 67  
ASP H2   H N N 68  
ASP HA   H N N 69  
ASP HB2  H N N 70  
ASP HB3  H N N 71  
ASP HD2  H N N 72  
ASP HXT  H N N 73  
CYS N    N N N 74  
CYS CA   C N R 75  
CYS C    C N N 76  
CYS O    O N N 77  
CYS CB   C N N 78  
CYS SG   S N N 79  
CYS OXT  O N N 80  
CYS H    H N N 81  
CYS H2   H N N 82  
CYS HA   H N N 83  
CYS HB2  H N N 84  
CYS HB3  H N N 85  
CYS HG   H N N 86  
CYS HXT  H N N 87  
GLN N    N N N 88  
GLN CA   C N S 89  
GLN C    C N N 90  
GLN O    O N N 91  
GLN CB   C N N 92  
GLN CG   C N N 93  
GLN CD   C N N 94  
GLN OE1  O N N 95  
GLN NE2  N N N 96  
GLN OXT  O N N 97  
GLN H    H N N 98  
GLN H2   H N N 99  
GLN HA   H N N 100 
GLN HB2  H N N 101 
GLN HB3  H N N 102 
GLN HG2  H N N 103 
GLN HG3  H N N 104 
GLN HE21 H N N 105 
GLN HE22 H N N 106 
GLN HXT  H N N 107 
GLU N    N N N 108 
GLU CA   C N S 109 
GLU C    C N N 110 
GLU O    O N N 111 
GLU CB   C N N 112 
GLU CG   C N N 113 
GLU CD   C N N 114 
GLU OE1  O N N 115 
GLU OE2  O N N 116 
GLU OXT  O N N 117 
GLU H    H N N 118 
GLU H2   H N N 119 
GLU HA   H N N 120 
GLU HB2  H N N 121 
GLU HB3  H N N 122 
GLU HG2  H N N 123 
GLU HG3  H N N 124 
GLU HE2  H N N 125 
GLU HXT  H N N 126 
GLY N    N N N 127 
GLY CA   C N N 128 
GLY C    C N N 129 
GLY O    O N N 130 
GLY OXT  O N N 131 
GLY H    H N N 132 
GLY H2   H N N 133 
GLY HA2  H N N 134 
GLY HA3  H N N 135 
GLY HXT  H N N 136 
HIS N    N N N 137 
HIS CA   C N S 138 
HIS C    C N N 139 
HIS O    O N N 140 
HIS CB   C N N 141 
HIS CG   C Y N 142 
HIS ND1  N Y N 143 
HIS CD2  C Y N 144 
HIS CE1  C Y N 145 
HIS NE2  N Y N 146 
HIS OXT  O N N 147 
HIS H    H N N 148 
HIS H2   H N N 149 
HIS HA   H N N 150 
HIS HB2  H N N 151 
HIS HB3  H N N 152 
HIS HD1  H N N 153 
HIS HD2  H N N 154 
HIS HE1  H N N 155 
HIS HE2  H N N 156 
HIS HXT  H N N 157 
HOH O    O N N 158 
HOH H1   H N N 159 
HOH H2   H N N 160 
ILE N    N N N 161 
ILE CA   C N S 162 
ILE C    C N N 163 
ILE O    O N N 164 
ILE CB   C N S 165 
ILE CG1  C N N 166 
ILE CG2  C N N 167 
ILE CD1  C N N 168 
ILE OXT  O N N 169 
ILE H    H N N 170 
ILE H2   H N N 171 
ILE HA   H N N 172 
ILE HB   H N N 173 
ILE HG12 H N N 174 
ILE HG13 H N N 175 
ILE HG21 H N N 176 
ILE HG22 H N N 177 
ILE HG23 H N N 178 
ILE HD11 H N N 179 
ILE HD12 H N N 180 
ILE HD13 H N N 181 
ILE HXT  H N N 182 
LEU N    N N N 183 
LEU CA   C N S 184 
LEU C    C N N 185 
LEU O    O N N 186 
LEU CB   C N N 187 
LEU CG   C N N 188 
LEU CD1  C N N 189 
LEU CD2  C N N 190 
LEU OXT  O N N 191 
LEU H    H N N 192 
LEU H2   H N N 193 
LEU HA   H N N 194 
LEU HB2  H N N 195 
LEU HB3  H N N 196 
LEU HG   H N N 197 
LEU HD11 H N N 198 
LEU HD12 H N N 199 
LEU HD13 H N N 200 
LEU HD21 H N N 201 
LEU HD22 H N N 202 
LEU HD23 H N N 203 
LEU HXT  H N N 204 
LYS N    N N N 205 
LYS CA   C N S 206 
LYS C    C N N 207 
LYS O    O N N 208 
LYS CB   C N N 209 
LYS CG   C N N 210 
LYS CD   C N N 211 
LYS CE   C N N 212 
LYS NZ   N N N 213 
LYS OXT  O N N 214 
LYS H    H N N 215 
LYS H2   H N N 216 
LYS HA   H N N 217 
LYS HB2  H N N 218 
LYS HB3  H N N 219 
LYS HG2  H N N 220 
LYS HG3  H N N 221 
LYS HD2  H N N 222 
LYS HD3  H N N 223 
LYS HE2  H N N 224 
LYS HE3  H N N 225 
LYS HZ1  H N N 226 
LYS HZ2  H N N 227 
LYS HZ3  H N N 228 
LYS HXT  H N N 229 
MET N    N N N 230 
MET CA   C N S 231 
MET C    C N N 232 
MET O    O N N 233 
MET CB   C N N 234 
MET CG   C N N 235 
MET SD   S N N 236 
MET CE   C N N 237 
MET OXT  O N N 238 
MET H    H N N 239 
MET H2   H N N 240 
MET HA   H N N 241 
MET HB2  H N N 242 
MET HB3  H N N 243 
MET HG2  H N N 244 
MET HG3  H N N 245 
MET HE1  H N N 246 
MET HE2  H N N 247 
MET HE3  H N N 248 
MET HXT  H N N 249 
PHE N    N N N 250 
PHE CA   C N S 251 
PHE C    C N N 252 
PHE O    O N N 253 
PHE CB   C N N 254 
PHE CG   C Y N 255 
PHE CD1  C Y N 256 
PHE CD2  C Y N 257 
PHE CE1  C Y N 258 
PHE CE2  C Y N 259 
PHE CZ   C Y N 260 
PHE OXT  O N N 261 
PHE H    H N N 262 
PHE H2   H N N 263 
PHE HA   H N N 264 
PHE HB2  H N N 265 
PHE HB3  H N N 266 
PHE HD1  H N N 267 
PHE HD2  H N N 268 
PHE HE1  H N N 269 
PHE HE2  H N N 270 
PHE HZ   H N N 271 
PHE HXT  H N N 272 
PRO N    N N N 273 
PRO CA   C N S 274 
PRO C    C N N 275 
PRO O    O N N 276 
PRO CB   C N N 277 
PRO CG   C N N 278 
PRO CD   C N N 279 
PRO OXT  O N N 280 
PRO H    H N N 281 
PRO HA   H N N 282 
PRO HB2  H N N 283 
PRO HB3  H N N 284 
PRO HG2  H N N 285 
PRO HG3  H N N 286 
PRO HD2  H N N 287 
PRO HD3  H N N 288 
PRO HXT  H N N 289 
SER N    N N N 290 
SER CA   C N S 291 
SER C    C N N 292 
SER O    O N N 293 
SER CB   C N N 294 
SER OG   O N N 295 
SER OXT  O N N 296 
SER H    H N N 297 
SER H2   H N N 298 
SER HA   H N N 299 
SER HB2  H N N 300 
SER HB3  H N N 301 
SER HG   H N N 302 
SER HXT  H N N 303 
SO4 S    S N N 304 
SO4 O1   O N N 305 
SO4 O2   O N N 306 
SO4 O3   O N N 307 
SO4 O4   O N N 308 
THR N    N N N 309 
THR CA   C N S 310 
THR C    C N N 311 
THR O    O N N 312 
THR CB   C N R 313 
THR OG1  O N N 314 
THR CG2  C N N 315 
THR OXT  O N N 316 
THR H    H N N 317 
THR H2   H N N 318 
THR HA   H N N 319 
THR HB   H N N 320 
THR HG1  H N N 321 
THR HG21 H N N 322 
THR HG22 H N N 323 
THR HG23 H N N 324 
THR HXT  H N N 325 
TRP N    N N N 326 
TRP CA   C N S 327 
TRP C    C N N 328 
TRP O    O N N 329 
TRP CB   C N N 330 
TRP CG   C Y N 331 
TRP CD1  C Y N 332 
TRP CD2  C Y N 333 
TRP NE1  N Y N 334 
TRP CE2  C Y N 335 
TRP CE3  C Y N 336 
TRP CZ2  C Y N 337 
TRP CZ3  C Y N 338 
TRP CH2  C Y N 339 
TRP OXT  O N N 340 
TRP H    H N N 341 
TRP H2   H N N 342 
TRP HA   H N N 343 
TRP HB2  H N N 344 
TRP HB3  H N N 345 
TRP HD1  H N N 346 
TRP HE1  H N N 347 
TRP HE3  H N N 348 
TRP HZ2  H N N 349 
TRP HZ3  H N N 350 
TRP HH2  H N N 351 
TRP HXT  H N N 352 
TYR N    N N N 353 
TYR CA   C N S 354 
TYR C    C N N 355 
TYR O    O N N 356 
TYR CB   C N N 357 
TYR CG   C Y N 358 
TYR CD1  C Y N 359 
TYR CD2  C Y N 360 
TYR CE1  C Y N 361 
TYR CE2  C Y N 362 
TYR CZ   C Y N 363 
TYR OH   O N N 364 
TYR OXT  O N N 365 
TYR H    H N N 366 
TYR H2   H N N 367 
TYR HA   H N N 368 
TYR HB2  H N N 369 
TYR HB3  H N N 370 
TYR HD1  H N N 371 
TYR HD2  H N N 372 
TYR HE1  H N N 373 
TYR HE2  H N N 374 
TYR HH   H N N 375 
TYR HXT  H N N 376 
VAL N    N N N 377 
VAL CA   C N S 378 
VAL C    C N N 379 
VAL O    O N N 380 
VAL CB   C N N 381 
VAL CG1  C N N 382 
VAL CG2  C N N 383 
VAL OXT  O N N 384 
VAL H    H N N 385 
VAL H2   H N N 386 
VAL HA   H N N 387 
VAL HB   H N N 388 
VAL HG11 H N N 389 
VAL HG12 H N N 390 
VAL HG13 H N N 391 
VAL HG21 H N N 392 
VAL HG22 H N N 393 
VAL HG23 H N N 394 
VAL HXT  H N N 395 
# 
loop_
_chem_comp_bond.comp_id 
_chem_comp_bond.atom_id_1 
_chem_comp_bond.atom_id_2 
_chem_comp_bond.value_order 
_chem_comp_bond.pdbx_aromatic_flag 
_chem_comp_bond.pdbx_stereo_config 
_chem_comp_bond.pdbx_ordinal 
ALA N   CA   sing N N 1   
ALA N   H    sing N N 2   
ALA N   H2   sing N N 3   
ALA CA  C    sing N N 4   
ALA CA  CB   sing N N 5   
ALA CA  HA   sing N N 6   
ALA C   O    doub N N 7   
ALA C   OXT  sing N N 8   
ALA CB  HB1  sing N N 9   
ALA CB  HB2  sing N N 10  
ALA CB  HB3  sing N N 11  
ALA OXT HXT  sing N N 12  
ARG N   CA   sing N N 13  
ARG N   H    sing N N 14  
ARG N   H2   sing N N 15  
ARG CA  C    sing N N 16  
ARG CA  CB   sing N N 17  
ARG CA  HA   sing N N 18  
ARG C   O    doub N N 19  
ARG C   OXT  sing N N 20  
ARG CB  CG   sing N N 21  
ARG CB  HB2  sing N N 22  
ARG CB  HB3  sing N N 23  
ARG CG  CD   sing N N 24  
ARG CG  HG2  sing N N 25  
ARG CG  HG3  sing N N 26  
ARG CD  NE   sing N N 27  
ARG CD  HD2  sing N N 28  
ARG CD  HD3  sing N N 29  
ARG NE  CZ   sing N N 30  
ARG NE  HE   sing N N 31  
ARG CZ  NH1  sing N N 32  
ARG CZ  NH2  doub N N 33  
ARG NH1 HH11 sing N N 34  
ARG NH1 HH12 sing N N 35  
ARG NH2 HH21 sing N N 36  
ARG NH2 HH22 sing N N 37  
ARG OXT HXT  sing N N 38  
ASN N   CA   sing N N 39  
ASN N   H    sing N N 40  
ASN N   H2   sing N N 41  
ASN CA  C    sing N N 42  
ASN CA  CB   sing N N 43  
ASN CA  HA   sing N N 44  
ASN C   O    doub N N 45  
ASN C   OXT  sing N N 46  
ASN CB  CG   sing N N 47  
ASN CB  HB2  sing N N 48  
ASN CB  HB3  sing N N 49  
ASN CG  OD1  doub N N 50  
ASN CG  ND2  sing N N 51  
ASN ND2 HD21 sing N N 52  
ASN ND2 HD22 sing N N 53  
ASN OXT HXT  sing N N 54  
ASP N   CA   sing N N 55  
ASP N   H    sing N N 56  
ASP N   H2   sing N N 57  
ASP CA  C    sing N N 58  
ASP CA  CB   sing N N 59  
ASP CA  HA   sing N N 60  
ASP C   O    doub N N 61  
ASP C   OXT  sing N N 62  
ASP CB  CG   sing N N 63  
ASP CB  HB2  sing N N 64  
ASP CB  HB3  sing N N 65  
ASP CG  OD1  doub N N 66  
ASP CG  OD2  sing N N 67  
ASP OD2 HD2  sing N N 68  
ASP OXT HXT  sing N N 69  
CYS N   CA   sing N N 70  
CYS N   H    sing N N 71  
CYS N   H2   sing N N 72  
CYS CA  C    sing N N 73  
CYS CA  CB   sing N N 74  
CYS CA  HA   sing N N 75  
CYS C   O    doub N N 76  
CYS C   OXT  sing N N 77  
CYS CB  SG   sing N N 78  
CYS CB  HB2  sing N N 79  
CYS CB  HB3  sing N N 80  
CYS SG  HG   sing N N 81  
CYS OXT HXT  sing N N 82  
GLN N   CA   sing N N 83  
GLN N   H    sing N N 84  
GLN N   H2   sing N N 85  
GLN CA  C    sing N N 86  
GLN CA  CB   sing N N 87  
GLN CA  HA   sing N N 88  
GLN C   O    doub N N 89  
GLN C   OXT  sing N N 90  
GLN CB  CG   sing N N 91  
GLN CB  HB2  sing N N 92  
GLN CB  HB3  sing N N 93  
GLN CG  CD   sing N N 94  
GLN CG  HG2  sing N N 95  
GLN CG  HG3  sing N N 96  
GLN CD  OE1  doub N N 97  
GLN CD  NE2  sing N N 98  
GLN NE2 HE21 sing N N 99  
GLN NE2 HE22 sing N N 100 
GLN OXT HXT  sing N N 101 
GLU N   CA   sing N N 102 
GLU N   H    sing N N 103 
GLU N   H2   sing N N 104 
GLU CA  C    sing N N 105 
GLU CA  CB   sing N N 106 
GLU CA  HA   sing N N 107 
GLU C   O    doub N N 108 
GLU C   OXT  sing N N 109 
GLU CB  CG   sing N N 110 
GLU CB  HB2  sing N N 111 
GLU CB  HB3  sing N N 112 
GLU CG  CD   sing N N 113 
GLU CG  HG2  sing N N 114 
GLU CG  HG3  sing N N 115 
GLU CD  OE1  doub N N 116 
GLU CD  OE2  sing N N 117 
GLU OE2 HE2  sing N N 118 
GLU OXT HXT  sing N N 119 
GLY N   CA   sing N N 120 
GLY N   H    sing N N 121 
GLY N   H2   sing N N 122 
GLY CA  C    sing N N 123 
GLY CA  HA2  sing N N 124 
GLY CA  HA3  sing N N 125 
GLY C   O    doub N N 126 
GLY C   OXT  sing N N 127 
GLY OXT HXT  sing N N 128 
HIS N   CA   sing N N 129 
HIS N   H    sing N N 130 
HIS N   H2   sing N N 131 
HIS CA  C    sing N N 132 
HIS CA  CB   sing N N 133 
HIS CA  HA   sing N N 134 
HIS C   O    doub N N 135 
HIS C   OXT  sing N N 136 
HIS CB  CG   sing N N 137 
HIS CB  HB2  sing N N 138 
HIS CB  HB3  sing N N 139 
HIS CG  ND1  sing Y N 140 
HIS CG  CD2  doub Y N 141 
HIS ND1 CE1  doub Y N 142 
HIS ND1 HD1  sing N N 143 
HIS CD2 NE2  sing Y N 144 
HIS CD2 HD2  sing N N 145 
HIS CE1 NE2  sing Y N 146 
HIS CE1 HE1  sing N N 147 
HIS NE2 HE2  sing N N 148 
HIS OXT HXT  sing N N 149 
HOH O   H1   sing N N 150 
HOH O   H2   sing N N 151 
ILE N   CA   sing N N 152 
ILE N   H    sing N N 153 
ILE N   H2   sing N N 154 
ILE CA  C    sing N N 155 
ILE CA  CB   sing N N 156 
ILE CA  HA   sing N N 157 
ILE C   O    doub N N 158 
ILE C   OXT  sing N N 159 
ILE CB  CG1  sing N N 160 
ILE CB  CG2  sing N N 161 
ILE CB  HB   sing N N 162 
ILE CG1 CD1  sing N N 163 
ILE CG1 HG12 sing N N 164 
ILE CG1 HG13 sing N N 165 
ILE CG2 HG21 sing N N 166 
ILE CG2 HG22 sing N N 167 
ILE CG2 HG23 sing N N 168 
ILE CD1 HD11 sing N N 169 
ILE CD1 HD12 sing N N 170 
ILE CD1 HD13 sing N N 171 
ILE OXT HXT  sing N N 172 
LEU N   CA   sing N N 173 
LEU N   H    sing N N 174 
LEU N   H2   sing N N 175 
LEU CA  C    sing N N 176 
LEU CA  CB   sing N N 177 
LEU CA  HA   sing N N 178 
LEU C   O    doub N N 179 
LEU C   OXT  sing N N 180 
LEU CB  CG   sing N N 181 
LEU CB  HB2  sing N N 182 
LEU CB  HB3  sing N N 183 
LEU CG  CD1  sing N N 184 
LEU CG  CD2  sing N N 185 
LEU CG  HG   sing N N 186 
LEU CD1 HD11 sing N N 187 
LEU CD1 HD12 sing N N 188 
LEU CD1 HD13 sing N N 189 
LEU CD2 HD21 sing N N 190 
LEU CD2 HD22 sing N N 191 
LEU CD2 HD23 sing N N 192 
LEU OXT HXT  sing N N 193 
LYS N   CA   sing N N 194 
LYS N   H    sing N N 195 
LYS N   H2   sing N N 196 
LYS CA  C    sing N N 197 
LYS CA  CB   sing N N 198 
LYS CA  HA   sing N N 199 
LYS C   O    doub N N 200 
LYS C   OXT  sing N N 201 
LYS CB  CG   sing N N 202 
LYS CB  HB2  sing N N 203 
LYS CB  HB3  sing N N 204 
LYS CG  CD   sing N N 205 
LYS CG  HG2  sing N N 206 
LYS CG  HG3  sing N N 207 
LYS CD  CE   sing N N 208 
LYS CD  HD2  sing N N 209 
LYS CD  HD3  sing N N 210 
LYS CE  NZ   sing N N 211 
LYS CE  HE2  sing N N 212 
LYS CE  HE3  sing N N 213 
LYS NZ  HZ1  sing N N 214 
LYS NZ  HZ2  sing N N 215 
LYS NZ  HZ3  sing N N 216 
LYS OXT HXT  sing N N 217 
MET N   CA   sing N N 218 
MET N   H    sing N N 219 
MET N   H2   sing N N 220 
MET CA  C    sing N N 221 
MET CA  CB   sing N N 222 
MET CA  HA   sing N N 223 
MET C   O    doub N N 224 
MET C   OXT  sing N N 225 
MET CB  CG   sing N N 226 
MET CB  HB2  sing N N 227 
MET CB  HB3  sing N N 228 
MET CG  SD   sing N N 229 
MET CG  HG2  sing N N 230 
MET CG  HG3  sing N N 231 
MET SD  CE   sing N N 232 
MET CE  HE1  sing N N 233 
MET CE  HE2  sing N N 234 
MET CE  HE3  sing N N 235 
MET OXT HXT  sing N N 236 
PHE N   CA   sing N N 237 
PHE N   H    sing N N 238 
PHE N   H2   sing N N 239 
PHE CA  C    sing N N 240 
PHE CA  CB   sing N N 241 
PHE CA  HA   sing N N 242 
PHE C   O    doub N N 243 
PHE C   OXT  sing N N 244 
PHE CB  CG   sing N N 245 
PHE CB  HB2  sing N N 246 
PHE CB  HB3  sing N N 247 
PHE CG  CD1  doub Y N 248 
PHE CG  CD2  sing Y N 249 
PHE CD1 CE1  sing Y N 250 
PHE CD1 HD1  sing N N 251 
PHE CD2 CE2  doub Y N 252 
PHE CD2 HD2  sing N N 253 
PHE CE1 CZ   doub Y N 254 
PHE CE1 HE1  sing N N 255 
PHE CE2 CZ   sing Y N 256 
PHE CE2 HE2  sing N N 257 
PHE CZ  HZ   sing N N 258 
PHE OXT HXT  sing N N 259 
PRO N   CA   sing N N 260 
PRO N   CD   sing N N 261 
PRO N   H    sing N N 262 
PRO CA  C    sing N N 263 
PRO CA  CB   sing N N 264 
PRO CA  HA   sing N N 265 
PRO C   O    doub N N 266 
PRO C   OXT  sing N N 267 
PRO CB  CG   sing N N 268 
PRO CB  HB2  sing N N 269 
PRO CB  HB3  sing N N 270 
PRO CG  CD   sing N N 271 
PRO CG  HG2  sing N N 272 
PRO CG  HG3  sing N N 273 
PRO CD  HD2  sing N N 274 
PRO CD  HD3  sing N N 275 
PRO OXT HXT  sing N N 276 
SER N   CA   sing N N 277 
SER N   H    sing N N 278 
SER N   H2   sing N N 279 
SER CA  C    sing N N 280 
SER CA  CB   sing N N 281 
SER CA  HA   sing N N 282 
SER C   O    doub N N 283 
SER C   OXT  sing N N 284 
SER CB  OG   sing N N 285 
SER CB  HB2  sing N N 286 
SER CB  HB3  sing N N 287 
SER OG  HG   sing N N 288 
SER OXT HXT  sing N N 289 
SO4 S   O1   doub N N 290 
SO4 S   O2   doub N N 291 
SO4 S   O3   sing N N 292 
SO4 S   O4   sing N N 293 
THR N   CA   sing N N 294 
THR N   H    sing N N 295 
THR N   H2   sing N N 296 
THR CA  C    sing N N 297 
THR CA  CB   sing N N 298 
THR CA  HA   sing N N 299 
THR C   O    doub N N 300 
THR C   OXT  sing N N 301 
THR CB  OG1  sing N N 302 
THR CB  CG2  sing N N 303 
THR CB  HB   sing N N 304 
THR OG1 HG1  sing N N 305 
THR CG2 HG21 sing N N 306 
THR CG2 HG22 sing N N 307 
THR CG2 HG23 sing N N 308 
THR OXT HXT  sing N N 309 
TRP N   CA   sing N N 310 
TRP N   H    sing N N 311 
TRP N   H2   sing N N 312 
TRP CA  C    sing N N 313 
TRP CA  CB   sing N N 314 
TRP CA  HA   sing N N 315 
TRP C   O    doub N N 316 
TRP C   OXT  sing N N 317 
TRP CB  CG   sing N N 318 
TRP CB  HB2  sing N N 319 
TRP CB  HB3  sing N N 320 
TRP CG  CD1  doub Y N 321 
TRP CG  CD2  sing Y N 322 
TRP CD1 NE1  sing Y N 323 
TRP CD1 HD1  sing N N 324 
TRP CD2 CE2  doub Y N 325 
TRP CD2 CE3  sing Y N 326 
TRP NE1 CE2  sing Y N 327 
TRP NE1 HE1  sing N N 328 
TRP CE2 CZ2  sing Y N 329 
TRP CE3 CZ3  doub Y N 330 
TRP CE3 HE3  sing N N 331 
TRP CZ2 CH2  doub Y N 332 
TRP CZ2 HZ2  sing N N 333 
TRP CZ3 CH2  sing Y N 334 
TRP CZ3 HZ3  sing N N 335 
TRP CH2 HH2  sing N N 336 
TRP OXT HXT  sing N N 337 
TYR N   CA   sing N N 338 
TYR N   H    sing N N 339 
TYR N   H2   sing N N 340 
TYR CA  C    sing N N 341 
TYR CA  CB   sing N N 342 
TYR CA  HA   sing N N 343 
TYR C   O    doub N N 344 
TYR C   OXT  sing N N 345 
TYR CB  CG   sing N N 346 
TYR CB  HB2  sing N N 347 
TYR CB  HB3  sing N N 348 
TYR CG  CD1  doub Y N 349 
TYR CG  CD2  sing Y N 350 
TYR CD1 CE1  sing Y N 351 
TYR CD1 HD1  sing N N 352 
TYR CD2 CE2  doub Y N 353 
TYR CD2 HD2  sing N N 354 
TYR CE1 CZ   doub Y N 355 
TYR CE1 HE1  sing N N 356 
TYR CE2 CZ   sing Y N 357 
TYR CE2 HE2  sing N N 358 
TYR CZ  OH   sing N N 359 
TYR OH  HH   sing N N 360 
TYR OXT HXT  sing N N 361 
VAL N   CA   sing N N 362 
VAL N   H    sing N N 363 
VAL N   H2   sing N N 364 
VAL CA  C    sing N N 365 
VAL CA  CB   sing N N 366 
VAL CA  HA   sing N N 367 
VAL C   O    doub N N 368 
VAL C   OXT  sing N N 369 
VAL CB  CG1  sing N N 370 
VAL CB  CG2  sing N N 371 
VAL CB  HB   sing N N 372 
VAL CG1 HG11 sing N N 373 
VAL CG1 HG12 sing N N 374 
VAL CG1 HG13 sing N N 375 
VAL CG2 HG21 sing N N 376 
VAL CG2 HG22 sing N N 377 
VAL CG2 HG23 sing N N 378 
VAL OXT HXT  sing N N 379 
# 
loop_
_pdbx_entity_nonpoly.entity_id 
_pdbx_entity_nonpoly.name 
_pdbx_entity_nonpoly.comp_id 
3 'SULFATE ION' SO4 
4 water         HOH 
# 
_pdbx_initial_refinement_model.id               1 
_pdbx_initial_refinement_model.entity_id_list   ? 
_pdbx_initial_refinement_model.type             'experimental model' 
_pdbx_initial_refinement_model.source_name      PDB 
_pdbx_initial_refinement_model.accession_code   1YCR 
_pdbx_initial_refinement_model.details          ? 
# 
